data_3IRK
#
_entry.id   3IRK
#
_cell.length_a   1
_cell.length_b   1
_cell.length_c   1
_cell.angle_alpha   90.0
_cell.angle_beta   90.0
_cell.angle_gamma   90.0
#
_symmetry.space_group_name_H-M   'P 1'
#
loop_
_chem_comp.id
_chem_comp.type
_chem_comp.name
_chem_comp.formula
IDS L-saccharide, alpha linking '2-O-sulfo-alpha-L-idopyranuronic acid' 'C6 H10 O10 S'
SGN D-saccharide, alpha linking 2-deoxy-6-O-sulfo-2-(sulfoamino)-alpha-D-glucopyranose 'C6 H13 N O11 S2'
#
# COMPACT_ATOMS: atom_id res chain seq x y z
C1 SGN A . 23.18 10.49 31.24
C2 SGN A . 24.67 10.75 30.95
C3 SGN A . 24.90 12.24 30.68
C4 SGN A . 23.96 12.72 29.56
C5 SGN A . 22.50 12.36 29.96
C6 SGN A . 21.45 12.72 28.91
N2 SGN A . 25.46 10.28 32.09
O1 SGN A . 22.80 11.09 32.45
O3 SGN A . 26.23 12.43 30.26
O4 SGN A . 24.10 14.12 29.47
O5 SGN A . 22.40 10.96 30.18
O6 SGN A . 22.11 13.05 27.70
S1 SGN A . 25.90 8.70 32.14
O1S SGN A . 25.06 7.97 31.23
O2S SGN A . 27.29 8.66 31.79
O3S SGN A . 25.66 8.31 33.50
S2 SGN A . 21.63 14.07 26.62
O4S SGN A . 20.85 15.07 27.28
O5S SGN A . 22.85 14.59 26.07
O6S SGN A . 20.88 13.31 25.66
C1 IDS A . 23.90 14.68 28.21
C2 IDS A . 24.62 16.05 28.18
C3 IDS A . 24.99 16.45 26.76
C4 IDS A . 25.89 15.36 26.11
C5 IDS A . 25.70 14.01 26.84
C6 IDS A . 26.20 12.82 26.04
O2 IDS A . 23.73 17.02 28.70
O3 IDS A . 25.70 17.66 26.77
O4 IDS A . 25.48 15.21 24.76
O5 IDS A . 24.34 13.86 27.16
O6A IDS A . 27.04 12.95 25.19
O6B IDS A . 25.80 11.69 26.26
S IDS A . 23.23 17.21 30.16
O1S IDS A . 22.66 18.53 30.18
O2S IDS A . 22.24 16.20 30.42
O3S IDS A . 24.39 17.10 30.99
C1 SGN A . 25.60 16.34 23.94
C2 SGN A . 24.33 16.51 23.07
C3 SGN A . 24.23 15.34 22.07
C4 SGN A . 25.53 15.25 21.25
C5 SGN A . 26.71 15.13 22.23
C6 SGN A . 28.10 15.08 21.57
N2 SGN A . 23.16 16.57 23.93
O3 SGN A . 23.17 15.60 21.18
O4 SGN A . 25.44 14.08 20.46
O5 SGN A . 26.72 16.24 23.12
O6 SGN A . 27.97 15.45 20.22
S1 SGN A . 22.56 18.04 24.33
O1S SGN A . 23.65 18.95 24.45
O2S SGN A . 21.63 18.39 23.30
O3S SGN A . 21.90 17.84 25.60
S2 SGN A . 28.97 15.16 19.06
O4S SGN A . 28.85 13.76 18.73
O5S SGN A . 28.52 16.01 17.99
O6S SGN A . 30.27 15.52 19.54
C1 IDS A . 26.12 14.09 19.24
C2 IDS A . 25.88 12.72 18.56
C3 IDS A . 26.02 12.85 17.04
C4 IDS A . 25.05 13.90 16.49
C5 IDS A . 24.63 14.88 17.61
C6 IDS A . 24.01 16.18 17.08
O2 IDS A . 26.86 11.82 19.03
O3 IDS A . 25.75 11.60 16.44
O4 IDS A . 25.72 14.64 15.48
O5 IDS A . 25.75 15.16 18.42
O6A IDS A . 23.80 16.33 15.91
O6B IDS A . 23.69 17.08 17.84
S IDS A . 26.65 10.43 19.72
O1S IDS A . 27.92 10.14 20.32
O2S IDS A . 25.60 10.59 20.69
O3S IDS A . 26.31 9.53 18.65
C1 SGN A . 26.15 13.93 14.35
C2 SGN A . 27.63 14.21 14.06
C3 SGN A . 27.80 15.68 13.62
C4 SGN A . 26.86 15.98 12.45
C5 SGN A . 25.42 15.61 12.86
C6 SGN A . 24.36 15.81 11.77
N2 SGN A . 28.43 13.91 15.23
O3 SGN A . 29.12 15.87 13.19
O4 SGN A . 26.95 17.37 12.18
O5 SGN A . 25.37 14.25 13.24
O6 SGN A . 24.38 14.68 10.92
S1 SGN A . 29.72 12.92 15.06
O1S SGN A . 29.26 11.66 14.57
O2S SGN A . 30.63 13.58 14.19
O3S SGN A . 30.25 12.79 16.40
S2 SGN A . 23.87 14.60 9.45
O4S SGN A . 24.90 15.14 8.60
O5S SGN A . 23.67 13.20 9.22
O6S SGN A . 22.65 15.34 9.39
C1 IDS A . 26.34 17.85 11.02
C2 IDS A . 26.21 19.38 11.15
C3 IDS A . 26.16 20.03 9.76
C4 IDS A . 27.42 19.66 8.95
C5 IDS A . 28.06 18.38 9.51
C6 IDS A . 29.05 17.72 8.55
O2 IDS A . 24.99 19.66 11.81
O3 IDS A . 26.09 21.42 9.90
O4 IDS A . 27.01 19.44 7.61
O5 IDS A . 27.04 17.47 9.86
O6A IDS A . 29.72 18.39 7.80
O6B IDS A . 29.19 16.52 8.50
S IDS A . 24.76 20.03 13.31
O1S IDS A . 23.43 20.55 13.35
O2S IDS A . 24.91 18.83 14.09
O3S IDS A . 25.76 21.02 13.61
C1 SGN A . 26.21 20.40 7.01
C2 SGN A . 24.72 20.06 7.21
C3 SGN A . 24.36 18.79 6.44
C4 SGN A . 24.76 18.96 4.96
C5 SGN A . 26.26 19.33 4.90
C6 SGN A . 26.81 19.58 3.50
N2 SGN A . 24.44 19.92 8.64
O3 SGN A . 22.96 18.60 6.49
O4 SGN A . 24.55 17.70 4.33
O5 SGN A . 26.49 20.51 5.65
O6 SGN A . 26.01 20.57 2.87
S1 SGN A . 24.61 21.22 9.62
O1S SGN A . 26.00 21.46 9.82
O2S SGN A . 23.92 22.30 8.95
O3S SGN A . 23.95 20.84 10.84
S2 SGN A . 25.79 20.78 1.34
O4S SGN A . 24.82 19.82 0.92
O5S SGN A . 25.31 22.12 1.24
O6S SGN A . 27.07 20.59 0.72
C1 IDS A . 23.31 17.51 3.71
C2 IDS A . 23.23 16.03 3.30
C3 IDS A . 21.76 15.59 3.20
C4 IDS A . 21.04 15.82 4.54
C5 IDS A . 21.78 16.88 5.37
C6 IDS A . 20.94 17.49 6.50
O2 IDS A . 23.82 15.88 2.02
O3 IDS A . 21.70 14.22 2.88
O4 IDS A . 19.73 16.31 4.25
O5 IDS A . 22.25 17.91 4.51
O6A IDS A . 20.02 16.86 6.98
O6B IDS A . 21.17 18.58 6.95
S IDS A . 24.70 14.71 1.50
O1S IDS A . 25.60 15.33 0.55
O2S IDS A . 25.40 14.14 2.62
O3S IDS A . 23.80 13.79 0.87
C1 SGN A . 18.94 15.52 3.39
C2 SGN A . 18.34 16.39 2.28
C3 SGN A . 17.33 17.38 2.88
C4 SGN A . 16.29 16.60 3.71
C5 SGN A . 17.03 15.76 4.75
C6 SGN A . 16.12 14.87 5.63
N2 SGN A . 19.41 17.09 1.56
O3 SGN A . 16.65 18.04 1.83
O4 SGN A . 15.47 17.57 4.35
O5 SGN A . 17.93 14.87 4.11
O6 SGN A . 15.09 14.34 4.82
S1 SGN A . 20.50 16.21 0.72
O1S SGN A . 21.43 15.65 1.66
O2S SGN A . 19.75 15.22 0.00
O3S SGN A . 21.13 17.16 -0.15
S2 SGN A . 14.34 12.99 5.01
O4S SGN A . 13.87 12.95 6.36
O5S SGN A . 13.27 13.04 4.06
O6S SGN A . 15.29 11.95 4.72
C1 IDS A . 14.20 17.16 4.76
C2 IDS A . 13.71 18.15 5.84
C3 IDS A . 12.17 18.17 5.88
C4 IDS A . 11.59 18.54 4.50
C5 IDS A . 12.63 18.24 3.39
C6 IDS A . 12.03 18.19 2.00
O2 IDS A . 14.18 17.70 7.10
O3 IDS A . 11.74 19.13 6.83
O4 IDS A . 10.45 17.73 4.28
O5 IDS A . 13.30 17.04 3.69
O6A IDS A . 11.43 19.14 1.53
O6B IDS A . 12.14 17.21 1.29
S IDS A . 15.66 17.62 7.59
O1S IDS A . 15.54 17.41 9.01
O2S IDS A . 16.28 16.52 6.93
O3S IDS A . 16.25 18.89 7.27
C1 SGN A . 9.49 17.70 5.29
C2 SGN A . 9.74 16.53 6.25
C3 SGN A . 9.50 15.20 5.51
C4 SGN A . 8.10 15.20 4.88
C5 SGN A . 7.96 16.45 3.99
C6 SGN A . 6.60 16.63 3.32
N2 SGN A . 11.10 16.60 6.77
O3 SGN A . 9.56 14.14 6.44
O4 SGN A . 8.00 14.03 4.09
O5 SGN A . 8.20 17.62 4.75
O6 SGN A . 5.70 17.17 4.28
S1 SGN A . 11.33 17.20 8.29
O1S SGN A . 10.68 18.49 8.35
O2S SGN A . 10.76 16.24 9.19
O3S SGN A . 12.75 17.32 8.43
S2 SGN A . 4.16 17.35 4.14
O4S SGN A . 3.58 16.04 3.98
O5S SGN A . 3.76 17.97 5.37
O6S SGN A . 3.95 18.20 3.00
C1 IDS A . 6.72 13.52 3.88
C2 IDS A . 6.85 12.18 3.13
C3 IDS A . 5.64 11.28 3.41
C4 IDS A . 5.47 11.05 4.92
C5 IDS A . 6.18 12.16 5.72
C6 IDS A . 5.72 12.25 7.17
O2 IDS A . 6.91 12.45 1.74
O3 IDS A . 5.82 10.04 2.76
O4 IDS A . 4.08 11.09 5.21
O5 IDS A . 5.97 13.39 5.06
O6A IDS A . 5.80 11.28 7.90
O6B IDS A . 5.30 13.28 7.65
S IDS A . 7.99 12.00 0.72
O1S IDS A . 7.87 12.94 -0.36
O2S IDS A . 9.27 12.06 1.37
O3S IDS A . 7.63 10.65 0.33
C1 SGN A . 3.31 10.00 4.80
C2 SGN A . 1.83 10.39 4.69
C3 SGN A . 1.27 10.70 6.09
C4 SGN A . 1.53 9.52 7.03
C5 SGN A . 3.04 9.20 7.02
C6 SGN A . 3.45 8.00 7.87
N2 SGN A . 1.70 11.54 3.79
O3 SGN A . -0.13 10.90 5.99
O4 SGN A . 1.13 9.92 8.32
O5 SGN A . 3.46 8.92 5.69
O6 SGN A . 3.17 6.81 7.14
S1 SGN A . 1.62 11.26 2.18
O1S SGN A . 2.95 11.06 1.70
O2S SGN A . 0.78 10.12 2.01
O3S SGN A . 1.02 12.46 1.64
S2 SGN A . 3.45 5.34 7.59
O4S SGN A . 3.82 5.37 8.97
O5S SGN A . 2.20 4.66 7.37
O6S SGN A . 4.50 4.86 6.73
C1 IDS A . -0.04 9.35 8.84
C2 IDS A . -0.37 10.06 10.16
C3 IDS A . -1.87 9.97 10.45
C4 IDS A . -2.69 10.58 9.29
C5 IDS A . -1.86 10.58 7.99
C6 IDS A . -2.69 10.76 6.73
O2 IDS A . 0.32 9.42 11.20
O3 IDS A . -2.17 10.69 11.63
O4 IDS A . -3.82 9.75 9.09
O5 IDS A . -1.10 9.38 7.93
O6A IDS A . -3.21 11.82 6.47
O6B IDS A . -2.83 9.86 5.93
S IDS A . 0.92 10.06 12.51
O1S IDS A . 1.91 9.12 12.93
O2S IDS A . 1.48 11.32 12.15
O3S IDS A . -0.18 10.15 13.43
C1 SGN A . -4.99 10.09 9.80
C2 SGN A . -6.03 8.96 9.70
C3 SGN A . -6.53 8.82 8.25
C4 SGN A . -7.04 10.18 7.76
C5 SGN A . -5.93 11.23 7.95
C6 SGN A . -6.31 12.66 7.56
N2 SGN A . -5.44 7.70 10.17
O3 SGN A . -7.59 7.90 8.21
O4 SGN A . -7.34 10.04 6.38
O5 SGN A . -5.53 11.28 9.31
O6 SGN A . -7.70 12.72 7.34
S1 SGN A . -6.36 6.67 11.03
O1S SGN A . -7.18 7.44 11.91
O2S SGN A . -7.12 5.92 10.08
O3S SGN A . -5.42 5.86 11.75
S2 SGN A . -8.55 13.95 6.89
O4S SGN A . -8.79 13.80 5.48
O5S SGN A . -9.75 13.85 7.66
O6S SGN A . -7.77 15.10 7.21
C1 IDS A . -8.65 9.64 6.06
C2 IDS A . -9.13 10.52 4.88
C3 IDS A . -10.20 9.79 4.08
C4 IDS A . -9.67 8.45 3.56
C5 IDS A . -8.48 7.98 4.41
C6 IDS A . -8.15 6.50 4.24
O2 IDS A . -9.69 11.71 5.42
O3 IDS A . -10.60 10.59 2.98
O4 IDS A . -10.72 7.49 3.68
O5 IDS A . -8.73 8.27 5.76
O6A IDS A . -8.70 5.84 3.39
O6B IDS A . -7.33 5.94 4.94
S IDS A . -9.60 13.16 4.87
O1S IDS A . -10.73 13.83 5.44
O2S IDS A . -8.36 13.72 5.31
O3S IDS A . -9.69 13.04 3.44
C1 SGN A . -11.48 7.25 2.54
C2 SGN A . -12.86 6.67 2.92
C3 SGN A . -12.68 5.27 3.53
C4 SGN A . -11.88 4.39 2.56
C5 SGN A . -10.55 5.09 2.22
C6 SGN A . -9.66 4.36 1.21
N2 SGN A . -13.53 7.57 3.86
O3 SGN A . -13.95 4.67 3.72
O4 SGN A . -11.61 3.17 3.23
O5 SGN A . -10.82 6.38 1.66
O6 SGN A . -10.05 4.75 -0.10
S1 SGN A . -14.61 8.65 3.28
O1S SGN A . -13.89 9.84 2.92
O2S SGN A . -15.23 8.03 2.15
O3S SGN A . -15.51 8.88 4.36
S2 SGN A . -9.12 4.95 -1.34
O4S SGN A . -8.35 3.75 -1.50
O5S SGN A . -10.04 5.17 -2.42
O6S SGN A . -8.32 6.10 -1.06
C1 IDS A . -11.36 2.04 2.43
C2 IDS A . -10.41 1.11 3.20
C3 IDS A . -10.58 -0.34 2.73
C4 IDS A . -12.04 -0.80 2.90
C5 IDS A . -12.98 0.42 2.95
C6 IDS A . -14.45 0.07 2.70
O2 IDS A . -9.08 1.52 2.95
O3 IDS A . -9.74 -1.18 3.50
O4 IDS A . -12.37 -1.58 1.76
O5 IDS A . -12.53 1.39 2.02
O6A IDS A . -14.96 -0.86 3.27
O6B IDS A . -15.12 0.72 1.94
S IDS A . -8.09 2.26 3.90
O1S IDS A . -7.66 3.40 3.14
O2S IDS A . -8.81 2.63 5.08
O3S IDS A . -7.02 1.33 4.15
C1 SGN A . -11.82 -2.87 1.70
C2 SGN A . -11.26 -3.14 0.28
C3 SGN A . -12.41 -3.20 -0.74
C4 SGN A . -13.45 -4.23 -0.27
C5 SGN A . -13.89 -3.87 1.16
C6 SGN A . -14.90 -4.85 1.80
N2 SGN A . -10.30 -2.10 -0.07
O3 SGN A . -11.91 -3.61 -1.98
O4 SGN A . -14.56 -4.13 -1.16
O5 SGN A . -12.77 -3.84 2.03
O6 SGN A . -14.57 -6.16 1.39
S1 SGN A . -8.85 -2.54 -0.69
O1S SGN A . -7.96 -2.84 0.40
O2S SGN A . -9.11 -3.67 -1.54
O3S SGN A . -8.40 -1.39 -1.43
S2 SGN A . -14.83 -7.48 2.17
O4S SGN A . -16.21 -7.82 2.00
O5S SGN A . -13.96 -8.43 1.55
O6S SGN A . -14.47 -7.23 3.54
C1 IDS A . -15.08 -5.33 -1.65
C2 IDS A . -16.36 -5.00 -2.44
C3 IDS A . -16.62 -6.07 -3.50
C4 IDS A . -15.43 -6.21 -4.46
C5 IDS A . -14.14 -5.67 -3.79
C6 IDS A . -12.85 -6.12 -4.47
O2 IDS A . -17.44 -4.99 -1.54
O3 IDS A . -17.77 -5.72 -4.25
O4 IDS A . -15.25 -7.59 -4.73
O5 IDS A . -14.14 -6.04 -2.42
O6A IDS A . -12.80 -6.22 -5.67
O6B IDS A . -11.86 -6.37 -3.83
S IDS A . -17.90 -3.83 -0.59
O1S IDS A . -17.91 -4.43 0.72
O2S IDS A . -16.93 -2.78 -0.69
O3S IDS A . -19.20 -3.45 -1.04
C1 SGN A . -15.95 -8.12 -5.82
C2 SGN A . -17.09 -9.02 -5.32
C3 SGN A . -16.50 -10.27 -4.65
C4 SGN A . -15.52 -10.96 -5.62
C5 SGN A . -14.46 -9.94 -6.06
C6 SGN A . -13.44 -10.47 -7.07
N2 SGN A . -17.95 -8.28 -4.41
O3 SGN A . -17.55 -11.18 -4.36
O4 SGN A . -14.90 -12.02 -4.89
O5 SGN A . -15.10 -8.83 -6.67
O6 SGN A . -14.14 -10.99 -8.19
S1 SGN A . -19.50 -8.00 -4.84
O1S SGN A . -19.53 -7.73 -6.25
O2S SGN A . -20.24 -9.17 -4.47
O3S SGN A . -19.89 -6.84 -4.08
S2 SGN A . -13.53 -11.42 -9.56
O4S SGN A . -12.39 -12.24 -9.29
O5S SGN A . -14.60 -12.16 -10.19
O6S SGN A . -13.21 -10.21 -10.25
C1 IDS A . -14.52 -13.15 -5.62
C2 IDS A . -14.63 -14.38 -4.69
C3 IDS A . -14.85 -15.65 -5.50
C4 IDS A . -16.09 -15.52 -6.40
C5 IDS A . -16.44 -14.04 -6.63
C6 IDS A . -17.38 -13.80 -7.81
O2 IDS A . -13.43 -14.50 -3.96
O3 IDS A . -15.01 -16.75 -4.64
O4 IDS A . -15.79 -16.11 -7.65
O5 IDS A . -15.24 -13.30 -6.80
O6A IDS A . -18.53 -14.18 -7.75
O6B IDS A . -17.02 -13.23 -8.81
S IDS A . -12.81 -13.50 -2.93
O1S IDS A . -11.73 -14.25 -2.34
O2S IDS A . -12.35 -12.36 -3.66
O3S IDS A . -13.86 -13.21 -2.00
C1 SGN A . -15.47 -17.47 -7.66
C2 SGN A . -14.08 -17.71 -8.27
C3 SGN A . -14.12 -17.36 -9.77
C4 SGN A . -15.24 -18.15 -10.45
C5 SGN A . -16.56 -17.87 -9.71
C6 SGN A . -17.77 -18.63 -10.25
N2 SGN A . -13.09 -16.90 -7.55
O3 SGN A . -12.88 -17.73 -10.35
O4 SGN A . -15.32 -17.68 -11.79
O5 SGN A . -16.44 -18.21 -8.35
O6 SGN A . -17.48 -20.01 -10.23
S1 SGN A . -12.54 -17.44 -6.11
O1S SGN A . -13.67 -17.80 -5.31
O2S SGN A . -11.67 -18.54 -6.40
O3S SGN A . -11.83 -16.31 -5.56
S2 SGN A . -17.93 -21.08 -11.28
O4S SGN A . -16.84 -21.29 -12.19
O5S SGN A . -18.19 -22.25 -10.48
O6S SGN A . -19.10 -20.57 -11.91
C1 IDS A . -16.13 -18.41 -12.67
C2 IDS A . -16.72 -17.42 -13.68
C3 IDS A . -17.07 -18.14 -15.00
C4 IDS A . -15.82 -18.84 -15.58
C5 IDS A . -14.78 -19.08 -14.48
C6 IDS A . -13.71 -20.11 -14.84
O2 IDS A . -17.91 -16.88 -13.15
O3 IDS A . -17.55 -17.21 -15.93
O4 IDS A . -16.23 -20.09 -16.10
O5 IDS A . -15.44 -19.46 -13.28
O6A IDS A . -12.84 -19.83 -15.64
O6B IDS A . -13.70 -21.21 -14.36
S IDS A . -18.13 -15.47 -12.53
O1S IDS A . -19.32 -15.61 -11.75
O2S IDS A . -16.98 -15.14 -11.75
O3S IDS A . -18.32 -14.58 -13.66
C1 SGN A . -17.23 -20.08 -17.08
C2 SGN A . -18.58 -20.53 -16.51
C3 SGN A . -18.52 -22.01 -16.10
C4 SGN A . -18.04 -22.85 -17.29
C5 SGN A . -16.71 -22.27 -17.81
C6 SGN A . -16.13 -22.98 -19.04
N2 SGN A . -18.92 -19.67 -15.36
O3 SGN A . -19.80 -22.44 -15.73
O4 SGN A . -17.85 -24.17 -16.83
O5 SGN A . -16.86 -20.91 -18.15
O6 SGN A . -17.14 -23.05 -20.03
S1 SGN A . -19.33 -18.12 -15.65
O1S SGN A . -18.31 -17.52 -16.45
O2S SGN A . -20.61 -18.16 -16.29
O3S SGN A . -19.39 -17.52 -14.33
S2 SGN A . -16.94 -23.05 -21.58
O4S SGN A . -16.33 -24.29 -21.94
O5S SGN A . -18.27 -22.93 -22.10
O6S SGN A . -16.13 -21.91 -21.89
C1 IDS A . -17.91 -25.20 -17.77
C2 IDS A . -18.78 -26.33 -17.20
C3 IDS A . -19.39 -27.16 -18.33
C4 IDS A . -20.22 -26.28 -19.27
C5 IDS A . -19.77 -24.80 -19.15
C6 IDS A . -20.23 -23.93 -20.31
O2 IDS A . -17.95 -27.18 -16.43
O3 IDS A . -20.23 -28.16 -17.79
O4 IDS A . -19.99 -26.71 -20.60
O5 IDS A . -18.36 -24.76 -19.02
O6A IDS A . -21.38 -23.56 -20.39
O6B IDS A . -19.46 -23.54 -21.16
S IDS A . -18.00 -27.43 -14.88
O1S IDS A . -17.29 -28.67 -14.71
O2S IDS A . -17.34 -26.33 -14.24
O3S IDS A . -19.39 -27.53 -14.55
C1 SGN A . -21.08 -27.22 -21.30
C2 SGN A . -20.70 -28.52 -22.02
C3 SGN A . -19.69 -28.24 -23.13
C4 SGN A . -20.24 -27.16 -24.07
C5 SGN A . -20.62 -25.92 -23.22
C6 SGN A . -21.24 -24.77 -24.02
N2 SGN A . -20.17 -29.48 -21.04
O3 SGN A . -19.48 -29.41 -23.89
O4 SGN A . -19.20 -26.82 -24.98
O5 SGN A . -21.56 -26.28 -22.23
O6 SGN A . -21.69 -25.26 -25.26
S1 SGN A . -20.79 -31.00 -21.02
O1S SGN A . -21.82 -31.04 -20.03
O2S SGN A . -21.25 -31.26 -22.34
O3S SGN A . -19.67 -31.83 -20.65
S2 SGN A . -22.14 -24.43 -26.50
O4S SGN A . -21.33 -23.25 -26.55
O5S SGN A . -21.88 -25.30 -27.62
O6S SGN A . -23.53 -24.16 -26.34
C1 IDS A . -19.43 -27.11 -26.33
C2 IDS A . -18.06 -27.34 -26.99
C3 IDS A . -18.21 -28.24 -28.23
C4 IDS A . -18.85 -29.58 -27.85
C5 IDS A . -19.65 -29.44 -26.53
C6 IDS A . -20.65 -30.57 -26.29
O2 IDS A . -17.55 -26.09 -27.41
O3 IDS A . -16.94 -28.48 -28.79
O4 IDS A . -19.77 -29.93 -28.88
O5 IDS A . -20.30 -28.18 -26.52
O6A IDS A . -20.79 -31.45 -27.10
O6B IDS A . -21.30 -30.62 -25.28
S IDS A . -16.52 -25.17 -26.68
O1S IDS A . -15.86 -24.46 -27.74
O2S IDS A . -17.25 -24.31 -25.81
O3S IDS A . -15.64 -26.06 -25.98
C1 SGN A . -19.25 -30.63 -29.97
C2 SGN A . -19.85 -30.12 -31.28
C3 SGN A . -21.35 -30.44 -31.34
C4 SGN A . -21.55 -31.96 -31.11
C5 SGN A . -20.87 -32.35 -29.79
C6 SGN A . -20.94 -33.85 -29.44
N2 SGN A . -19.62 -28.68 -31.40
O3 SGN A . -21.85 -30.12 -32.62
O4 SGN A . -22.96 -32.17 -31.02
O5 SGN A . -19.49 -32.00 -29.83
O6 SGN A . -21.30 -34.56 -30.61
S1 SGN A . -18.20 -28.16 -32.06
O1S SGN A . -17.14 -28.70 -31.29
O2S SGN A . -18.22 -28.61 -33.42
O3S SGN A . -18.27 -26.74 -31.95
S2 SGN A . -21.13 -36.09 -30.87
O4S SGN A . -21.12 -36.74 -29.60
O5S SGN A . -22.29 -36.44 -31.64
O6S SGN A . -19.90 -36.24 -31.61
C1 IDS A . -23.47 -33.26 -31.74
C2 IDS A . -24.85 -33.59 -31.16
C3 IDS A . -25.73 -34.27 -32.21
C4 IDS A . -25.86 -33.40 -33.46
C5 IDS A . -24.71 -32.38 -33.54
C6 IDS A . -24.52 -31.75 -34.92
O2 IDS A . -24.68 -34.49 -30.08
O3 IDS A . -27.02 -34.52 -31.68
O5 IDS A . -23.51 -33.02 -33.12
O6A IDS A . -25.27 -32.04 -35.83
O6B IDS A . -23.64 -30.96 -35.13
S IDS A . -25.08 -34.27 -28.58
O1S IDS A . -24.31 -35.25 -27.87
O2S IDS A . -24.73 -32.93 -28.22
O3S IDS A . -26.48 -34.53 -28.51
C1 SGN A . 38.14 26.78 26.67
C2 SGN A . 37.21 27.21 27.81
C3 SGN A . 36.77 25.98 28.62
C4 SGN A . 36.14 24.95 27.66
C5 SGN A . 37.14 24.64 26.55
C6 SGN A . 36.63 23.67 25.47
N2 SGN A . 37.91 28.18 28.67
O1 SGN A . 39.34 26.28 27.16
O3 SGN A . 35.78 26.38 29.56
O4 SGN A . 35.88 23.79 28.42
O5 SGN A . 37.49 25.84 25.86
O6 SGN A . 35.69 24.33 24.66
S1 SGN A . 37.37 29.72 28.71
O1S SGN A . 38.07 30.46 27.72
O2S SGN A . 35.96 29.66 28.49
O3S SGN A . 37.69 30.18 30.03
S2 SGN A . 34.45 23.72 23.95
O4S SGN A . 33.56 23.26 24.97
O5S SGN A . 33.89 24.83 23.20
O6S SGN A . 34.93 22.68 23.10
C1 IDS A . 34.96 22.87 27.90
C2 IDS A . 34.90 21.66 28.84
C3 IDS A . 33.56 20.94 28.72
C4 IDS A . 32.40 21.91 29.04
C5 IDS A . 32.85 23.37 28.82
C6 IDS A . 31.70 24.36 28.70
O2 IDS A . 35.92 20.75 28.46
O3 IDS A . 33.51 19.86 29.63
O4 IDS A . 31.35 21.63 28.12
O5 IDS A . 33.69 23.44 27.69
O6A IDS A . 30.58 24.04 29.02
O6B IDS A . 31.87 25.50 28.31
S IDS A . 36.78 19.82 29.36
O1S IDS A . 37.87 19.41 28.52
O2S IDS A . 37.22 20.59 30.49
O3S IDS A . 35.92 18.73 29.73
C1 SGN A . 30.81 20.34 28.13
C2 SGN A . 30.42 19.90 26.71
C3 SGN A . 29.24 20.75 26.21
C4 SGN A . 28.09 20.69 27.23
C5 SGN A . 28.63 21.11 28.61
C6 SGN A . 27.61 21.03 29.75
N2 SGN A . 31.57 20.01 25.83
O3 SGN A . 28.77 20.23 24.98
O4 SGN A . 27.09 21.61 26.80
O5 SGN A . 29.71 20.27 28.98
O6 SGN A . 27.33 19.68 30.03
S1 SGN A . 32.50 18.69 25.57
O1S SGN A . 32.49 17.89 26.76
O2S SGN A . 31.94 18.02 24.44
O3S SGN A . 33.81 19.22 25.29
S2 SGN A . 25.93 19.03 30.23
O4S SGN A . 25.10 19.45 29.14
O5S SGN A . 26.19 17.62 30.20
O6S SGN A . 25.46 19.46 31.51
C1 IDS A . 26.07 21.10 26.00
C2 IDS A . 25.01 22.21 25.83
C3 IDS A . 24.21 22.00 24.54
C4 IDS A . 25.16 21.97 23.33
C5 IDS A . 26.59 21.60 23.76
C6 IDS A . 27.49 21.15 22.62
O2 IDS A . 24.12 22.13 26.92
O3 IDS A . 23.29 23.05 24.38
O4 IDS A . 24.69 20.96 22.44
O5 IDS A . 26.52 20.61 24.77
O6A IDS A . 27.48 21.74 21.56
O6B IDS A . 28.24 20.21 22.74
S IDS A . 23.73 23.26 27.93
O1S IDS A . 22.40 22.91 28.35
O2S IDS A . 24.66 23.23 29.01
O3S IDS A . 23.77 24.48 27.17
C1 SGN A . 23.99 21.39 21.31
C2 SGN A . 22.64 20.65 21.20
C3 SGN A . 22.88 19.16 20.92
C4 SGN A . 23.77 19.00 19.68
C5 SGN A . 25.06 19.82 19.90
C6 SGN A . 26.04 19.81 18.72
N2 SGN A . 21.88 20.85 22.43
O3 SGN A . 21.64 18.54 20.65
O4 SGN A . 24.08 17.63 19.56
O5 SGN A . 24.74 21.18 20.15
O6 SGN A . 25.30 19.63 17.53
S1 SGN A . 20.33 21.37 22.32
O1S SGN A . 20.29 22.46 21.40
O2S SGN A . 19.55 20.24 21.90
O3S SGN A . 20.00 21.80 23.66
S2 SGN A . 25.81 19.84 16.06
O4S SGN A . 26.56 18.68 15.70
O5S SGN A . 24.60 19.98 15.29
O6S SGN A . 26.59 21.04 16.07
C1 IDS A . 24.08 17.08 18.27
C2 IDS A . 24.15 15.55 18.40
C3 IDS A . 23.54 14.88 17.17
C4 IDS A . 22.09 15.32 16.97
C5 IDS A . 21.84 16.67 17.68
C6 IDS A . 20.58 17.39 17.21
O2 IDS A . 25.52 15.19 18.48
O3 IDS A . 23.58 13.48 17.33
O4 IDS A . 21.88 15.50 15.58
O5 IDS A . 22.97 17.49 17.51
O6A IDS A . 19.49 16.99 17.56
O6B IDS A . 20.63 18.37 16.52
S IDS A . 26.47 15.23 19.72
O1S IDS A . 27.67 14.59 19.27
O2S IDS A . 26.68 16.62 20.05
O3S IDS A . 25.79 14.50 20.75
C1 SGN A . 21.24 14.46 14.90
C2 SGN A . 21.49 14.58 13.38
C3 SGN A . 20.77 15.83 12.84
C4 SGN A . 19.29 15.79 13.23
C5 SGN A . 19.19 15.63 14.76
C6 SGN A . 17.76 15.51 15.30
N2 SGN A . 22.92 14.63 13.12
O3 SGN A . 20.86 15.84 11.43
O4 SGN A . 18.72 17.03 12.84
O5 SGN A . 19.87 14.45 15.17
O6 SGN A . 17.20 14.29 14.87
S1 SGN A . 23.87 13.43 13.72
O1S SGN A . 24.36 13.86 15.00
O2S SGN A . 23.04 12.27 13.79
O3S SGN A . 24.93 13.30 12.76
S2 SGN A . 15.74 13.79 15.05
O4S SGN A . 14.90 14.63 14.26
O5S SGN A . 15.76 12.43 14.59
O6S SGN A . 15.45 13.88 16.46
C1 IDS A . 17.73 16.99 11.85
C2 IDS A . 17.58 18.42 11.28
C3 IDS A . 17.05 18.36 9.85
C4 IDS A . 17.95 17.51 8.95
C5 IDS A . 18.80 16.54 9.81
C6 IDS A . 19.42 15.40 9.01
O2 IDS A . 16.66 19.12 12.09
O3 IDS A . 16.96 19.67 9.32
O4 IDS A . 17.13 16.75 8.09
O5 IDS A . 18.00 16.05 10.85
O6A IDS A . 19.78 15.57 7.87
O6B IDS A . 19.57 14.31 9.49
S IDS A . 16.92 19.85 13.44
O1S IDS A . 15.84 19.41 14.28
O2S IDS A . 18.19 19.42 13.93
O3S IDS A . 16.86 21.25 13.15
C1 SGN A . 17.04 17.16 6.75
C2 SGN A . 15.64 16.85 6.19
C3 SGN A . 15.46 15.32 6.08
C4 SGN A . 16.61 14.72 5.28
C5 SGN A . 17.95 15.14 5.93
C6 SGN A . 19.20 14.66 5.20
N2 SGN A . 14.61 17.46 7.03
O3 SGN A . 14.25 15.06 5.41
O4 SGN A . 16.47 13.31 5.35
O5 SGN A . 18.02 16.56 5.98
O6 SGN A . 19.13 15.06 3.85
S1 SGN A . 14.13 18.99 6.69
O1S SGN A . 15.19 19.66 6.02
O2S SGN A . 12.94 18.86 5.90
O3S SGN A . 13.86 19.57 7.97
S2 SGN A . 20.29 15.09 2.80
O4S SGN A . 21.03 13.88 2.96
O5S SGN A . 19.62 15.16 1.54
O6S SGN A . 21.06 16.27 3.09
C1 IDS A . 15.85 12.68 4.26
C2 IDS A . 16.11 11.17 4.39
C3 IDS A . 15.00 10.38 3.67
C4 IDS A . 13.63 10.73 4.24
C5 IDS A . 13.66 12.12 4.93
C6 IDS A . 12.29 12.74 5.16
O2 IDS A . 17.34 10.87 3.77
O3 IDS A . 15.23 9.00 3.85
O4 IDS A . 12.72 10.81 3.15
O5 IDS A . 14.48 12.99 4.17
O6A IDS A . 11.29 12.15 4.82
O6B IDS A . 12.17 13.81 5.68
S IDS A . 18.78 10.96 4.38
O1S IDS A . 19.64 11.12 3.24
O2S IDS A . 18.81 12.09 5.25
O3S IDS A . 18.98 9.71 5.05
C1 SGN A . 12.05 9.63 2.80
C2 SGN A . 11.51 9.71 1.37
C3 SGN A . 10.40 10.78 1.28
C4 SGN A . 9.32 10.46 2.34
C5 SGN A . 10.00 10.36 3.71
C6 SGN A . 9.05 9.99 4.87
N2 SGN A . 12.61 10.03 0.45
O3 SGN A . 9.80 10.72 0.01
O4 SGN A . 8.41 11.54 2.32
O5 SGN A . 11.00 9.35 3.69
O6 SGN A . 8.02 9.17 4.37
S1 SGN A . 13.76 8.89 0.18
O1S SGN A . 14.55 8.77 1.36
O2S SGN A . 13.06 7.69 -0.16
O3S SGN A . 14.53 9.41 -0.92
S2 SGN A . 6.49 9.27 4.67
O4S SGN A . 6.20 10.65 4.96
O5S SGN A . 5.86 8.82 3.47
O6S SGN A . 6.24 8.40 5.79
C1 IDS A . 7.05 11.22 2.28
C2 IDS A . 6.35 12.25 1.39
C3 IDS A . 5.07 11.66 0.79
C4 IDS A . 5.38 10.38 -0.01
C5 IDS A . 6.71 9.77 0.46
C6 IDS A . 6.91 8.32 0.04
O2 IDS A . 6.00 13.37 2.18
O3 IDS A . 4.47 12.60 -0.08
O4 IDS A . 4.34 9.45 0.25
O5 IDS A . 6.80 9.91 1.86
O6A IDS A . 6.07 7.75 -0.62
O6B IDS A . 7.89 7.70 0.35
S IDS A . 6.76 14.72 2.35
O1S IDS A . 6.89 14.86 3.77
O2S IDS A . 8.03 14.58 1.69
O3S IDS A . 5.93 15.72 1.76
C1 SGN A . 3.10 9.70 -0.33
C2 SGN A . 2.22 10.55 0.60
C3 SGN A . 1.85 9.75 1.85
C4 SGN A . 1.20 8.41 1.43
C5 SGN A . 2.16 7.69 0.48
C6 SGN A . 1.62 6.35 -0.08
N2 SGN A . 2.93 11.79 0.94
O3 SGN A . 0.91 10.48 2.61
O4 SGN A . 1.02 7.65 2.62
O5 SGN A . 2.44 8.51 -0.65
O6 SGN A . 0.55 6.63 -0.95
S1 SGN A . 3.05 12.96 -0.18
O1S SGN A . 3.04 12.36 -1.48
O2S SGN A . 1.94 13.85 0.05
O3S SGN A . 4.32 13.60 0.09
S2 SGN A . -0.04 5.68 -2.04
O4S SGN A . -1.01 4.85 -1.39
O5S SGN A . -0.64 6.57 -3.00
O6S SGN A . 1.05 4.94 -2.59
C1 IDS A . 0.12 6.58 2.55
C2 IDS A . 0.01 5.97 3.96
C3 IDS A . -1.34 5.27 4.13
C4 IDS A . -2.50 6.23 3.87
C5 IDS A . -2.02 7.42 3.01
C6 IDS A . -3.15 8.20 2.35
O2 IDS A . 1.04 5.02 4.12
O3 IDS A . -1.44 4.78 5.45
O4 IDS A . -3.49 5.53 3.14
O5 IDS A . -1.12 6.95 2.03
O6A IDS A . -4.31 8.00 2.67
O6B IDS A . -2.94 9.05 1.52
S IDS A . 2.40 5.19 4.87
O1S IDS A . 3.32 4.40 4.10
O2S IDS A . 2.73 6.58 4.88
O3S IDS A . 2.19 4.65 6.19
C1 SGN A . -4.24 4.58 3.86
C2 SGN A . -5.15 3.79 2.91
C3 SGN A . -6.23 4.71 2.32
C4 SGN A . -6.98 5.41 3.47
C5 SGN A . -5.96 6.12 4.36
C6 SGN A . -6.56 6.82 5.59
N2 SGN A . -4.35 3.18 1.85
O3 SGN A . -7.16 3.94 1.59
O4 SGN A . -7.86 6.36 2.88
O5 SGN A . -5.01 5.20 4.85
O6 SGN A . -7.83 6.30 5.84
S1 SGN A . -4.44 1.56 1.61
O1S SGN A . -4.88 0.97 2.84
O2S SGN A . -5.35 1.37 0.52
O3S SGN A . -3.10 1.17 1.29
S2 SGN A . -9.09 7.06 6.40
O4S SGN A . -8.83 8.47 6.26
O5S SGN A . -10.16 6.62 5.57
O6S SGN A . -9.23 6.64 7.76
C1 IDS A . -9.23 6.14 3.04
C2 IDS A . -9.97 7.10 2.09
C3 IDS A . -11.35 6.55 1.74
C4 IDS A . -11.23 5.16 1.08
C5 IDS A . -9.88 4.51 1.47
C6 IDS A . -9.83 3.01 1.23
O2 IDS A . -10.15 8.34 2.77
O3 IDS A . -11.99 7.42 0.83
O4 IDS A . -12.28 4.35 1.59
O5 IDS A . -9.60 4.81 2.83
O6A IDS A . -10.74 2.45 0.66
O6B IDS A . -8.88 2.34 1.58
S IDS A . -9.40 9.68 2.55
O1S IDS A . -10.24 10.67 3.17
O2S IDS A . -8.11 9.58 3.19
O3S IDS A . -9.31 9.85 1.13
C1 SGN A . -13.09 3.71 0.64
C2 SGN A . -14.33 3.10 1.32
C3 SGN A . -13.88 1.94 2.24
C4 SGN A . -13.05 0.94 1.44
C5 SGN A . -11.88 1.69 0.77
C6 SGN A . -10.98 0.82 -0.12
N2 SGN A . -15.04 4.13 2.07
O3 SGN A . -15.04 1.28 2.72
O4 SGN A . -12.55 -0.02 2.35
O5 SGN A . -12.38 2.73 -0.05
O6 SGN A . -11.69 0.48 -1.30
S1 SGN A . -16.51 4.61 1.55
O1S SGN A . -16.32 5.72 0.64
O2S SGN A . -17.10 3.47 0.91
O3S SGN A . -17.21 5.01 2.73
S2 SGN A . -11.11 0.25 -2.72
O4S SGN A . -10.94 -1.15 -2.89
O5S SGN A . -12.11 0.80 -3.60
O6S SGN A . -9.87 0.98 -2.78
C1 IDS A . -11.88 -1.13 1.81
C2 IDS A . -11.83 -2.22 2.90
C3 IDS A . -11.71 -3.60 2.25
C4 IDS A . -12.87 -3.86 1.28
C5 IDS A . -13.49 -2.53 0.82
C6 IDS A . -14.35 -2.64 -0.43
O2 IDS A . -10.69 -1.99 3.70
O3 IDS A . -11.72 -4.60 3.26
O4 IDS A . -12.34 -4.53 0.14
O5 IDS A . -12.45 -1.59 0.62
O6A IDS A . -15.34 -3.33 -0.43
O6B IDS A . -14.07 -2.06 -1.45
S IDS A . -10.58 -2.10 5.27
O1S IDS A . -9.18 -2.35 5.49
O2S IDS A . -11.01 -0.85 5.80
O3S IDS A . -11.40 -3.20 5.64
C1 SGN A . -11.99 -5.87 0.31
C2 SGN A . -10.53 -6.10 -0.13
C3 SGN A . -10.40 -5.89 -1.64
C4 SGN A . -11.41 -6.78 -2.38
C5 SGN A . -12.81 -6.48 -1.82
C6 SGN A . -13.95 -7.33 -2.42
N2 SGN A . -9.65 -5.21 0.61
O3 SGN A . -9.11 -6.27 -2.05
O4 SGN A . -11.35 -6.43 -3.75
O5 SGN A . -12.84 -6.71 -0.43
O6 SGN A . -13.89 -8.62 -1.86
S1 SGN A . -8.73 -5.82 1.82
O1S SGN A . -9.38 -7.00 2.31
O2S SGN A . -7.44 -6.08 1.26
O3S SGN A . -8.70 -4.78 2.82
S2 SGN A . -15.08 -9.59 -1.59
O4S SGN A . -15.95 -9.53 -2.71
O5S SGN A . -14.45 -10.88 -1.46
O6S SGN A . -15.68 -9.16 -0.37
C1 IDS A . -11.61 -7.45 -4.68
C2 IDS A . -11.15 -6.95 -6.07
C3 IDS A . -10.81 -8.13 -6.97
C4 IDS A . -9.71 -9.01 -6.34
C5 IDS A . -9.68 -8.79 -4.80
C6 IDS A . -8.94 -9.88 -4.05
O2 IDS A . -12.23 -6.23 -6.65
O3 IDS A . -10.34 -7.66 -8.21
O4 IDS A . -10.05 -10.37 -6.58
O5 IDS A . -11.00 -8.66 -4.32
O6A IDS A . -7.73 -9.90 -4.00
O6B IDS A . -9.53 -10.76 -3.45
S IDS A . -12.97 -4.98 -6.09
O1S IDS A . -13.36 -4.25 -7.26
O2S IDS A . -14.11 -5.46 -5.35
O3S IDS A . -12.02 -4.29 -5.28
C1 SGN A . -9.74 -10.87 -7.86
C2 SGN A . -10.95 -10.72 -8.79
C3 SGN A . -12.09 -11.64 -8.33
C4 SGN A . -11.57 -13.08 -8.20
C5 SGN A . -10.34 -13.07 -7.27
C6 SGN A . -9.67 -14.44 -7.09
N2 SGN A . -11.38 -9.33 -8.84
O3 SGN A . -13.13 -11.62 -9.29
O4 SGN A . -12.61 -13.84 -7.62
O5 SGN A . -9.35 -12.20 -7.78
O6 SGN A . -9.75 -15.15 -8.30
S1 SGN A . -11.69 -8.64 -10.29
O1S SGN A . -10.45 -8.50 -10.99
O2S SGN A . -12.63 -9.50 -10.95
O3S SGN A . -12.26 -7.37 -9.97
S2 SGN A . -8.66 -16.09 -8.93
O4S SGN A . -8.99 -17.43 -8.56
O5S SGN A . -8.78 -15.85 -10.34
O6S SGN A . -7.41 -15.64 -8.40
C1 IDS A . -12.80 -15.15 -8.11
C2 IDS A . -14.15 -15.66 -7.60
C3 IDS A . -14.70 -16.73 -8.54
C4 IDS A . -14.83 -16.20 -9.98
C5 IDS A . -13.90 -14.98 -10.18
C6 IDS A . -13.65 -14.63 -11.65
O2 IDS A . -13.96 -16.23 -6.33
O3 IDS A . -15.98 -17.15 -8.10
O4 IDS A . -14.43 -17.22 -10.86
O5 IDS A . -12.68 -15.21 -9.50
O6A IDS A . -14.42 -14.99 -12.50
O6B IDS A . -12.68 -13.99 -11.98
S IDS A . -13.62 -15.51 -4.99
O1S IDS A . -12.92 -16.52 -4.23
O2S IDS A . -12.80 -14.39 -5.29
O3S IDS A . -14.88 -15.15 -4.40
C1 SGN A . -15.43 -18.06 -11.37
C2 SGN A . -14.93 -19.50 -11.47
C3 SGN A . -13.83 -19.61 -12.53
C4 SGN A . -14.35 -19.04 -13.86
C5 SGN A . -14.86 -17.61 -13.62
C6 SGN A . -15.47 -16.93 -14.85
N2 SGN A . -14.44 -19.94 -10.16
O3 SGN A . -13.49 -20.96 -12.72
O4 SGN A . -13.26 -19.02 -14.76
O5 SGN A . -15.87 -17.62 -12.62
O6 SGN A . -15.78 -17.92 -15.81
S1 SGN A . -15.23 -21.14 -9.38
O1S SGN A . -16.59 -21.16 -9.86
O2S SGN A . -14.51 -22.34 -9.67
O3S SGN A . -15.16 -20.79 -7.99
S2 SGN A . -15.72 -17.77 -17.37
O4S SGN A . -14.76 -16.77 -17.67
O5S SGN A . -15.31 -19.07 -17.82
O6S SGN A . -17.06 -17.44 -17.78
C1 IDS A . -13.55 -18.90 -16.12
C2 IDS A . -12.35 -19.43 -16.92
C3 IDS A . -12.79 -19.91 -18.30
C4 IDS A . -13.87 -21.00 -18.18
C5 IDS A . -14.58 -20.90 -16.81
C6 IDS A . -15.91 -21.64 -16.74
O2 IDS A . -11.42 -18.38 -17.09
O3 IDS A . -11.69 -20.45 -19.00
O4 IDS A . -14.84 -20.77 -19.19
O5 IDS A . -14.75 -19.54 -16.48
O6A IDS A . -15.98 -22.81 -17.05
O6B IDS A . -16.93 -21.09 -16.37
S IDS A . -10.04 -18.18 -16.40
O1S IDS A . -9.86 -16.75 -16.37
O2S IDS A . -10.11 -18.75 -15.09
O3S IDS A . -9.09 -18.83 -17.26
C1 SGN A . -14.84 -21.65 -20.28
C2 SGN A . -15.12 -20.89 -21.59
C3 SGN A . -16.55 -20.35 -21.58
C4 SGN A . -17.54 -21.49 -21.31
C5 SGN A . -17.13 -22.19 -20.00
C6 SGN A . -17.99 -23.39 -19.62
N2 SGN A . -14.14 -19.83 -21.75
O3 SGN A . -16.84 -19.80 -22.86
O4 SGN A . -18.82 -20.91 -21.17
O5 SGN A . -15.79 -22.65 -20.10
O6 SGN A . -18.19 -24.20 -20.76
S1 SGN A . -13.45 -19.60 -23.22
O1S SGN A . -12.50 -20.65 -23.44
O2S SGN A . -14.53 -19.61 -24.16
O3S SGN A . -12.81 -18.32 -23.12
S2 SGN A . -19.34 -25.22 -21.02
O4S SGN A . -20.57 -24.57 -20.67
O5S SGN A . -19.25 -25.49 -22.42
O6S SGN A . -19.05 -26.37 -20.21
C1 IDS A . -19.90 -21.78 -21.00
C2 IDS A . -20.90 -21.12 -20.03
C3 IDS A . -22.31 -21.66 -20.27
C4 IDS A . -22.75 -21.42 -21.73
C5 IDS A . -21.51 -21.24 -22.63
C6 IDS A . -21.80 -21.41 -24.12
O2 IDS A . -20.52 -21.45 -18.71
O3 IDS A . -23.22 -21.00 -19.41
O4 IDS A . -23.46 -22.58 -22.16
O5 IDS A . -20.50 -22.14 -22.21
O6A IDS A . -22.39 -20.55 -24.73
O6B IDS A . -21.45 -22.40 -24.72
S IDS A . -19.56 -20.66 -17.77
O1S IDS A . -19.01 -21.67 -16.91
O2S IDS A . -18.57 -20.02 -18.57
O3S IDS A . -20.39 -19.74 -17.05
C1 SGN A . -24.76 -22.38 -22.63
C2 SGN A . -25.52 -23.72 -22.69
C3 SGN A . -24.90 -24.62 -23.76
C4 SGN A . -24.84 -23.87 -25.11
C5 SGN A . -24.10 -22.54 -24.89
C6 SGN A . -24.02 -21.65 -26.14
N2 SGN A . -25.49 -24.35 -21.37
O3 SGN A . -25.70 -25.77 -23.92
O4 SGN A . -24.13 -24.70 -26.01
O5 SGN A . -24.75 -21.78 -23.90
O6 SGN A . -25.30 -21.57 -26.73
S1 SGN A . -26.44 -23.74 -20.18
O1S SGN A . -26.84 -22.42 -20.56
O2S SGN A . -27.55 -24.65 -20.07
O3S SGN A . -25.61 -23.74 -19.02
S2 SGN A . -25.83 -20.49 -27.74
O4S SGN A . -25.49 -20.94 -29.05
O5S SGN A . -27.25 -20.47 -27.51
O6S SGN A . -25.19 -19.27 -27.36
C1 IDS A . -24.88 -25.55 -26.82
C2 IDS A . -23.91 -26.50 -27.53
C3 IDS A . -24.61 -27.82 -27.90
C4 IDS A . -25.21 -28.49 -26.65
C5 IDS A . -25.41 -27.45 -25.53
C6 IDS A . -26.34 -27.92 -24.43
O2 IDS A . -23.47 -25.89 -28.72
O3 IDS A . -23.68 -28.70 -28.50
O4 IDS A . -26.47 -29.03 -27.01
O5 IDS A . -25.87 -26.24 -26.10
O6A IDS A . -26.63 -29.09 -24.31
O6B IDS A . -26.82 -27.14 -23.63
S IDS A . -22.73 -24.52 -28.88
O1S IDS A . -22.33 -24.49 -30.27
O2S IDS A . -23.66 -23.47 -28.56
O3S IDS A . -21.61 -24.57 -27.99
C1 SGN A . -26.50 -30.36 -27.43
C2 SGN A . -27.51 -30.53 -28.57
C3 SGN A . -28.93 -30.32 -28.04
C4 SGN A . -29.19 -31.24 -26.84
C5 SGN A . -28.08 -30.98 -25.80
C6 SGN A . -28.16 -31.87 -24.54
N2 SGN A . -27.19 -29.62 -29.67
O3 SGN A . -29.87 -30.65 -29.06
O4 SGN A . -30.45 -30.87 -26.30
O5 SGN A . -26.81 -31.22 -26.37
O6 SGN A . -29.07 -32.92 -24.79
S1 SGN A . -26.51 -30.21 -31.03
O1S SGN A . -25.16 -30.55 -30.74
O2S SGN A . -27.31 -31.34 -31.41
O3S SGN A . -26.61 -29.14 -31.98
S2 SGN A . -29.44 -34.09 -23.83
O4S SGN A . -29.65 -33.52 -22.53
O5S SGN A . -30.66 -34.62 -24.39
O6S SGN A . -28.36 -35.02 -23.88
C1 IDS A . -31.10 -31.83 -25.52
C2 IDS A . -32.61 -31.53 -25.57
C3 IDS A . -33.42 -32.81 -25.32
C4 IDS A . -33.05 -33.91 -26.34
C5 IDS A . -31.66 -33.63 -26.93
C6 IDS A . -31.03 -34.84 -27.62
O2 IDS A . -32.92 -30.60 -24.56
O3 IDS A . -34.80 -32.53 -25.42
O5 IDS A . -30.80 -33.15 -25.92
O6A IDS A . -31.73 -35.66 -28.18
O6B IDS A . -29.84 -35.01 -27.65
S IDS A . -32.47 -29.11 -24.46
O1S IDS A . -33.43 -28.52 -23.55
O2S IDS A . -31.14 -29.08 -23.94
O3S IDS A . -32.59 -28.58 -25.79
C1 SGN A . 33.08 32.88 27.50
C2 SGN A . 32.29 32.17 26.39
C3 SGN A . 31.45 31.02 26.98
C4 SGN A . 32.37 30.09 27.78
C5 SGN A . 33.13 30.93 28.84
C6 SGN A . 34.13 30.14 29.69
N2 SGN A . 31.44 33.14 25.69
O1 SGN A . 32.20 33.54 28.36
O3 SGN A . 30.87 30.28 25.94
O4 SGN A . 31.53 29.14 28.44
O5 SGN A . 33.87 31.96 28.19
O6 SGN A . 34.61 29.05 28.93
S1 SGN A . 32.13 34.18 24.63
O1S SGN A . 32.74 35.24 25.39
O2S SGN A . 33.08 33.40 23.88
O3S SGN A . 31.04 34.65 23.83
S2 SGN A . 36.05 28.46 28.93
O4S SGN A . 36.14 27.55 30.04
O5S SGN A . 36.16 27.78 27.67
O6S SGN A . 36.95 29.57 29.04
C1 IDS A . 31.68 27.80 28.06
C2 IDS A . 30.81 26.96 29.01
C3 IDS A . 30.41 25.64 28.33
C4 IDS A . 29.65 25.92 27.02
C5 IDS A . 29.98 27.33 26.49
C6 IDS A . 29.63 27.54 25.03
O2 IDS A . 31.58 26.65 30.15
O3 IDS A . 29.57 24.90 29.20
O4 IDS A . 30.09 24.96 26.06
O5 IDS A . 31.36 27.58 26.71
O6A IDS A . 28.50 27.84 24.70
O6B IDS A . 30.45 27.43 24.15
S IDS A . 31.13 26.63 31.65
O1S IDS A . 32.27 26.13 32.36
O2S IDS A . 30.81 27.98 32.02
O3S IDS A . 30.01 25.75 31.70
C1 SGN A . 29.60 23.66 26.21
C2 SGN A . 30.73 22.64 25.96
C3 SGN A . 31.15 22.70 24.48
C4 SGN A . 29.93 22.51 23.57
C5 SGN A . 28.86 23.55 23.96
C6 SGN A . 27.56 23.45 23.18
N2 SGN A . 31.84 22.92 26.84
O3 SGN A . 32.06 21.64 24.22
O4 SGN A . 30.36 22.71 22.24
O5 SGN A . 28.54 23.42 25.33
O6 SGN A . 27.02 22.16 23.35
S1 SGN A . 31.70 22.54 28.43
O1S SGN A . 30.35 22.79 28.82
O2S SGN A . 32.09 21.17 28.55
O3S SGN A . 32.61 23.44 29.09
S2 SGN A . 26.32 21.27 22.27
O4S SGN A . 27.29 20.99 21.25
O5S SGN A . 25.91 20.10 22.99
O6S SGN A . 25.21 22.03 21.79
C1 IDS A . 29.47 22.33 21.22
C2 IDS A . 29.72 23.24 20.01
C3 IDS A . 29.31 22.54 18.71
C4 IDS A . 30.06 21.21 18.54
C5 IDS A . 30.56 20.70 19.92
C6 IDS A . 30.95 19.23 19.92
O2 IDS A . 28.95 24.41 20.17
O3 IDS A . 29.60 23.37 17.62
O4 IDS A . 29.13 20.26 18.03
O5 IDS A . 29.58 20.97 20.89
O6A IDS A . 31.78 18.80 19.16
O6B IDS A . 30.43 18.44 20.69
S IDS A . 29.23 25.66 21.04
O1S IDS A . 27.94 26.23 21.29
O2S IDS A . 29.88 25.22 22.24
O3S IDS A . 30.07 26.52 20.25
C1 SGN A . 29.48 19.64 16.83
C2 SGN A . 28.23 19.04 16.15
C3 SGN A . 27.68 17.88 16.99
C4 SGN A . 28.80 16.86 17.25
C5 SGN A . 30.00 17.59 17.88
C6 SGN A . 31.23 16.71 18.15
N2 SGN A . 27.23 20.09 15.96
O3 SGN A . 26.65 17.24 16.28
O4 SGN A . 28.29 15.89 18.15
O5 SGN A . 30.44 18.64 17.03
O6 SGN A . 31.06 15.48 17.46
S1 SGN A . 26.37 20.12 14.57
O1S SGN A . 27.30 20.23 13.48
O2S SGN A . 25.61 18.92 14.55
O3S SGN A . 25.54 21.30 14.69
S2 SGN A . 31.90 14.17 17.64
O4S SGN A . 31.18 13.33 18.55
O5S SGN A . 31.97 13.63 16.32
O6S SGN A . 33.18 14.59 18.14
C1 IDS A . 27.66 14.78 17.59
C2 IDS A . 27.12 13.91 18.75
C3 IDS A . 25.93 13.07 18.28
C4 IDS A . 24.82 13.96 17.71
C5 IDS A . 25.40 15.33 17.28
C6 IDS A . 24.48 16.12 16.34
O2 IDS A . 28.15 13.05 19.17
O3 IDS A . 25.42 12.33 19.36
O4 IDS A . 24.28 13.31 16.57
O5 IDS A . 26.65 15.12 16.68
O6A IDS A . 23.39 16.49 16.72
O6B IDS A . 24.81 16.40 15.22
S IDS A . 28.97 13.09 20.50
O1S IDS A . 30.22 12.47 20.15
O2S IDS A . 29.14 14.46 20.86
O3S IDS A . 28.22 12.34 21.45
C1 SGN A . 22.94 12.93 16.63
C2 SGN A . 22.71 11.65 15.84
C3 SGN A . 22.92 11.91 14.33
C4 SGN A . 22.04 13.09 13.89
C5 SGN A . 22.33 14.30 14.80
C6 SGN A . 21.47 15.54 14.53
N2 SGN A . 23.60 10.60 16.31
O3 SGN A . 22.54 10.77 13.59
O4 SGN A . 22.38 13.39 12.55
O5 SGN A . 22.11 13.95 16.16
O6 SGN A . 20.12 15.20 14.73
S1 SGN A . 23.02 9.08 16.52
O1S SGN A . 21.61 9.13 16.33
O2S SGN A . 23.70 8.26 15.56
O3S SGN A . 23.37 8.74 17.87
S2 SGN A . 18.86 15.95 14.16
O4S SGN A . 18.96 15.93 12.74
O5S SGN A . 17.76 15.18 14.65
O6S SGN A . 18.89 17.28 14.72
C1 IDS A . 21.36 13.91 11.73
C2 IDS A . 21.96 14.12 10.33
C3 IDS A . 20.86 14.06 9.27
C4 IDS A . 20.09 12.72 9.34
C5 IDS A . 20.27 12.09 10.74
C6 IDS A . 19.25 10.99 11.05
O2 IDS A . 22.55 15.40 10.29
O3 IDS A . 21.42 14.20 7.99
O4 IDS A . 18.72 13.00 9.14
O5 IDS A . 20.22 13.10 11.72
O6A IDS A . 18.41 10.69 10.23
O6B IDS A . 19.26 10.39 12.10
S IDS A . 23.97 15.79 9.74
O1S IDS A . 23.88 17.21 9.53
O2S IDS A . 24.92 15.45 10.75
O3S IDS A . 24.14 15.05 8.54
C1 SGN A . 18.09 12.37 8.06
C2 SGN A . 17.92 13.35 6.89
C3 SGN A . 16.92 14.45 7.27
C4 SGN A . 15.60 13.80 7.74
C5 SGN A . 15.92 12.82 8.88
C6 SGN A . 14.71 12.04 9.42
N2 SGN A . 19.22 13.91 6.53
O3 SGN A . 16.64 15.24 6.14
O4 SGN A . 14.77 14.85 8.22
O5 SGN A . 16.85 11.84 8.43
O6 SGN A . 14.64 10.80 8.76
S1 SGN A . 20.38 12.92 5.94
O1S SGN A . 19.93 11.57 6.09
O2S SGN A . 20.57 13.30 4.57
O3S SGN A . 21.53 13.19 6.74
S2 SGN A . 13.36 9.95 8.48
O4S SGN A . 12.86 10.32 7.19
O5S SGN A . 13.82 8.59 8.52
O6S SGN A . 12.43 10.24 9.54
C1 IDS A . 13.54 15.02 7.59
C2 IDS A . 12.56 15.62 8.61
C3 IDS A . 11.45 16.40 7.90
C4 IDS A . 12.05 17.50 7.01
C5 IDS A . 13.51 17.17 6.66
C6 IDS A . 14.06 17.96 5.47
O2 IDS A . 11.97 14.57 9.34
O3 IDS A . 10.61 16.99 8.85
O4 IDS A . 11.30 17.53 5.80
O5 IDS A . 13.64 15.79 6.42
O6A IDS A . 13.47 18.94 5.06
O6B IDS A . 15.09 17.65 4.91
S IDS A . 12.66 13.54 10.29
O1S IDS A . 11.58 12.76 10.81
O2S IDS A . 13.57 12.76 9.51
O3S IDS A . 13.32 14.32 11.29
C1 SGN A . 10.10 18.27 5.82
C2 SGN A . 8.95 17.38 6.34
C3 SGN A . 8.66 16.26 5.33
C4 SGN A . 8.41 16.88 3.94
C5 SGN A . 9.60 17.76 3.57
C6 SGN A . 9.47 18.50 2.23
N2 SGN A . 9.30 16.83 7.65
O3 SGN A . 7.50 15.56 5.72
O4 SGN A . 8.30 15.80 3.01
O5 SGN A . 9.80 18.76 4.56
O6 SGN A . 8.11 18.79 1.99
S1 SGN A . 8.12 16.69 8.78
O1S SGN A . 6.93 17.28 8.25
O2S SGN A . 8.00 15.29 9.04
O3S SGN A . 8.63 17.41 9.91
S2 SGN A . 7.47 19.39 0.71
O4S SGN A . 7.93 18.61 -0.40
O5S SGN A . 6.06 19.25 0.92
O6S SGN A . 7.90 20.76 0.65
C1 IDS A . 7.07 15.63 2.38
C2 IDS A . 7.34 15.38 0.89
C3 IDS A . 6.18 14.59 0.26
C4 IDS A . 5.96 13.26 1.01
C5 IDS A . 6.53 13.35 2.43
C6 IDS A . 6.01 12.26 3.38
O2 IDS A . 7.44 16.62 0.23
O3 IDS A . 6.48 14.31 -1.09
O4 IDS A . 4.55 13.06 1.10
O5 IDS A . 6.28 14.63 2.96
O6A IDS A . 6.31 11.10 3.21
O6B IDS A . 5.31 12.54 4.32
S IDS A . 8.49 17.06 -0.85
O1S IDS A . 7.90 18.23 -1.43
O2S IDS A . 9.71 17.34 -0.17
O3S IDS A . 8.59 15.97 -1.76
C1 SGN A . 3.99 12.13 0.22
C2 SGN A . 2.48 12.37 0.08
C3 SGN A . 1.76 12.07 1.40
C4 SGN A . 2.13 10.65 1.86
C5 SGN A . 3.66 10.52 1.93
C6 SGN A . 4.18 9.13 2.31
N2 SGN A . 2.24 13.76 -0.34
O3 SGN A . 0.37 12.12 1.21
O4 SGN A . 1.57 10.46 3.16
O5 SGN A . 4.23 10.82 0.65
O6 SGN A . 3.12 8.20 2.21
S1 SGN A . 2.44 14.14 -1.92
O1S SGN A . 3.84 14.25 -2.19
O2S SGN A . 1.80 13.10 -2.66
O3S SGN A . 1.77 15.40 -2.07
S2 SGN A . 2.79 7.03 3.19
O4S SGN A . 3.15 7.45 4.51
O5S SGN A . 1.38 6.83 3.05
O6S SGN A . 3.56 5.90 2.72
C1 IDS A . 1.00 9.22 3.44
C2 IDS A . 0.84 9.11 4.96
C3 IDS A . -0.29 8.14 5.31
C4 IDS A . -1.61 8.59 4.67
C5 IDS A . -1.34 9.50 3.46
C6 IDS A . -2.52 9.67 2.52
O2 IDS A . 2.04 8.61 5.51
O3 IDS A . -0.46 8.10 6.72
O4 IDS A . -2.29 7.43 4.20
O5 IDS A . -0.21 9.02 2.76
O6A IDS A . -3.51 10.29 2.86
O6B IDS A . -2.52 9.20 1.40
S IDS A . 3.14 9.37 6.30
O1S IDS A . 4.29 8.51 6.23
O2S IDS A . 3.36 10.63 5.65
O3S IDS A . 2.63 9.52 7.63
C1 SGN A . -2.58 6.44 5.15
C2 SGN A . -2.25 5.04 4.60
C3 SGN A . -3.19 4.71 3.44
C4 SGN A . -4.65 4.86 3.90
C5 SGN A . -4.84 6.28 4.46
C6 SGN A . -6.24 6.57 5.03
N2 SGN A . -0.85 5.01 4.17
O3 SGN A . -3.00 3.36 3.05
O4 SGN A . -5.48 4.68 2.77
O5 SGN A . -3.93 6.50 5.53
O6 SGN A . -6.83 5.35 5.42
S1 SGN A . 0.07 3.71 4.58
O1S SGN A . 0.20 3.70 6.00
O2S SGN A . -0.61 2.57 4.05
O3S SGN A . 1.33 3.94 3.94
S2 SGN A . -7.92 5.14 6.52
O4S SGN A . -9.07 5.91 6.14
O5S SGN A . -8.18 3.73 6.49
O6S SGN A . -7.34 5.56 7.76
C1 IDS A . -6.64 3.94 2.93
C2 IDS A . -7.67 4.42 1.89
C3 IDS A . -8.68 3.33 1.58
C4 IDS A . -7.97 2.06 1.08
C5 IDS A . -6.50 2.05 1.55
C6 IDS A . -5.83 0.68 1.47
O2 IDS A . -8.36 5.54 2.43
O3 IDS A . -9.58 3.77 0.58
O4 IDS A . -8.63 0.94 1.66
O5 IDS A . -6.43 2.56 2.86
O6A IDS A . -5.42 0.26 0.41
O6B IDS A . -5.68 -0.02 2.45
S IDS A . -8.08 7.06 2.22
O1S IDS A . -8.01 7.58 3.56
O2S IDS A . -6.84 7.18 1.52
O3S IDS A . -9.20 7.56 1.49
C1 SGN A . -10.02 0.86 1.49
C2 SGN A . -10.70 0.42 2.80
C3 SGN A . -10.31 -1.04 3.12
C4 SGN A . -10.63 -1.93 1.92
C5 SGN A . -9.94 -1.35 0.67
C6 SGN A . -10.20 -2.11 -0.63
N2 SGN A . -10.31 1.32 3.88
O3 SGN A . -11.06 -1.49 4.22
O4 SGN A . -10.11 -3.22 2.21
O5 SGN A . -10.35 -0.01 0.46
O6 SGN A . -11.29 -1.50 -1.30
S1 SGN A . -10.68 2.91 3.75
O1S SGN A . -9.58 3.57 3.13
O2S SGN A . -11.89 2.98 2.98
O3S SGN A . -10.88 3.35 5.11
S2 SGN A . -11.56 -1.44 -2.84
O4S SGN A . -12.38 -2.56 -3.17
O5S SGN A . -12.23 -0.19 -3.04
O6S SGN A . -10.27 -1.48 -3.47
C1 IDS A . -10.72 -4.31 1.56
C2 IDS A . -9.85 -5.55 1.81
C3 IDS A . -10.70 -6.82 1.73
C4 IDS A . -11.86 -6.77 2.72
C5 IDS A . -12.18 -5.31 3.11
C6 IDS A . -13.55 -5.13 3.75
O2 IDS A . -8.85 -5.61 0.81
O3 IDS A . -9.90 -7.94 2.01
O4 IDS A . -13.01 -7.32 2.07
O5 IDS A . -12.05 -4.50 1.96
O6A IDS A . -14.16 -6.07 4.19
O6B IDS A . -14.06 -4.04 3.85
S IDS A . -7.30 -5.57 1.01
O1S IDS A . -6.87 -4.52 0.12
O2S IDS A . -7.03 -5.29 2.38
O3S IDS A . -6.83 -6.86 0.58
C1 SGN A . -13.20 -8.71 2.18
C2 SGN A . -13.08 -9.38 0.80
C3 SGN A . -14.26 -8.94 -0.08
C4 SGN A . -15.58 -9.22 0.63
C5 SGN A . -15.55 -8.53 2.01
C6 SGN A . -16.79 -8.76 2.89
N2 SGN A . -11.79 -9.04 0.20
O3 SGN A . -14.23 -9.69 -1.28
O4 SGN A . -16.61 -8.66 -0.17
O5 SGN A . -14.43 -9.00 2.76
O6 SGN A . -17.19 -10.11 2.75
S1 SGN A . -10.42 -9.44 1.00
O1S SGN A . -10.03 -8.31 1.80
O2S SGN A . -10.73 -10.60 1.77
O3S SGN A . -9.47 -9.70 -0.04
S2 SGN A . -17.67 -11.07 3.88
O4S SGN A . -18.77 -10.44 4.54
O5S SGN A . -18.08 -12.26 3.17
O6S SGN A . -16.55 -11.29 4.72
C1 IDS A . -17.25 -9.51 -1.07
C2 IDS A . -17.71 -8.66 -2.27
C3 IDS A . -17.83 -9.53 -3.52
C4 IDS A . -16.49 -10.21 -3.85
C5 IDS A . -15.61 -10.29 -2.58
C6 IDS A . -14.46 -11.28 -2.67
O2 IDS A . -18.99 -8.14 -1.97
O3 IDS A . -18.21 -8.72 -4.62
O4 IDS A . -16.77 -11.53 -4.27
O5 IDS A . -16.43 -10.58 -1.46
O6A IDS A . -13.68 -11.23 -3.60
O6B IDS A . -14.30 -12.14 -1.85
S IDS A . -19.56 -6.73 -2.32
O1S IDS A . -20.95 -6.81 -1.92
O2S IDS A . -18.83 -5.76 -1.58
O3S IDS A . -19.40 -6.59 -3.74
C1 SGN A . -17.81 -11.69 -5.19
C2 SGN A . -18.87 -12.66 -4.63
C3 SGN A . -18.29 -14.07 -4.53
C4 SGN A . -17.71 -14.50 -5.89
C5 SGN A . -16.71 -13.42 -6.35
C6 SGN A . -16.09 -13.68 -7.74
N2 SGN A . -19.33 -12.18 -3.33
O3 SGN A . -19.30 -14.98 -4.18
O4 SGN A . -17.05 -15.74 -5.70
O5 SGN A . -17.34 -12.16 -6.42
O6 SGN A . -17.02 -14.41 -8.51
S1 SGN A . -20.25 -10.82 -3.26
O1S SGN A . -19.84 -9.96 -4.32
O2S SGN A . -21.61 -11.26 -3.39
O3S SGN A . -19.97 -10.26 -1.98
S2 SGN A . -16.69 -15.39 -9.69
O4S SGN A . -15.62 -16.24 -9.25
O5S SGN A . -17.92 -16.12 -9.88
O6S SGN A . -16.35 -14.58 -10.82
C1 IDS A . -16.55 -16.36 -6.84
C2 IDS A . -15.25 -17.09 -6.44
C3 IDS A . -14.98 -18.26 -7.39
C4 IDS A . -16.17 -19.24 -7.40
C5 IDS A . -17.45 -18.53 -6.92
C6 IDS A . -18.74 -19.28 -7.27
O2 IDS A . -14.17 -16.17 -6.55
O3 IDS A . -13.82 -18.95 -6.98
O4 IDS A . -16.37 -19.68 -8.74
O5 IDS A . -17.47 -17.22 -7.45
O6A IDS A . -18.99 -20.34 -6.75
O6B IDS A . -19.54 -18.82 -8.07
S IDS A . -13.35 -15.51 -5.40
O1S IDS A . -13.21 -14.15 -5.80
O2S IDS A . -14.11 -15.65 -4.19
O3S IDS A . -12.11 -16.22 -5.36
C1 SGN A . -15.52 -20.68 -9.21
C2 SGN A . -14.28 -20.08 -9.88
C3 SGN A . -14.69 -19.35 -11.16
C4 SGN A . -15.48 -20.30 -12.07
C5 SGN A . -16.66 -20.87 -11.26
C6 SGN A . -17.53 -21.89 -12.02
N2 SGN A . -13.60 -19.18 -8.95
O3 SGN A . -13.52 -18.94 -11.86
O4 SGN A . -15.96 -19.54 -13.17
O5 SGN A . -16.19 -21.53 -10.10
O6 SGN A . -17.11 -23.19 -11.66
S1 SGN A . -12.06 -19.52 -8.50
O1S SGN A . -11.77 -20.87 -8.88
O2S SGN A . -11.23 -18.55 -9.15
O3S SGN A . -12.07 -19.37 -7.07
S2 SGN A . -17.23 -24.49 -12.51
O4S SGN A . -17.21 -24.10 -13.89
O5S SGN A . -16.05 -25.25 -12.15
O6S SGN A . -18.44 -25.13 -12.10
C1 IDS A . -16.61 -20.23 -14.19
C2 IDS A . -17.87 -19.43 -14.57
C3 IDS A . -18.27 -19.72 -16.02
C4 IDS A . -17.11 -19.42 -16.99
C5 IDS A . -15.77 -19.44 -16.23
C6 IDS A . -14.55 -19.55 -17.14
O2 IDS A . -18.93 -19.82 -13.73
O3 IDS A . -19.38 -18.95 -16.38
O4 IDS A . -17.09 -20.45 -17.98
O5 IDS A . -15.78 -20.49 -15.29
O6A IDS A . -14.30 -18.68 -17.95
O6B IDS A . -13.80 -20.50 -17.08
S IDS A . -19.86 -18.90 -12.88
O1S IDS A . -21.08 -19.67 -12.75
O2S IDS A . -19.23 -18.67 -11.62
O3S IDS A . -20.05 -17.71 -13.65
C1 SGN A . -17.52 -20.10 -19.26
C2 SGN A . -19.03 -20.39 -19.41
C3 SGN A . -19.28 -21.90 -19.36
C4 SGN A . -18.40 -22.61 -20.40
C5 SGN A . -16.93 -22.21 -20.16
C6 SGN A . -15.93 -22.80 -21.16
N2 SGN A . -19.77 -19.68 -18.36
O3 SGN A . -20.63 -22.15 -19.67
O4 SGN A . -18.56 -24.01 -20.19
O5 SGN A . -16.79 -20.80 -20.23
O6 SGN A . -15.82 -21.92 -22.26
S1 SGN A . -21.12 -18.86 -18.77
O1S SGN A . -20.85 -18.13 -19.97
O2S SGN A . -22.15 -19.86 -18.94
O3S SGN A . -21.37 -18.00 -17.66
S2 SGN A . -15.21 -22.22 -23.67
O4S SGN A . -15.27 -23.65 -23.85
O5S SGN A . -16.09 -21.52 -24.57
O6S SGN A . -13.89 -21.69 -23.65
C1 IDS A . -19.29 -24.70 -21.16
C2 IDS A . -20.01 -25.87 -20.45
C3 IDS A . -21.26 -26.28 -21.24
C4 IDS A . -22.22 -25.09 -21.40
C5 IDS A . -21.44 -23.75 -21.25
C6 IDS A . -22.19 -22.54 -21.79
O2 IDS A . -19.13 -26.98 -20.42
O3 IDS A . -21.94 -27.31 -20.54
O4 IDS A . -22.76 -25.14 -22.71
O5 IDS A . -20.18 -23.88 -21.87
O6A IDS A . -23.04 -22.00 -21.13
O6B IDS A . -21.94 -22.08 -22.88
S IDS A . -18.83 -27.93 -19.21
O1S IDS A . -18.03 -28.97 -19.78
O2S IDS A . -18.11 -27.17 -18.23
O3S IDS A . -20.10 -28.39 -18.76
C1 SGN A . -23.98 -25.79 -22.87
C2 SGN A . -23.79 -27.12 -23.61
C3 SGN A . -23.37 -26.86 -25.06
C4 SGN A . -24.37 -25.90 -25.72
C5 SGN A . -24.49 -24.64 -24.86
C6 SGN A . -25.51 -23.61 -25.37
N2 SGN A . -22.82 -27.95 -22.91
O3 SGN A . -23.36 -28.07 -25.78
O4 SGN A . -23.84 -25.57 -27.01
O5 SGN A . -24.89 -24.98 -23.54
O6 SGN A . -26.80 -23.99 -24.95
S1 SGN A . -23.26 -29.44 -22.39
O1S SGN A . -24.45 -29.31 -21.60
O2S SGN A . -23.45 -30.22 -23.57
O3S SGN A . -22.15 -29.89 -21.61
S2 SGN A . -28.11 -24.03 -25.80
O4S SGN A . -27.93 -25.01 -26.83
O5S SGN A . -29.12 -24.40 -24.86
O6S SGN A . -28.28 -22.70 -26.31
C1 IDS A . -24.76 -25.42 -28.05
C2 IDS A . -24.06 -24.67 -29.19
C3 IDS A . -24.71 -25.01 -30.53
C4 IDS A . -24.69 -26.52 -30.79
C5 IDS A . -24.54 -27.29 -29.46
C6 IDS A . -24.91 -28.77 -29.55
O2 IDS A . -24.20 -23.29 -28.96
O3 IDS A . -24.02 -24.36 -31.57
O4 IDS A . -25.93 -26.88 -31.38
O5 IDS A . -25.31 -26.65 -28.47
O6A IDS A . -24.31 -29.50 -30.29
O6B IDS A . -25.79 -29.25 -28.87
S IDS A . -23.27 -22.35 -28.13
O1S IDS A . -24.15 -21.31 -27.66
O2S IDS A . -22.71 -23.13 -27.05
O3S IDS A . -22.28 -21.87 -29.04
C1 SGN A . -25.98 -26.91 -32.77
C2 SGN A . -27.44 -26.80 -33.26
C3 SGN A . -28.23 -28.05 -32.86
C4 SGN A . -27.50 -29.30 -33.37
C5 SGN A . -26.05 -29.27 -32.86
C6 SGN A . -25.16 -30.44 -33.34
N2 SGN A . -28.05 -25.59 -32.70
O3 SGN A . -29.51 -28.01 -33.46
O4 SGN A . -28.17 -30.43 -32.85
O5 SGN A . -25.41 -28.08 -33.28
O6 SGN A . -25.66 -30.89 -34.58
S1 SGN A . -28.07 -24.23 -33.61
O1S SGN A . -26.84 -24.15 -34.33
O2S SGN A . -29.22 -24.33 -34.45
O3S SGN A . -28.18 -23.16 -32.66
S2 SGN A . -24.90 -31.75 -35.65
O4S SGN A . -23.91 -32.51 -34.95
O5S SGN A . -25.93 -32.58 -36.21
O6S SGN A . -24.35 -30.83 -36.59
C1 IDS A . -27.76 -31.69 -33.30
C2 IDS A . -28.97 -32.64 -33.23
C3 IDS A . -28.81 -33.78 -34.24
C4 IDS A . -28.63 -33.23 -35.66
C5 IDS A . -28.12 -31.77 -35.62
C6 IDS A . -27.54 -31.29 -36.93
O2 IDS A . -29.04 -33.19 -31.93
O3 IDS A . -29.95 -34.61 -34.20
O5 IDS A . -27.18 -31.64 -34.58
O6A IDS A . -28.15 -31.42 -37.97
O6B IDS A . -26.46 -30.74 -36.98
S IDS A . -30.30 -33.57 -31.11
O1S IDS A . -30.14 -32.87 -29.86
O2S IDS A . -31.45 -33.13 -31.84
O3S IDS A . -30.24 -35.00 -30.95
C1 SGN A . 29.19 21.53 26.96
C2 SGN A . 29.79 22.85 26.43
C3 SGN A . 28.76 23.58 25.55
C4 SGN A . 28.28 22.62 24.44
C5 SGN A . 27.75 21.33 25.10
C6 SGN A . 27.28 20.25 24.12
N2 SGN A . 30.20 23.69 27.56
O1 SGN A . 28.13 21.80 27.85
O3 SGN A . 29.38 24.69 24.93
O4 SGN A . 27.23 23.29 23.75
O5 SGN A . 28.77 20.74 25.90
O6 SGN A . 28.31 19.30 23.96
S1 SGN A . 31.64 23.39 28.28
O1S SGN A . 32.16 22.18 27.73
O2S SGN A . 32.45 24.53 28.03
O3S SGN A . 31.32 23.23 29.67
S2 SGN A . 28.16 17.76 23.75
O4S SGN A . 27.73 17.56 22.40
O5S SGN A . 29.47 17.24 23.99
O6S SGN A . 27.19 17.31 24.72
C1 IDS A . 26.71 22.64 22.62
C2 IDS A . 25.84 23.65 21.86
C3 IDS A . 25.75 23.28 20.38
C4 IDS A . 27.16 23.19 19.76
C5 IDS A . 28.21 22.96 20.85
C6 IDS A . 29.55 22.46 20.32
O2 IDS A . 24.54 23.63 22.41
O3 IDS A . 25.00 24.26 19.69
O4 IDS A . 27.16 22.08 18.88
O5 IDS A . 27.70 22.07 21.81
O6A IDS A . 29.76 22.41 19.14
O6B IDS A . 30.44 22.12 21.07
S IDS A . 23.77 24.77 23.14
O1S IDS A . 22.65 24.11 23.75
O2S IDS A . 24.66 25.35 24.11
O3S IDS A . 23.37 25.69 22.12
C1 SGN A . 26.79 22.32 17.55
C2 SGN A . 25.41 21.71 17.27
C3 SGN A . 25.48 20.18 17.35
C4 SGN A . 26.58 19.67 16.40
C5 SGN A . 27.90 20.38 16.76
C6 SGN A . 29.09 20.02 15.86
N2 SGN A . 24.44 22.24 18.23
O3 SGN A . 24.25 19.63 16.92
O4 SGN A . 26.70 18.27 16.62
O5 SGN A . 27.74 21.79 16.67
O6 SGN A . 28.62 19.82 14.54
S1 SGN A . 22.93 22.61 17.70
O1S SGN A . 23.04 23.60 16.67
O2S SGN A . 22.36 21.37 17.24
O3S SGN A . 22.25 23.12 18.86
S2 SGN A . 29.40 20.08 13.22
O4S SGN A . 30.80 19.94 13.50
O5S SGN A . 28.91 19.06 12.33
O6S SGN A . 29.03 21.40 12.79
C1 IDS A . 27.47 17.55 15.69
C2 IDS A . 28.31 16.53 16.47
C3 IDS A . 28.66 15.34 15.59
C4 IDS A . 27.39 14.67 15.04
C5 IDS A . 26.22 15.66 15.07
C6 IDS A . 25.04 15.25 14.19
O2 IDS A . 29.51 17.17 16.87
O3 IDS A . 29.39 14.39 16.33
O4 IDS A . 27.65 14.31 13.69
O5 IDS A . 26.68 16.94 14.70
O6A IDS A . 24.31 14.35 14.52
O6B IDS A . 24.80 15.80 13.14
S IDS A . 30.08 17.34 18.32
O1S IDS A . 31.47 17.65 18.12
O2S IDS A . 29.37 18.41 18.94
O3S IDS A . 29.89 16.08 18.97
C1 SGN A . 27.65 12.94 13.39
C2 SGN A . 28.79 12.60 12.43
C3 SGN A . 28.54 13.25 11.06
C4 SGN A . 27.15 12.85 10.54
C5 SGN A . 26.10 13.20 11.61
C6 SGN A . 24.66 12.81 11.26
N2 SGN A . 30.07 13.04 13.00
O3 SGN A . 29.50 12.79 10.14
O4 SGN A . 26.92 13.59 9.36
O5 SGN A . 26.41 12.56 12.83
O6 SGN A . 24.51 11.42 11.50
S1 SGN A . 31.18 11.91 13.42
O1S SGN A . 30.54 10.63 13.38
O2S SGN A . 32.25 12.04 12.48
O3S SGN A . 31.57 12.27 14.75
S2 SGN A . 23.42 10.47 10.91
O4S SGN A . 23.76 10.24 9.53
O5S SGN A . 23.52 9.29 11.70
O6S SGN A . 22.16 11.14 11.08
C1 IDS A . 25.80 13.23 8.59
C2 IDS A . 25.81 14.10 7.32
C3 IDS A . 25.06 13.39 6.18
C4 IDS A . 25.70 12.01 5.89
C5 IDS A . 26.48 11.52 7.13
C6 IDS A . 26.78 10.03 7.10
O2 IDS A . 25.13 15.31 7.61
O3 IDS A . 25.12 14.18 5.01
O4 IDS A . 24.64 11.11 5.64
O5 IDS A . 25.77 11.87 8.30
O6A IDS A . 27.06 9.48 6.06
O6B IDS A . 26.78 9.36 8.11
S IDS A . 25.71 16.76 7.61
O1S IDS A . 24.80 17.50 8.43
O2S IDS A . 27.04 16.71 8.15
O3S IDS A . 25.68 17.19 6.24
C1 SGN A . 23.71 11.46 4.65
C2 SGN A . 22.59 12.33 5.25
C3 SGN A . 21.74 11.49 6.23
C4 SGN A . 21.24 10.23 5.51
C5 SGN A . 22.45 9.48 4.92
C6 SGN A . 22.11 8.21 4.13
N2 SGN A . 23.17 13.49 5.91
O3 SGN A . 20.63 12.24 6.63
O4 SGN A . 20.61 9.42 6.49
O5 SGN A . 23.17 10.32 4.04
O6 SGN A . 20.98 8.48 3.33
S1 SGN A . 22.99 14.97 5.23
O1S SGN A . 23.23 14.84 3.83
O2S SGN A . 21.65 15.38 5.53
O3S SGN A . 23.97 15.79 5.87
S2 SGN A . 20.69 7.92 1.90
O4S SGN A . 19.78 6.82 2.04
O5S SGN A . 20.08 9.03 1.21
O6S SGN A . 21.95 7.56 1.34
C1 IDS A . 19.21 9.34 6.44
C2 IDS A . 18.79 7.97 7.02
C3 IDS A . 17.37 8.04 7.57
C4 IDS A . 17.25 9.14 8.63
C5 IDS A . 18.37 10.19 8.47
C6 IDS A . 18.11 11.50 9.19
O2 IDS A . 18.83 7.02 5.98
O3 IDS A . 17.02 6.80 8.15
O4 IDS A . 16.00 9.79 8.45
O5 IDS A . 18.58 10.40 7.09
O6A IDS A . 17.89 11.51 10.38
O6B IDS A . 18.12 12.56 8.60
S IDS A . 19.31 5.54 6.04
O1S IDS A . 20.24 5.44 4.94
O2S IDS A . 19.96 5.34 7.30
O3S IDS A . 18.14 4.73 5.85
C1 SGN A . 14.86 8.98 8.37
C2 SGN A . 14.22 9.09 6.98
C3 SGN A . 13.64 10.50 6.78
C4 SGN A . 12.69 10.84 7.95
C5 SGN A . 13.44 10.63 9.27
C6 SGN A . 12.60 10.88 10.54
N2 SGN A . 15.20 8.77 5.95
O3 SGN A . 12.90 10.54 5.58
O4 SGN A . 12.31 12.19 7.80
O5 SGN A . 13.93 9.31 9.36
O6 SGN A . 11.54 9.96 10.55
S1 SGN A . 15.21 7.27 5.31
O1S SGN A . 15.99 6.42 6.17
O2S SGN A . 13.84 6.87 5.20
O3S SGN A . 15.83 7.43 4.02
S2 SGN A . 10.17 10.10 11.28
O4S SGN A . 9.40 11.08 10.57
O5S SGN A . 9.58 8.79 11.20
O6S SGN A . 10.47 10.48 12.63
C1 IDS A . 11.32 12.67 8.66
C2 IDS A . 10.60 13.83 7.95
C3 IDS A . 9.18 14.00 8.50
C4 IDS A . 8.38 12.69 8.34
C5 IDS A . 9.34 11.50 8.20
C6 IDS A . 8.67 10.15 8.44
O2 IDS A . 11.32 15.02 8.21
O3 IDS A . 8.52 15.03 7.80
O4 IDS A . 7.60 12.51 9.50
O5 IDS A . 10.43 11.67 9.08
O6A IDS A . 7.63 9.86 7.90
O6B IDS A . 9.17 9.31 9.17
S IDS A . 12.66 15.51 7.57
O1S IDS A . 13.49 15.83 8.69
O2S IDS A . 13.18 14.43 6.80
O3S IDS A . 12.32 16.65 6.78
C1 SGN A . 6.68 13.52 9.81
C2 SGN A . 6.93 14.07 11.23
C3 SGN A . 6.63 12.99 12.27
C4 SGN A . 5.20 12.46 12.05
C5 SGN A . 5.07 11.98 10.60
C6 SGN A . 3.67 11.49 10.22
N2 SGN A . 8.32 14.53 11.33
O3 SGN A . 6.71 13.56 13.57
O4 SGN A . 5.02 11.37 12.95
O5 SGN A . 5.38 13.05 9.72
O6 SGN A . 2.83 12.60 10.00
S1 SGN A . 8.74 15.94 10.61
O1S SGN A . 9.28 15.64 9.33
O2S SGN A . 7.55 16.73 10.56
O3S SGN A . 9.73 16.51 11.48
S2 SGN A . 1.51 12.64 9.18
O4S SGN A . 0.42 12.44 10.09
O5S SGN A . 1.50 13.95 8.60
O6S SGN A . 1.62 11.61 8.19
C1 IDS A . 3.72 10.91 13.13
C2 IDS A . 3.71 9.98 14.36
C3 IDS A . 2.33 9.94 15.00
C4 IDS A . 1.87 11.36 15.39
C5 IDS A . 2.63 12.41 14.57
C6 IDS A . 1.97 13.79 14.58
O2 IDS A . 4.05 8.68 13.94
O3 IDS A . 2.36 9.14 16.16
O4 IDS A . 0.48 11.47 15.08
O5 IDS A . 2.78 11.95 13.25
O6A IDS A . 1.27 14.14 15.50
O6B IDS A . 2.16 14.59 13.67
S IDS A . 4.95 7.63 14.66
O1S IDS A . 4.94 6.49 13.78
O2S IDS A . 6.25 8.20 14.81
O3S IDS A . 4.30 7.36 15.91
C1 SGN A . -0.33 10.36 15.40
C2 SGN A . -0.37 9.38 14.22
C3 SGN A . -1.11 10.02 13.04
C4 SGN A . -2.49 10.51 13.49
C5 SGN A . -2.31 11.45 14.69
C6 SGN A . -3.61 11.99 15.30
N2 SGN A . 0.98 8.99 13.85
O3 SGN A . -1.30 9.05 12.02
O4 SGN A . -3.06 11.22 12.40
O5 SGN A . -1.61 10.78 15.73
O6 SGN A . -4.08 11.05 16.25
S1 SGN A . 1.45 7.43 14.09
O1S SGN A . 0.51 6.81 14.98
O2S SGN A . 1.48 6.83 12.79
O3S SGN A . 2.75 7.52 14.68
S2 SGN A . -5.55 10.87 16.74
O4S SGN A . -6.41 11.19 15.64
O5S SGN A . -5.62 9.47 17.10
O6S SGN A . -5.71 11.74 17.88
C1 IDS A . -3.90 10.50 11.55
C2 IDS A . -4.67 11.53 10.69
C3 IDS A . -5.11 10.89 9.37
C4 IDS A . -3.89 10.33 8.60
C5 IDS A . -2.72 10.08 9.56
C6 IDS A . -1.63 9.17 9.00
O2 IDS A . -5.82 11.93 11.39
O3 IDS A . -5.75 11.85 8.56
O4 IDS A . -4.27 9.09 8.02
O5 IDS A . -3.22 9.56 10.78
O6A IDS A . -1.56 8.97 7.81
O6B IDS A . -0.81 8.65 9.71
S IDS A . -5.99 13.12 12.38
O1S IDS A . -7.29 12.92 12.96
O2S IDS A . -4.94 13.03 13.35
O3S IDS A . -5.92 14.31 11.58
C1 SGN A . -4.08 8.95 6.65
C2 SGN A . -5.35 8.39 5.98
C3 SGN A . -5.59 6.95 6.44
C4 SGN A . -4.33 6.11 6.19
C5 SGN A . -3.13 6.79 6.87
C6 SGN A . -1.79 6.10 6.65
N2 SGN A . -6.49 9.25 6.29
O3 SGN A . -6.66 6.39 5.70
O4 SGN A . -4.55 4.83 6.77
O5 SGN A . -2.99 8.12 6.37
O6 SGN A . -1.61 5.87 5.27
S1 SGN A . -7.54 9.63 5.11
O1S SGN A . -6.94 10.61 4.26
O2S SGN A . -7.84 8.40 4.43
O3S SGN A . -8.69 10.15 5.80
S2 SGN A . -0.32 5.36 4.55
O4S SGN A . -0.46 3.95 4.33
O5S SGN A . -0.29 6.11 3.32
O6S SGN A . 0.78 5.70 5.41
C1 IDS A . -5.09 3.84 5.94
C2 IDS A . -4.85 2.48 6.62
C3 IDS A . -5.89 1.45 6.16
C4 IDS A . -7.31 1.95 6.45
C5 IDS A . -7.32 3.49 6.59
C6 IDS A . -8.71 4.11 6.47
O2 IDS A . -3.56 2.01 6.24
O3 IDS A . -5.68 0.23 6.84
O4 IDS A . -8.13 1.61 5.34
O5 IDS A . -6.45 4.05 5.64
O6A IDS A . -9.67 3.43 6.23
O6B IDS A . -8.88 5.30 6.63
S IDS A . -2.18 2.64 6.57
O1S IDS A . -1.25 1.57 6.36
O2S IDS A . -1.97 3.74 5.67
O3S IDS A . -2.24 3.05 7.94
C1 SGN A . -9.01 0.54 5.52
C2 SGN A . -9.32 -0.13 4.17
C3 SGN A . -10.11 0.82 3.27
C4 SGN A . -11.36 1.31 4.02
C5 SGN A . -10.92 1.92 5.36
C6 SGN A . -12.07 2.41 6.26
N2 SGN A . -8.06 -0.55 3.54
O3 SGN A . -10.53 0.13 2.11
O4 SGN A . -11.97 2.30 3.21
O5 SGN A . -10.20 0.96 6.12
O6 SGN A . -13.29 1.93 5.73
S1 SGN A . -7.41 -1.99 3.95
O1S SGN A . -6.81 -1.85 5.23
O2S SGN A . -8.49 -2.94 3.92
O3S SGN A . -6.44 -2.25 2.92
S2 SGN A . -14.73 2.27 6.21
O4S SGN A . -15.11 3.51 5.59
O5S SGN A . -15.53 1.17 5.76
O6S SGN A . -14.67 2.37 7.64
C1 IDS A . -13.18 1.96 2.58
C2 IDS A . -13.74 3.24 1.93
C3 IDS A . -14.65 2.87 0.75
C4 IDS A . -13.88 2.03 -0.29
C5 IDS A . -12.68 1.34 0.37
C6 IDS A . -12.10 0.18 -0.44
O2 IDS A . -14.51 3.93 2.89
O3 IDS A . -15.12 4.05 0.13
O4 IDS A . -14.77 1.01 -0.75
O5 IDS A . -13.03 0.91 1.66
O6A IDS A . -12.30 0.11 -1.63
O6B IDS A . -11.43 -0.68 0.08
S IDS A . -14.70 5.47 3.05
O1S IDS A . -14.93 5.65 4.45
O2S IDS A . -13.50 6.11 2.61
O3S IDS A . -15.84 5.80 2.24
C1 SGN A . -15.13 1.06 -2.11
C2 SGN A . -16.27 0.08 -2.40
C3 SGN A . -15.77 -1.36 -2.23
C4 SGN A . -14.52 -1.58 -3.09
C5 SGN A . -13.48 -0.50 -2.74
C6 SGN A . -12.18 -0.55 -3.57
N2 SGN A . -17.40 0.35 -1.51
O3 SGN A . -16.77 -2.26 -2.66
O4 SGN A . -14.01 -2.87 -2.79
O5 SGN A . -14.03 0.80 -2.92
O6 SGN A . -12.41 0.16 -4.78
S1 SGN A . -18.41 1.58 -1.88
O1S SGN A . -17.73 2.47 -2.76
O2S SGN A . -19.58 0.98 -2.48
O3S SGN A . -18.71 2.21 -0.62
S2 SGN A . -11.62 -0.01 -6.12
O4S SGN A . -12.30 -1.00 -6.90
O5S SGN A . -11.69 1.29 -6.72
O6S SGN A . -10.28 -0.38 -5.76
C1 IDS A . -13.85 -3.75 -3.86
C2 IDS A . -12.55 -4.56 -3.60
C3 IDS A . -12.61 -5.90 -4.32
C4 IDS A . -13.85 -6.71 -3.87
C5 IDS A . -14.92 -5.76 -3.29
C6 IDS A . -16.30 -6.38 -3.21
O2 IDS A . -11.46 -3.82 -4.11
O3 IDS A . -11.45 -6.65 -4.03
O4 IDS A . -14.39 -7.35 -5.02
O5 IDS A . -14.95 -4.57 -4.06
O6A IDS A . -16.57 -7.20 -2.34
O6B IDS A . -17.19 -6.08 -3.98
S IDS A . -10.72 -2.61 -3.47
O1S IDS A . -10.52 -1.70 -4.57
O2S IDS A . -11.57 -2.06 -2.46
O3S IDS A . -9.49 -3.12 -2.96
C1 SGN A . -13.62 -8.38 -5.59
C2 SGN A . -12.85 -7.87 -6.81
C3 SGN A . -13.83 -7.49 -7.93
C4 SGN A . -14.74 -8.70 -8.24
C5 SGN A . -15.42 -9.14 -6.93
C6 SGN A . -16.33 -10.36 -7.06
N2 SGN A . -12.03 -6.72 -6.42
O3 SGN A . -13.10 -7.19 -9.10
O4 SGN A . -15.72 -8.25 -9.17
O5 SGN A . -14.44 -9.45 -5.95
O6 SGN A . -15.81 -11.20 -8.07
S1 SGN A . -10.40 -6.84 -6.55
O1S SGN A . -10.07 -8.21 -6.76
O2S SGN A . -10.03 -6.00 -7.65
O3S SGN A . -9.90 -6.35 -5.29
S2 SGN A . -15.89 -12.76 -8.14
O4S SGN A . -17.26 -13.13 -7.97
O5S SGN A . -15.40 -13.08 -9.45
O6S SGN A . -15.04 -13.25 -7.10
C1 IDS A . -16.34 -9.22 -9.95
C2 IDS A . -17.05 -8.52 -11.11
C3 IDS A . -17.22 -9.46 -12.30
C4 IDS A . -15.84 -10.01 -12.75
C5 IDS A . -14.82 -9.89 -11.61
C6 IDS A . -13.57 -10.75 -11.81
O2 IDS A . -18.34 -8.14 -10.66
O3 IDS A . -17.82 -8.78 -13.37
O4 IDS A . -16.00 -11.38 -13.09
O5 IDS A . -15.45 -10.22 -10.39
O6A IDS A . -13.45 -11.43 -12.80
O6B IDS A . -12.68 -10.77 -11.00
S IDS A . -18.86 -6.70 -10.34
O1S IDS A . -19.72 -6.89 -9.21
O2S IDS A . -17.73 -5.89 -10.04
O3S IDS A . -19.57 -6.27 -11.51
C1 SGN A . -15.93 -11.71 -14.45
C2 SGN A . -16.40 -13.16 -14.66
C3 SGN A . -15.40 -14.14 -14.00
C4 SGN A . -13.99 -13.85 -14.53
C5 SGN A . -13.66 -12.37 -14.29
C6 SGN A . -12.29 -11.92 -14.80
N2 SGN A . -17.75 -13.32 -14.12
O3 SGN A . -15.75 -15.46 -14.36
O4 SGN A . -13.10 -14.67 -13.78
O5 SGN A . -14.63 -11.55 -14.93
O6 SGN A . -12.34 -11.86 -16.21
S1 SGN A . -18.91 -13.94 -15.10
O1S SGN A . -19.42 -12.86 -15.91
O2S SGN A . -18.30 -14.98 -15.85
O3S SGN A . -19.92 -14.43 -14.19
S2 SGN A . -11.14 -11.66 -17.20
O4S SGN A . -10.09 -12.54 -16.78
O5S SGN A . -11.68 -12.02 -18.48
O6S SGN A . -10.78 -10.28 -17.11
C1 IDS A . -12.72 -15.88 -14.36
C2 IDS A . -12.27 -16.83 -13.22
C3 IDS A . -12.44 -18.29 -13.63
C4 IDS A . -13.90 -18.58 -14.02
C5 IDS A . -14.62 -17.28 -14.41
C6 IDS A . -15.92 -17.49 -15.17
O2 IDS A . -10.90 -16.59 -12.98
O3 IDS A . -12.07 -19.13 -12.57
O4 IDS A . -13.89 -19.44 -15.15
O5 IDS A . -13.74 -16.45 -15.14
O6A IDS A . -16.50 -18.55 -15.11
O6B IDS A . -16.41 -16.61 -15.85
S IDS A . -10.24 -15.37 -12.24
O1S IDS A . -8.84 -15.70 -12.23
O2S IDS A . -10.52 -14.20 -13.02
O3S IDS A . -10.82 -15.35 -10.93
C1 SGN A . -14.25 -20.77 -14.93
C2 SGN A . -13.99 -21.60 -16.19
C3 SGN A . -14.94 -21.17 -17.32
C4 SGN A . -16.39 -21.24 -16.82
C5 SGN A . -16.51 -20.40 -15.53
C6 SGN A . -17.89 -20.41 -14.88
N2 SGN A . -12.59 -21.47 -16.60
O3 SGN A . -14.81 -22.05 -18.41
O4 SGN A . -17.21 -20.69 -17.84
O5 SGN A . -15.59 -20.87 -14.56
O6 SGN A . -17.98 -21.54 -14.02
S1 SGN A . -11.80 -22.78 -17.18
O1S SGN A . -11.29 -23.52 -16.07
O2S SGN A . -12.75 -23.50 -17.96
O3S SGN A . -10.74 -22.23 -17.98
S2 SGN A . -19.25 -22.09 -13.31
O4S SGN A . -20.39 -21.52 -13.96
O5S SGN A . -19.17 -23.51 -13.50
O6S SGN A . -19.13 -21.72 -11.93
C1 IDS A . -17.85 -21.59 -18.69
C2 IDS A . -19.21 -20.97 -19.09
C3 IDS A . -19.67 -21.53 -20.44
C4 IDS A . -18.62 -21.26 -21.53
C5 IDS A . -17.23 -21.03 -20.89
C6 IDS A . -16.07 -21.16 -21.87
O2 IDS A . -20.16 -21.33 -18.11
O3 IDS A . -20.89 -20.92 -20.82
O4 IDS A . -18.55 -22.41 -22.36
O5 IDS A . -17.07 -21.92 -19.81
O6A IDS A . -15.97 -20.39 -22.80
O6B IDS A . -15.23 -22.02 -21.75
S IDS A . -20.65 -20.50 -16.89
O1S IDS A . -20.75 -21.45 -15.82
O2S IDS A . -19.67 -19.49 -16.63
O3S IDS A . -21.93 -19.96 -17.27
C1 SGN A . -19.17 -22.34 -23.61
C2 SGN A . -20.17 -23.49 -23.78
C3 SGN A . -19.42 -24.83 -23.85
C4 SGN A . -18.36 -24.76 -24.95
C5 SGN A . -17.45 -23.55 -24.69
C6 SGN A . -16.36 -23.30 -25.75
N2 SGN A . -21.14 -23.48 -22.67
O3 SGN A . -20.33 -25.85 -24.18
O4 SGN A . -17.59 -25.96 -24.87
O5 SGN A . -18.24 -22.35 -24.64
O6 SGN A . -16.91 -22.53 -26.79
S1 SGN A . -22.60 -22.78 -22.91
O1S SGN A . -22.40 -21.38 -23.06
O2S SGN A . -23.14 -23.41 -24.07
O3S SGN A . -23.34 -23.10 -21.71
S2 SGN A . -16.55 -22.61 -28.30
O4S SGN A . -17.48 -23.51 -28.92
O5S SGN A . -16.72 -21.26 -28.78
O6S SGN A . -15.19 -23.05 -28.38
C1 IDS A . -17.87 -26.94 -25.82
C2 IDS A . -16.56 -27.73 -26.07
C3 IDS A . -16.88 -29.15 -26.56
C4 IDS A . -17.78 -29.88 -25.56
C5 IDS A . -18.53 -28.88 -24.67
C6 IDS A . -19.73 -29.48 -23.93
O2 IDS A . -15.82 -27.07 -27.07
O3 IDS A . -15.68 -29.87 -26.73
O4 IDS A . -18.73 -30.63 -26.30
O5 IDS A . -18.93 -27.78 -25.45
O6A IDS A . -19.88 -30.67 -23.88
O6B IDS A . -20.54 -28.78 -23.37
S IDS A . -14.61 -26.09 -26.89
O1S IDS A . -14.90 -25.00 -27.77
O2S IDS A . -14.58 -25.69 -25.52
O3S IDS A . -13.46 -26.84 -27.29
C1 SGN A . -18.26 -31.38 -27.37
C2 SGN A . -18.59 -30.69 -28.70
C3 SGN A . -20.12 -30.71 -28.92
C4 SGN A . -20.64 -32.15 -28.82
C5 SGN A . -20.19 -32.73 -27.46
C6 SGN A . -20.60 -34.19 -27.23
N2 SGN A . -18.06 -29.33 -28.70
O3 SGN A . -20.39 -30.22 -30.22
O4 SGN A . -22.06 -32.07 -28.87
O5 SGN A . -18.78 -32.68 -27.35
O6 SGN A . -19.98 -35.00 -28.20
S1 SGN A . -16.48 -29.11 -28.35
O1S SGN A . -16.00 -30.27 -27.67
O2S SGN A . -15.82 -28.89 -29.62
O3S SGN A . -16.46 -27.94 -27.52
S2 SGN A . -19.39 -36.43 -28.02
O4S SGN A . -20.39 -37.22 -27.37
O5S SGN A . -19.11 -36.87 -29.36
O6S SGN A . -18.20 -36.27 -27.24
C1 IDS A . -22.70 -32.94 -29.77
C2 IDS A . -24.21 -32.79 -29.56
C3 IDS A . -24.97 -33.18 -30.84
C4 IDS A . -24.50 -32.32 -32.03
C5 IDS A . -23.09 -31.75 -31.75
C6 IDS A . -22.38 -31.25 -33.00
O2 IDS A . -24.62 -33.66 -28.52
O3 IDS A . -26.35 -32.97 -30.64
O5 IDS A . -22.32 -32.73 -31.10
O6A IDS A . -22.97 -31.12 -34.05
O6B IDS A . -21.21 -30.94 -32.99
S IDS A . -25.32 -33.31 -27.18
O1S IDS A . -24.51 -33.91 -26.17
O2S IDS A . -25.37 -31.88 -27.07
O3S IDS A . -26.63 -33.90 -27.27
C1 SGN A . 38.95 30.32 23.81
C2 SGN A . 39.10 30.19 22.28
C3 SGN A . 37.84 30.76 21.59
C4 SGN A . 36.59 30.07 22.15
C5 SGN A . 36.59 30.23 23.68
C6 SGN A . 35.42 29.54 24.40
N2 SGN A . 40.30 30.89 21.85
O1 SGN A . 38.96 31.66 24.19
O3 SGN A . 37.92 30.49 20.20
O4 SGN A . 35.46 30.73 21.59
O5 SGN A . 37.78 29.68 24.23
O6 SGN A . 34.83 28.61 23.51
S1 SGN A . 41.48 30.04 21.11
O1S SGN A . 41.15 28.65 21.19
O2S SGN A . 41.55 30.52 19.76
O3S SGN A . 42.67 30.33 21.85
S2 SGN A . 33.37 28.06 23.56
O4S SGN A . 32.53 29.12 24.02
O5S SGN A . 33.09 27.69 22.19
O6S SGN A . 33.40 26.93 24.44
C1 IDS A . 34.27 30.02 21.55
C2 IDS A . 33.15 31.00 21.14
C3 IDS A . 31.99 30.25 20.48
C4 IDS A . 32.49 29.44 19.26
C5 IDS A . 34.00 29.18 19.38
C6 IDS A . 34.50 28.06 18.46
O2 IDS A . 32.66 31.64 22.30
O3 IDS A . 31.01 31.16 20.06
O4 IDS A . 31.81 28.19 19.27
O5 IDS A . 34.32 28.90 20.72
O6A IDS A . 34.48 28.20 17.26
O6B IDS A . 34.95 27.04 18.90
S IDS A . 33.45 32.51 23.33
O1S IDS A . 33.15 31.92 24.60
O2S IDS A . 34.84 32.43 23.01
O3S IDS A . 32.93 33.84 23.19
C1 SGN A . 30.43 28.21 19.46
C2 SGN A . 29.91 26.82 19.79
C3 SGN A . 30.07 25.88 18.58
C4 SGN A . 29.40 26.53 17.36
C5 SGN A . 29.98 27.93 17.16
C6 SGN A . 29.37 28.72 15.99
N2 SGN A . 30.61 26.29 20.97
O3 SGN A . 29.43 24.65 18.85
O4 SGN A . 29.71 25.70 16.24
O5 SGN A . 29.78 28.71 18.32
O6 SGN A . 27.98 28.44 15.93
S1 SGN A . 29.77 25.47 22.10
O1S SGN A . 28.55 26.16 22.34
O2S SGN A . 29.57 24.15 21.57
O3S SGN A . 30.62 25.46 23.25
S2 SGN A . 26.83 29.44 15.63
O4S SGN A . 26.98 29.88 14.28
O5S SGN A . 25.64 28.66 15.81
O6S SGN A . 26.93 30.49 16.59
C1 IDS A . 28.70 24.86 15.76
C2 IDS A . 29.29 24.01 14.63
C3 IDS A . 28.51 22.69 14.49
C4 IDS A . 28.51 21.92 15.81
C5 IDS A . 28.79 22.87 16.99
C6 IDS A . 28.41 22.29 18.35
O2 IDS A . 29.18 24.72 13.42
O3 IDS A . 29.10 21.90 13.48
O4 IDS A . 27.22 21.35 15.98
O5 IDS A . 28.12 24.08 16.77
O6A IDS A . 28.90 21.24 18.73
O6B IDS A . 27.64 22.85 19.09
S IDS A . 30.26 24.93 12.31
O1S IDS A . 29.54 25.55 11.23
O2S IDS A . 31.28 25.78 12.86
O3S IDS A . 30.73 23.62 11.98
C1 SGN A . 26.87 20.30 15.13
C2 SGN A . 25.35 20.19 15.00
C3 SGN A . 24.73 19.77 16.34
C4 SGN A . 25.41 18.47 16.83
C5 SGN A . 26.92 18.71 16.88
C6 SGN A . 27.74 17.47 17.30
N2 SGN A . 24.81 21.47 14.54
O3 SGN A . 23.36 19.52 16.16
O4 SGN A . 24.90 18.22 18.13
O5 SGN A . 27.40 19.09 15.59
O6 SGN A . 27.37 16.38 16.47
S1 SGN A . 24.72 21.77 12.94
O1S SGN A . 25.92 22.46 12.55
O2S SGN A . 24.57 20.49 12.30
O3S SGN A . 23.56 22.60 12.78
S2 SGN A . 28.03 14.96 16.44
O4S SGN A . 28.90 14.86 17.57
O5S SGN A . 26.91 14.06 16.54
O6S SGN A . 28.70 14.85 15.18
C1 IDS A . 24.34 16.96 18.36
C2 IDS A . 23.60 17.01 19.71
C3 IDS A . 22.48 15.97 19.75
C4 IDS A . 21.50 16.19 18.59
C5 IDS A . 22.17 16.98 17.45
C6 IDS A . 21.44 16.91 16.12
O2 IDS A . 24.53 16.71 20.74
O3 IDS A . 21.78 16.07 20.97
O4 IDS A . 21.13 14.92 18.09
O5 IDS A . 23.50 16.55 17.32
O6A IDS A . 20.29 17.28 16.03
O6B IDS A . 21.98 16.48 15.12
S IDS A . 25.57 17.66 21.42
O1S IDS A . 26.32 16.79 22.29
O2S IDS A . 26.37 18.23 20.39
O3S IDS A . 24.79 18.63 22.13
C1 SGN A . 20.05 14.28 18.70
C2 SGN A . 20.30 12.77 18.81
C3 SGN A . 20.31 12.13 17.41
C4 SGN A . 19.02 12.50 16.68
C5 SGN A . 18.86 14.03 16.68
C6 SGN A . 17.57 14.55 16.03
N2 SGN A . 21.56 12.53 19.51
O3 SGN A . 20.38 10.74 17.54
O4 SGN A . 19.15 12.03 15.35
O5 SGN A . 18.86 14.52 18.01
O6 SGN A . 16.50 14.36 16.93
S1 SGN A . 21.59 12.62 21.15
O1S SGN A . 20.47 13.43 21.56
O2S SGN A . 21.53 11.28 21.62
O3S SGN A . 22.84 13.27 21.45
S2 SGN A . 15.07 14.98 16.83
O4S SGN A . 14.21 14.00 16.24
O5S SGN A . 14.72 15.24 18.20
O6S SGN A . 15.20 16.17 16.06
C1 IDS A . 18.05 11.34 14.81
C2 IDS A . 18.16 11.42 13.27
C3 IDS A . 17.44 10.23 12.62
C4 IDS A . 18.00 8.91 13.14
C5 IDS A . 18.69 9.10 14.50
C6 IDS A . 18.92 7.81 15.28
O2 IDS A . 17.55 12.61 12.84
O3 IDS A . 17.60 10.29 11.22
O4 IDS A . 16.91 8.01 13.33
O5 IDS A . 17.96 10.02 15.26
O6A IDS A . 18.58 6.75 14.82
O6B IDS A . 19.46 7.81 16.36
S IDS A . 17.99 14.08 13.12
O1S IDS A . 17.28 14.86 12.12
O2S IDS A . 17.58 14.42 14.46
O3S IDS A . 19.40 14.10 12.93
C1 SGN A . 16.05 7.82 12.24
C2 SGN A . 14.58 7.82 12.69
C3 SGN A . 14.31 6.59 13.57
C4 SGN A . 14.72 5.32 12.82
C5 SGN A . 16.19 5.47 12.38
C6 SGN A . 16.74 4.28 11.56
N2 SGN A . 14.30 9.06 13.40
O3 SGN A . 12.93 6.52 13.84
O4 SGN A . 14.59 4.24 13.73
O5 SGN A . 16.35 6.62 11.57
O6 SGN A . 16.47 4.52 10.20
S1 SGN A . 12.86 9.81 13.14
O1S SGN A . 12.85 10.29 11.79
O2S SGN A . 11.85 8.83 13.42
O3S SGN A . 12.85 10.90 14.08
S2 SGN A . 17.37 4.16 8.97
O4S SGN A . 17.92 2.86 9.22
O5S SGN A . 16.46 4.16 7.86
O6S SGN A . 18.36 5.19 8.88
C1 IDS A . 13.80 3.16 13.32
C2 IDS A . 13.42 2.36 14.57
C3 IDS A . 12.10 1.59 14.35
C4 IDS A . 10.97 2.55 13.96
C5 IDS A . 11.56 3.87 13.39
C6 IDS A . 10.54 4.70 12.61
O2 IDS A . 14.44 1.41 14.83
O3 IDS A . 11.75 0.91 15.53
O4 IDS A . 10.20 1.93 12.94
O5 IDS A . 12.68 3.56 12.58
O6A IDS A . 9.38 4.39 12.57
O6B IDS A . 10.88 5.72 12.02
S IDS A . 15.96 1.69 15.09
O1S IDS A . 16.63 0.64 14.40
O2S IDS A . 16.27 2.99 14.57
O3S IDS A . 16.12 1.60 16.52
C1 SGN A . 8.84 1.75 13.20
C2 SGN A . 8.18 0.93 12.10
C3 SGN A . 8.18 1.73 10.78
C4 SGN A . 7.51 3.09 11.02
C5 SGN A . 8.24 3.80 12.18
C6 SGN A . 7.65 5.16 12.57
N2 SGN A . 8.89 -0.34 11.94
O3 SGN A . 7.41 1.03 9.82
O4 SGN A . 7.67 3.84 9.82
O5 SGN A . 8.19 2.98 13.34
O6 SGN A . 6.31 5.23 12.12
S1 SGN A . 8.02 -1.69 11.62
O1S SGN A . 6.91 -1.74 12.52
O2S SGN A . 7.64 -1.60 10.24
O3S SGN A . 8.94 -2.77 11.86
S2 SGN A . 5.57 6.48 11.56
O4S SGN A . 5.94 6.61 10.18
O5S SGN A . 4.18 6.16 11.73
O6S SGN A . 5.99 7.59 12.36
C1 IDS A . 6.53 4.46 9.31
C2 IDS A . 6.86 4.96 7.89
C3 IDS A . 5.59 5.07 7.05
C4 IDS A . 4.87 3.72 6.99
C5 IDS A . 5.28 2.83 8.17
C6 IDS A . 4.34 1.66 8.42
O2 IDS A . 7.44 6.25 7.99
O3 IDS A . 5.92 5.48 5.74
O4 IDS A . 3.47 3.97 7.08
O5 IDS A . 5.41 3.63 9.33
O6A IDS A . 3.32 1.54 7.79
O6B IDS A . 4.58 0.82 9.26
S IDS A . 8.95 6.64 7.97
O1S IDS A . 8.97 8.01 8.43
O2S IDS A . 9.64 5.77 8.87
O3S IDS A . 9.37 6.50 6.61
C1 SGN A . 2.81 4.34 5.90
C2 SGN A . 1.93 5.57 6.14
C3 SGN A . 0.76 5.20 7.08
C4 SGN A . 0.01 3.99 6.52
C5 SGN A . 1.01 2.85 6.28
C6 SGN A . 0.42 1.57 5.66
N2 SGN A . 2.73 6.66 6.69
O3 SGN A . -0.13 6.29 7.16
O4 SGN A . -0.95 3.60 7.50
O5 SGN A . 2.04 3.29 5.41
O6 SGN A . -0.89 1.87 5.21
S1 SGN A . 3.12 7.92 5.72
O1S SGN A . 3.21 7.44 4.38
O2S SGN A . 2.09 8.90 5.91
O3S SGN A . 4.40 8.37 6.21
S2 SGN A . -2.09 0.87 5.09
O4S SGN A . -1.75 -0.30 5.83
O5S SGN A . -3.19 1.59 5.68
O6S SGN A . -2.28 0.63 3.70
C1 IDS A . -2.29 3.69 7.13
C2 IDS A . -3.07 2.64 7.96
C3 IDS A . -4.54 3.06 8.12
C4 IDS A . -4.63 4.45 8.76
C5 IDS A . -3.32 5.24 8.56
C6 IDS A . -3.46 6.74 8.79
O2 IDS A . -3.02 1.41 7.28
O3 IDS A . -5.21 2.14 8.93
O4 IDS A . -5.67 5.17 8.10
O5 IDS A . -2.82 4.97 7.27
O6A IDS A . -3.79 7.17 9.87
O6B IDS A . -3.20 7.54 7.92
S IDS A . -2.86 -0.02 7.89
O1S IDS A . -2.45 -0.83 6.77
O2S IDS A . -1.85 0.05 8.90
O3S IDS A . -4.14 -0.39 8.40
C1 SGN A . -6.98 4.90 8.51
C2 SGN A . -7.64 3.86 7.58
C3 SGN A . -7.84 4.46 6.18
C4 SGN A . -8.62 5.78 6.30
C5 SGN A . -7.88 6.71 7.29
C6 SGN A . -8.57 8.05 7.55
N2 SGN A . -6.81 2.66 7.53
O3 SGN A . -8.59 3.58 5.39
O4 SGN A . -8.64 6.38 5.01
O5 SGN A . -7.75 6.07 8.55
O6 SGN A . -9.53 7.88 8.57
S1 SGN A . -7.45 1.24 8.05
O1S SGN A . -8.42 1.54 9.07
O2S SGN A . -8.02 0.62 6.90
O3S SGN A . -6.33 0.51 8.57
S2 SGN A . -10.45 8.97 9.21
O4S SGN A . -11.74 8.85 8.60
O5S SGN A . -10.48 8.62 10.61
O6S SGN A . -9.81 10.22 8.96
C1 IDS A . -9.84 6.31 4.30
C2 IDS A . -10.06 7.67 3.61
C3 IDS A . -10.94 7.50 2.37
C4 IDS A . -10.32 6.50 1.39
C5 IDS A . -9.34 5.57 2.12
C6 IDS A . -8.99 4.30 1.34
O2 IDS A . -10.72 8.52 4.52
O3 IDS A . -11.08 8.75 1.72
O4 IDS A . -11.37 5.71 0.84
O5 IDS A . -9.87 5.24 3.38
O6A IDS A . -9.00 4.30 0.13
O6B IDS A . -8.66 3.28 1.90
S IDS A . -10.26 9.92 5.04
O1S IDS A . -11.21 10.24 6.07
O2S IDS A . -8.93 9.78 5.56
O3S IDS A . -10.34 10.80 3.91
C1 SGN A . -11.76 5.99 -0.46
C2 SGN A . -13.29 5.94 -0.59
C3 SGN A . -13.79 4.50 -0.39
C4 SGN A . -13.05 3.55 -1.34
C5 SGN A . -11.53 3.73 -1.14
C6 SGN A . -10.65 2.89 -2.08
N2 SGN A . -13.90 6.85 0.37
O3 SGN A . -15.16 4.43 -0.67
O4 SGN A . -13.43 2.23 -1.00
O5 SGN A . -11.17 5.10 -1.36
O6 SGN A . -10.51 3.59 -3.30
S1 SGN A . -14.05 8.43 -0.04
O1S SGN A . -12.84 9.10 0.34
O2S SGN A . -14.30 8.46 -1.44
O3S SGN A . -15.16 8.90 0.74
S2 SGN A . -9.52 3.25 -4.47
O4S SGN A . -9.12 1.89 -4.31
O5S SGN A . -10.31 3.45 -5.66
O6S SGN A . -8.45 4.18 -4.38
C1 IDS A . -12.90 1.20 -1.78
C2 IDS A . -12.89 -0.09 -0.93
C3 IDS A . -12.94 -1.32 -1.82
C4 IDS A . -14.17 -1.29 -2.74
C5 IDS A . -14.67 0.16 -2.91
C6 IDS A . -15.61 0.35 -4.09
O2 IDS A . -11.70 -0.12 -0.17
O3 IDS A . -12.99 -2.49 -1.02
O4 IDS A . -13.77 -1.77 -4.02
O5 IDS A . -13.57 1.02 -2.99
O6A IDS A . -16.69 -0.19 -4.12
O6B IDS A . -15.32 1.06 -5.02
S IDS A . -11.29 0.79 1.02
O1S IDS A . -9.87 0.99 0.84
O2S IDS A . -12.03 2.02 0.93
O3S IDS A . -11.59 0.04 2.20
C1 SGN A . -14.54 -2.81 -4.57
C2 SGN A . -13.78 -4.14 -4.49
C3 SGN A . -12.54 -4.09 -5.40
C4 SGN A . -12.97 -3.70 -6.83
C5 SGN A . -13.75 -2.38 -6.76
C6 SGN A . -14.31 -1.89 -8.10
N2 SGN A . -13.40 -4.41 -3.09
O3 SGN A . -11.94 -5.37 -5.45
O4 SGN A . -11.78 -3.53 -7.59
O5 SGN A . -14.87 -2.52 -5.90
O6 SGN A . -14.68 -3.01 -8.88
S1 SGN A . -14.05 -5.70 -2.34
O1S SGN A . -15.36 -5.92 -2.90
O2S SGN A . -13.15 -6.79 -2.56
O3S SGN A . -14.12 -5.32 -0.96
S2 SGN A . -14.91 -3.06 -10.42
O4S SGN A . -13.86 -2.31 -11.04
O5S SGN A . -14.85 -4.46 -10.74
O6S SGN A . -16.21 -2.50 -10.65
C1 IDS A . -11.63 -4.33 -8.72
C2 IDS A . -11.14 -3.43 -9.86
C3 IDS A . -10.37 -4.26 -10.90
C4 IDS A . -9.19 -5.00 -10.25
C5 IDS A . -9.43 -5.14 -8.73
C6 IDS A . -8.54 -6.18 -8.07
O2 IDS A . -12.27 -2.86 -10.50
O3 IDS A . -9.88 -3.41 -11.92
O4 IDS A . -9.12 -6.29 -10.82
O5 IDS A . -10.79 -5.42 -8.50
O6A IDS A . -7.37 -5.96 -7.87
O6B IDS A . -8.97 -7.26 -7.71
S IDS A . -13.06 -1.58 -10.09
O1S IDS A . -14.21 -1.60 -10.94
O2S IDS A . -13.40 -1.71 -8.70
O3S IDS A . -12.19 -0.48 -10.36
C1 SGN A . -9.13 -6.37 -12.21
C2 SGN A . -10.37 -7.15 -12.70
C3 SGN A . -10.26 -8.63 -12.27
C4 SGN A . -8.92 -9.20 -12.76
C5 SGN A . -7.77 -8.31 -12.24
C6 SGN A . -6.37 -8.73 -12.70
N2 SGN A . -11.57 -6.52 -12.17
O3 SGN A . -11.30 -9.36 -12.86
O4 SGN A . -8.80 -10.51 -12.21
O5 SGN A . -7.96 -6.98 -12.69
O6 SGN A . -6.04 -8.00 -13.86
S1 SGN A . -12.90 -6.43 -13.14
O1S SGN A . -12.50 -6.77 -14.46
O2S SGN A . -13.86 -7.33 -12.57
O3S SGN A . -13.31 -5.06 -13.03
S2 SGN A . -4.73 -8.12 -14.71
O4S SGN A . -4.96 -9.11 -15.72
O5S SGN A . -4.55 -6.80 -15.26
O6S SGN A . -3.68 -8.47 -13.80
C1 IDS A . -9.04 -11.58 -13.07
C2 IDS A . -9.01 -12.87 -12.24
C3 IDS A . -9.84 -13.96 -12.90
C4 IDS A . -11.28 -13.49 -13.14
C5 IDS A . -11.35 -11.95 -13.14
C6 IDS A . -12.63 -11.39 -13.76
O2 IDS A . -7.68 -13.32 -12.13
O3 IDS A . -9.86 -15.12 -12.10
O4 IDS A . -11.70 -13.96 -14.42
O5 IDS A . -10.21 -11.45 -13.81
O6A IDS A . -13.71 -11.83 -13.45
O6B IDS A . -12.60 -10.48 -14.57
S IDS A . -6.56 -12.81 -11.17
O1S IDS A . -5.53 -13.80 -11.28
O2S IDS A . -6.13 -11.52 -11.62
O3S IDS A . -7.16 -12.79 -9.86
C1 SGN A . -12.58 -15.05 -14.44
C2 SGN A . -12.70 -15.61 -15.87
C3 SGN A . -13.39 -14.59 -16.77
C4 SGN A . -14.74 -14.18 -16.14
C5 SGN A . -14.47 -13.67 -14.72
C6 SGN A . -15.74 -13.28 -13.94
N2 SGN A . -11.37 -15.97 -16.37
O3 SGN A . -13.66 -15.18 -18.03
O4 SGN A . -15.26 -13.12 -16.95
O5 SGN A . -13.83 -14.68 -13.95
O6 SGN A . -16.71 -14.27 -14.10
S1 SGN A . -11.19 -17.33 -17.23
O1S SGN A . -11.13 -18.44 -16.32
O2S SGN A . -12.33 -17.40 -18.12
O3S SGN A . -9.96 -17.16 -17.95
S2 SGN A . -18.05 -14.45 -13.31
O4S SGN A . -19.00 -13.53 -13.88
O5S SGN A . -18.42 -15.82 -13.54
O6S SGN A . -17.74 -14.17 -11.94
C1 IDS A . -16.46 -13.38 -17.62
C2 IDS A . -16.38 -12.67 -18.99
C3 IDS A . -17.29 -13.37 -20.00
C4 IDS A . -16.93 -14.85 -20.13
C5 IDS A . -16.16 -15.33 -18.88
C6 IDS A . -16.12 -16.85 -18.73
O2 IDS A . -16.82 -11.34 -18.83
O3 IDS A . -17.17 -12.75 -21.26
O4 IDS A . -18.13 -15.60 -20.23
O5 IDS A . -16.73 -14.74 -17.73
O6A IDS A . -15.27 -17.50 -19.31
O6B IDS A . -16.88 -17.45 -18.02
S IDS A . -16.22 -10.22 -17.92
O1S IDS A . -16.63 -9.00 -18.56
O2S IDS A . -16.78 -10.37 -16.62
O3S IDS A . -14.80 -10.41 -17.97
C1 SGN A . -18.64 -15.81 -21.52
C2 SGN A . -20.18 -15.67 -21.52
C3 SGN A . -20.81 -16.81 -20.71
C4 SGN A . -20.30 -18.16 -21.24
C5 SGN A . -18.76 -18.15 -21.23
C6 SGN A . -18.10 -19.42 -21.79
N2 SGN A . -20.55 -14.36 -20.97
O3 SGN A . -22.21 -16.78 -20.86
O4 SGN A . -20.79 -19.16 -20.37
O5 SGN A . -18.28 -17.07 -22.00
O6 SGN A . -17.74 -19.17 -23.13
S1 SGN A . -20.63 -13.09 -22.00
O1S SGN A . -20.13 -13.50 -23.27
O2S SGN A . -22.01 -12.69 -22.02
O3S SGN A . -19.79 -12.09 -21.39
S2 SGN A . -16.96 -20.14 -24.10
O4S SGN A . -17.92 -20.95 -24.76
O5S SGN A . -16.27 -19.25 -24.99
O6S SGN A . -16.06 -20.89 -23.26
C1 IDS A . -21.14 -20.39 -20.95
C2 IDS A . -20.58 -21.51 -20.04
C3 IDS A . -21.40 -22.79 -20.21
C4 IDS A . -22.88 -22.54 -19.88
C5 IDS A . -23.21 -21.04 -20.02
C6 IDS A . -24.69 -20.74 -20.12
O2 IDS A . -19.25 -21.78 -20.45
O3 IDS A . -20.90 -23.79 -19.34
O4 IDS A . -23.66 -23.26 -20.82
O5 IDS A . -22.52 -20.52 -21.15
O6A IDS A . -25.45 -21.06 -19.23
O6B IDS A . -25.17 -20.16 -21.08
S IDS A . -17.93 -21.21 -19.84
O1S IDS A . -16.89 -21.78 -20.66
O2S IDS A . -17.97 -19.78 -19.94
O3S IDS A . -17.88 -21.69 -18.49
C1 SGN A . -24.42 -24.32 -20.33
C2 SGN A . -23.87 -25.66 -20.85
C3 SGN A . -24.08 -25.76 -22.36
C4 SGN A . -25.56 -25.54 -22.69
C5 SGN A . -25.99 -24.19 -22.08
C6 SGN A . -27.47 -23.83 -22.28
N2 SGN A . -22.45 -25.78 -20.50
O3 SGN A . -23.72 -27.06 -22.80
O4 SGN A . -25.67 -25.48 -24.11
O5 SGN A . -25.76 -24.19 -20.68
O6 SGN A . -28.21 -25.03 -22.41
S1 SGN A . -22.01 -26.83 -19.32
O1S SGN A . -23.11 -26.94 -18.40
O2S SGN A . -21.71 -28.06 -19.97
O3S SGN A . -20.86 -26.23 -18.71
S2 SGN A . -29.61 -25.36 -21.79
O4S SGN A . -30.61 -24.94 -22.73
O5S SGN A . -29.58 -26.79 -21.62
O6S SGN A . -29.66 -24.66 -20.54
C1 IDS A . -26.00 -26.68 -24.76
C2 IDS A . -25.28 -26.67 -26.13
C3 IDS A . -25.05 -28.11 -26.61
C4 IDS A . -24.24 -28.91 -25.57
C5 IDS A . -24.36 -28.26 -24.18
C6 IDS A . -23.95 -29.18 -23.04
O2 IDS A . -26.11 -26.02 -27.06
O3 IDS A . -24.34 -28.09 -27.83
O4 IDS A . -24.79 -30.22 -25.51
O5 IDS A . -25.68 -27.81 -24.00
O6A IDS A . -23.00 -29.94 -23.17
O6B IDS A . -24.52 -29.18 -21.98
S IDS A . -25.81 -24.71 -27.86
O1S IDS A . -27.10 -24.26 -28.30
O2S IDS A . -25.17 -23.78 -26.98
O3S IDS A . -24.97 -25.12 -28.95
C1 SGN A . -24.31 -31.14 -26.45
C2 SGN A . -25.48 -31.91 -27.09
C3 SGN A . -26.16 -32.80 -26.03
C4 SGN A . -25.11 -33.71 -25.36
C5 SGN A . -23.97 -32.82 -24.81
C6 SGN A . -22.82 -33.58 -24.16
N2 SGN A . -26.43 -30.97 -27.67
O3 SGN A . -27.12 -33.63 -26.66
O4 SGN A . -25.75 -34.38 -24.30
O5 SGN A . -23.41 -32.04 -25.86
O6 SGN A . -22.91 -34.95 -24.53
S1 SGN A . -26.02 -30.22 -29.08
O1S SGN A . -24.83 -29.47 -28.84
O2S SGN A . -25.86 -31.26 -30.05
O3S SGN A . -27.13 -29.36 -29.36
S2 SGN A . -21.80 -36.04 -24.38
O4S SGN A . -21.43 -36.09 -23.00
O5S SGN A . -22.45 -37.24 -24.82
O6S SGN A . -20.74 -35.65 -25.26
C1 IDS A . -25.33 -35.69 -24.02
C2 IDS A . -25.38 -35.88 -22.50
C3 IDS A . -25.55 -37.37 -22.15
C4 IDS A . -26.81 -37.95 -22.83
C5 IDS A . -27.22 -37.08 -24.03
C6 IDS A . -28.19 -37.77 -24.98
O2 IDS A . -24.16 -35.43 -21.95
O3 IDS A . -25.66 -37.52 -20.76
O5 IDS A . -26.06 -36.66 -24.72
O6A IDS A . -28.68 -38.84 -24.70
O6B IDS A . -28.51 -37.27 -26.04
S IDS A . -23.95 -34.52 -20.69
O1S IDS A . -22.62 -34.82 -20.26
O2S IDS A . -24.09 -33.16 -21.12
O3S IDS A . -24.95 -34.92 -19.74
C1 SGN A . 32.09 33.94 23.41
C2 SGN A . 31.92 32.76 24.38
C3 SGN A . 32.68 31.53 23.85
C4 SGN A . 32.23 31.24 22.42
C5 SGN A . 32.42 32.50 21.57
C6 SGN A . 31.98 32.37 20.11
N2 SGN A . 32.37 33.14 25.71
O1 SGN A . 33.42 34.38 23.41
O3 SGN A . 32.36 30.42 24.66
O4 SGN A . 33.07 30.19 21.94
O5 SGN A . 31.69 33.57 22.12
O6 SGN A . 30.68 32.93 19.98
S1 SGN A . 31.28 33.31 26.91
O1S SGN A . 30.85 34.67 26.95
O2S SGN A . 30.21 32.39 26.61
O3S SGN A . 31.98 32.94 28.11
S2 SGN A . 30.04 33.59 18.71
O4S SGN A . 30.74 33.07 17.57
O5S SGN A . 28.68 33.18 18.75
O6S SGN A . 30.20 35.00 18.87
C1 IDS A . 32.44 29.01 21.52
C2 IDS A . 33.24 28.43 20.34
C3 IDS A . 33.05 26.93 20.24
C4 IDS A . 33.45 26.24 21.56
C5 IDS A . 33.41 27.24 22.72
C6 IDS A . 33.39 26.58 24.10
O2 IDS A . 32.76 29.03 19.15
O3 IDS A . 33.84 26.41 19.18
O4 IDS A . 32.51 25.20 21.81
O5 IDS A . 32.29 28.09 22.56
O6A IDS A . 33.64 25.41 24.23
O6B IDS A . 33.15 27.21 25.10
S IDS A . 32.92 30.51 18.67
O1S IDS A . 32.52 30.48 17.29
O2S IDS A . 32.06 31.32 19.47
O3S IDS A . 34.31 30.83 18.84
C1 SGN A . 32.52 24.10 20.96
C2 SGN A . 31.49 24.29 19.82
C3 SGN A . 30.07 24.26 20.39
C4 SGN A . 29.87 22.97 21.21
C5 SGN A . 30.97 22.89 22.28
C6 SGN A . 30.94 21.62 23.14
N2 SGN A . 31.77 25.54 19.12
O3 SGN A . 29.14 24.27 19.32
O4 SGN A . 28.59 23.08 21.83
O5 SGN A . 32.25 22.92 21.65
O6 SGN A . 31.37 20.53 22.35
S1 SGN A . 32.61 25.49 17.72
O1S SGN A . 34.00 25.68 18.04
O2S SGN A . 32.32 24.22 17.12
O3S SGN A . 32.10 26.59 16.95
S2 SGN A . 31.71 19.09 22.85
O4S SGN A . 30.50 18.49 23.31
O5S SGN A . 32.22 18.43 21.68
O6S SGN A . 32.70 19.24 23.87
C1 IDS A . 27.62 22.17 21.42
C2 IDS A . 26.25 22.71 21.89
C3 IDS A . 25.13 22.18 21.00
C4 IDS A . 25.37 22.55 19.53
C5 IDS A . 26.87 22.84 19.29
C6 IDS A . 27.28 22.82 17.82
O2 IDS A . 26.02 22.26 23.21
O3 IDS A . 23.89 22.73 21.41
O4 IDS A . 25.01 21.44 18.73
O5 IDS A . 27.64 21.93 20.04
O6A IDS A . 26.88 23.66 17.06
O6B IDS A . 28.02 21.97 17.39
S IDS A . 26.72 22.74 24.53
O1S IDS A . 26.97 21.54 25.26
O2S IDS A . 27.92 23.43 24.17
O3S IDS A . 25.75 23.59 25.18
C1 SGN A . 23.79 20.82 19.02
C2 SGN A . 23.62 19.54 18.20
C3 SGN A . 23.48 19.87 16.71
C4 SGN A . 22.35 20.89 16.52
C5 SGN A . 22.61 22.10 17.43
C6 SGN A . 21.52 23.18 17.39
N2 SGN A . 24.76 18.65 18.44
O3 SGN A . 23.16 18.70 16.00
O4 SGN A . 22.35 21.28 15.16
O5 SGN A . 22.72 21.69 18.78
O6 SGN A . 20.29 22.57 17.04
S1 SGN A . 24.48 17.15 19.04
O1S SGN A . 24.09 17.27 20.41
O2S SGN A . 23.47 16.57 18.20
O3S SGN A . 25.75 16.47 18.91
S2 SGN A . 18.85 23.06 17.42
O4S SGN A . 18.40 23.92 16.37
O5S SGN A . 18.09 21.84 17.49
O6S SGN A . 18.97 23.71 18.69
C1 IDS A . 21.16 21.11 14.44
C2 IDS A . 21.36 21.79 13.07
C3 IDS A . 20.43 21.15 12.03
C4 IDS A . 20.68 19.64 11.93
C5 IDS A . 21.34 19.12 13.22
C6 IDS A . 21.27 17.61 13.38
O2 IDS A . 21.02 23.15 13.19
O3 IDS A . 20.65 21.74 10.77
O4 IDS A . 19.41 19.00 11.79
O5 IDS A . 20.77 19.77 14.33
O6A IDS A . 21.85 16.87 12.63
O6B IDS A . 20.63 17.10 14.28
S IDS A . 21.78 24.27 13.98
O1S IDS A . 20.96 25.44 13.81
O2S IDS A . 21.87 23.86 15.35
O3S IDS A . 23.06 24.39 13.34
C1 SGN A . 19.25 18.16 10.68
C2 SGN A . 17.92 18.47 9.97
C3 SGN A . 16.74 18.09 10.87
C4 SGN A . 16.88 16.62 11.32
C5 SGN A . 18.26 16.44 11.98
C6 SGN A . 18.57 15.02 12.44
N2 SGN A . 17.89 19.88 9.59
O3 SGN A . 15.54 18.21 10.14
O4 SGN A . 15.85 16.38 12.26
O5 SGN A . 19.29 16.82 11.08
O6 SGN A . 18.72 14.20 11.29
S1 SGN A . 17.36 20.29 8.10
O1S SGN A . 18.37 19.92 7.16
O2S SGN A . 16.12 19.59 7.91
O3S SGN A . 17.17 21.71 8.16
S2 SGN A . 18.95 12.66 11.26
O4S SGN A . 18.60 12.14 12.55
O5S SGN A . 18.04 12.19 10.24
O6S SGN A . 20.32 12.45 10.91
C1 IDS A . 15.72 15.08 12.74
C2 IDS A . 14.65 15.07 13.84
C3 IDS A . 14.01 13.69 13.96
C4 IDS A . 13.41 13.24 12.62
C5 IDS A . 14.06 14.00 11.46
C6 IDS A . 13.84 13.36 10.09
O2 IDS A . 15.27 15.39 15.07
O3 IDS A . 12.98 13.72 14.93
O4 IDS A . 13.69 11.86 12.47
O5 IDS A . 15.44 14.15 11.72
O6A IDS A . 12.88 12.66 9.90
O6B IDS A . 14.61 13.55 9.18
S IDS A . 14.68 16.20 16.27
O1S IDS A . 15.82 16.52 17.08
O2S IDS A . 14.04 17.37 15.74
O3S IDS A . 13.77 15.31 16.92
C1 SGN A . 12.82 10.96 13.09
C2 SGN A . 13.56 9.67 13.47
C3 SGN A . 13.96 8.92 12.20
C4 SGN A . 12.73 8.68 11.32
C5 SGN A . 12.06 10.04 11.06
C6 SGN A . 10.76 9.97 10.23
N2 SGN A . 14.73 10.00 14.30
O3 SGN A . 14.50 7.65 12.56
O4 SGN A . 13.18 8.12 10.10
O5 SGN A . 11.72 10.66 12.28
O6 SGN A . 10.29 8.65 10.24
S1 SGN A . 14.50 10.81 15.70
O1S SGN A . 13.63 11.92 15.43
O2S SGN A . 13.95 9.87 16.62
O3S SGN A . 15.81 11.25 16.08
S2 SGN A . 9.67 7.85 9.05
O4S SGN A . 10.71 7.07 8.47
O5S SGN A . 8.66 7.04 9.67
O6S SGN A . 9.13 8.83 8.16
C1 IDS A . 12.44 7.07 9.57
C2 IDS A . 13.30 6.37 8.50
C3 IDS A . 12.87 4.92 8.32
C4 IDS A . 12.96 4.16 9.66
C5 IDS A . 12.92 5.15 10.84
C6 IDS A . 12.60 4.49 12.18
O2 IDS A . 13.10 7.06 7.27
O3 IDS A . 13.70 4.28 7.38
O4 IDS A . 11.83 3.31 9.75
O5 IDS A . 11.99 6.17 10.55
O6A IDS A . 13.45 3.89 12.78
O6B IDS A . 11.50 4.57 12.67
S IDS A . 13.71 8.40 6.80
O1S IDS A . 13.58 8.38 5.37
O2S IDS A . 12.94 9.46 7.41
O3S IDS A . 15.08 8.39 7.23
C1 SGN A . 11.94 2.05 9.14
C2 SGN A . 10.59 1.60 8.58
C3 SGN A . 9.61 1.34 9.74
C4 SGN A . 10.23 0.34 10.74
C5 SGN A . 11.60 0.88 11.17
C6 SGN A . 12.38 -0.03 12.12
N2 SGN A . 10.06 2.62 7.67
O3 SGN A . 8.42 0.77 9.23
O4 SGN A . 9.36 0.26 11.85
O5 SGN A . 12.43 1.10 10.04
O6 SGN A . 12.42 -1.33 11.58
S1 SGN A . 10.96 3.02 6.36
O1S SGN A . 12.33 2.77 6.66
O2S SGN A . 10.46 2.23 5.27
O3S SGN A . 10.71 4.43 6.18
S2 SGN A . 12.26 -2.68 12.35
O4S SGN A . 10.86 -2.88 12.60
O5S SGN A . 12.80 -3.66 11.44
O6S SGN A . 13.05 -2.55 13.54
C1 IDS A . 8.36 -0.72 11.80
C2 IDS A . 7.64 -0.72 13.16
C3 IDS A . 6.21 -1.26 13.00
C4 IDS A . 5.43 -0.44 11.96
C5 IDS A . 6.40 0.29 11.01
C6 IDS A . 5.75 0.79 9.72
O2 IDS A . 8.34 -1.56 14.05
O3 IDS A . 5.54 -1.19 14.25
O4 IDS A . 4.65 -1.34 11.20
O5 IDS A . 7.49 -0.56 10.73
O6A IDS A . 4.75 1.47 9.77
O6B IDS A . 6.21 0.53 8.64
S IDS A . 9.48 -1.18 15.04
O1S IDS A . 9.52 -2.28 15.97
O2S IDS A . 10.70 -1.06 14.29
O3S IDS A . 9.07 0.05 15.65
C1 SGN A . 3.26 -1.11 11.16
C2 SGN A . 2.55 -2.30 10.50
C3 SGN A . 2.93 -2.38 9.02
C4 SGN A . 2.65 -1.03 8.33
C5 SGN A . 3.39 0.07 9.11
C6 SGN A . 3.17 1.49 8.59
N2 SGN A . 2.88 -3.53 11.22
O3 SGN A . 2.12 -3.36 8.38
O4 SGN A . 3.15 -1.13 7.01
O5 SGN A . 2.99 0.07 10.47
O6 SGN A . 1.81 1.81 8.72
S1 SGN A . 1.67 -4.52 11.68
O1S SGN A . 0.76 -3.77 12.48
O2S SGN A . 1.08 -5.03 10.47
O3S SGN A . 2.32 -5.55 12.44
S2 SGN A . 0.97 2.76 7.81
O4S SGN A . 1.37 2.53 6.45
O5S SGN A . -0.39 2.37 8.04
O6S SGN A . 1.24 4.10 8.26
C1 IDS A . 2.37 -0.58 5.99
C2 IDS A . 2.75 -1.29 4.68
C3 IDS A . 1.58 -1.25 3.70
C4 IDS A . 0.33 -1.89 4.30
C5 IDS A . 0.41 -1.88 5.84
C6 IDS A . -0.93 -2.10 6.54
O2 IDS A . 3.85 -0.62 4.10
O3 IDS A . 1.93 -1.96 2.51
O4 IDS A . -0.79 -1.09 3.91
O5 IDS A . 1.00 -0.66 6.26
O6A IDS A . -1.60 -3.06 6.28
O6B IDS A . -1.34 -1.33 7.38
S IDS A . 5.14 -1.23 3.46
O1S IDS A . 5.50 -0.28 2.44
O2S IDS A . 6.12 -1.34 4.49
O3S IDS A . 4.73 -2.49 2.92
C1 SGN A . -1.14 -1.11 2.57
C2 SGN A . -0.37 -0.03 1.80
C3 SGN A . -0.82 1.37 2.25
C4 SGN A . -2.35 1.48 2.12
C5 SGN A . -2.99 0.32 2.89
C6 SGN A . -4.53 0.26 2.81
N2 SGN A . 1.07 -0.20 2.01
O3 SGN A . -0.23 2.34 1.43
O4 SGN A . -2.73 2.72 2.69
O5 SGN A . -2.51 -0.93 2.40
O6 SGN A . -4.92 0.53 1.47
S1 SGN A . 1.74 -1.64 1.59
O1S SGN A . 1.36 -2.61 2.57
O2S SGN A . 1.27 -1.95 0.28
O3S SGN A . 3.16 -1.39 1.61
S2 SGN A . -6.15 -0.03 0.71
O4S SGN A . -7.24 -0.11 1.65
O5S SGN A . -6.40 0.92 -0.32
O6S SGN A . -5.76 -1.32 0.20
C1 IDS A . -4.03 3.16 2.44
C2 IDS A . -3.97 4.66 2.12
C3 IDS A . -5.15 5.09 1.26
C4 IDS A . -5.21 4.26 -0.03
C5 IDS A . -4.43 2.93 0.14
C6 IDS A . -4.76 1.89 -0.91
O2 IDS A . -4.02 5.39 3.34
O3 IDS A . -5.04 6.45 0.93
O4 IDS A . -6.56 3.94 -0.29
O5 IDS A . -4.67 2.43 1.44
O6A IDS A . -5.57 2.11 -1.78
O6B IDS A . -4.21 0.80 -0.92
S IDS A . -2.90 5.56 4.42
O1S IDS A . -3.55 5.22 5.66
O2S IDS A . -1.84 4.65 4.09
O3S IDS A . -2.50 6.93 4.35
C1 SGN A . -7.05 4.27 -1.57
C2 SGN A . -8.26 5.22 -1.45
C3 SGN A . -9.45 4.48 -0.80
C4 SGN A . -9.74 3.19 -1.58
C5 SGN A . -8.45 2.36 -1.66
C6 SGN A . -8.57 1.05 -2.46
N2 SGN A . -7.88 6.40 -0.68
O3 SGN A . -10.60 5.31 -0.86
O4 SGN A . -10.74 2.48 -0.85
O5 SGN A . -7.42 3.12 -2.28
O6 SGN A . -9.23 1.33 -3.67
S1 SGN A . -7.86 7.86 -1.43
O1S SGN A . -6.94 7.77 -2.52
O2S SGN A . -9.21 8.11 -1.85
O3S SGN A . -7.42 8.77 -0.42
S2 SGN A . -10.36 0.48 -4.35
O4S SGN A . -11.62 0.94 -3.83
O5S SGN A . -10.21 0.76 -5.75
O6S SGN A . -10.08 -0.89 -4.03
C1 IDS A . -11.22 1.31 -1.43
C2 IDS A . -11.55 0.32 -0.30
C3 IDS A . -12.63 -0.67 -0.74
C4 IDS A . -13.90 0.07 -1.20
C5 IDS A . -13.56 1.53 -1.59
C6 IDS A . -14.64 2.20 -2.43
O2 IDS A . -10.38 -0.40 0.02
O3 IDS A . -12.96 -1.53 0.33
O4 IDS A . -14.40 -0.60 -2.34
O5 IDS A . -12.32 1.54 -2.27
O6A IDS A . -15.61 2.69 -1.90
O6B IDS A . -14.54 2.29 -3.64
S IDS A . -9.83 -0.78 1.43
O1S IDS A . -8.42 -0.88 1.24
O2S IDS A . -10.19 0.27 2.34
O3S IDS A . -10.44 -2.04 1.75
C1 SGN A . -14.87 -1.90 -2.16
C2 SGN A . -14.25 -2.86 -3.20
C3 SGN A . -14.76 -2.49 -4.60
C4 SGN A . -16.31 -2.50 -4.60
C5 SGN A . -16.80 -1.55 -3.48
C6 SGN A . -18.32 -1.49 -3.32
N2 SGN A . -12.80 -2.77 -3.13
O3 SGN A . -14.33 -3.47 -5.51
O4 SGN A . -16.72 -2.02 -5.86
O5 SGN A . -16.26 -1.95 -2.23
O6 SGN A . -18.70 -2.47 -2.39
S1 SGN A . -11.99 -3.79 -2.15
O1S SGN A . -12.94 -4.45 -1.31
O2S SGN A . -11.26 -4.68 -3.00
O3S SGN A . -11.12 -2.94 -1.38
S2 SGN A . -20.00 -3.34 -2.43
O4S SGN A . -20.04 -3.98 -3.71
O5S SGN A . -19.81 -4.29 -1.35
O6S SGN A . -21.10 -2.45 -2.19
C1 IDS A . -16.97 -2.98 -6.85
C2 IDS A . -17.64 -2.26 -8.04
C3 IDS A . -17.38 -3.02 -9.34
C4 IDS A . -15.86 -3.18 -9.58
C5 IDS A . -15.09 -3.04 -8.26
C6 IDS A . -13.67 -3.58 -8.32
O2 IDS A . -19.03 -2.22 -7.82
O3 IDS A . -17.94 -2.33 -10.43
O4 IDS A . -15.64 -4.49 -10.09
O5 IDS A . -15.82 -3.68 -7.23
O6A IDS A . -12.77 -2.89 -8.74
O6B IDS A . -13.39 -4.70 -7.93
S IDS A . -20.01 -1.02 -8.00
O1S IDS A . -21.04 -1.25 -7.03
O2S IDS A . -19.28 0.19 -7.76
O3S IDS A . -20.49 -1.12 -9.36
C1 SGN A . -15.19 -4.59 -11.42
C2 SGN A . -15.70 -5.88 -12.08
C3 SGN A . -15.06 -7.10 -11.39
C4 SGN A . -13.53 -6.96 -11.42
C5 SGN A . -13.15 -5.61 -10.77
C6 SGN A . -11.66 -5.29 -10.78
N2 SGN A . -17.16 -5.92 -11.98
O3 SGN A . -15.41 -8.26 -12.11
O4 SGN A . -13.01 -8.03 -10.65
O5 SGN A . -13.79 -4.55 -11.46
O6 SGN A . -11.01 -6.13 -11.73
S1 SGN A . -18.03 -5.83 -13.36
O1S SGN A . -17.24 -5.17 -14.36
O2S SGN A . -18.38 -7.18 -13.71
O3S SGN A . -19.19 -5.04 -13.01
S2 SGN A . -9.53 -6.58 -11.73
O4S SGN A . -9.17 -6.89 -10.38
O5S SGN A . -9.52 -7.74 -12.58
O6S SGN A . -8.77 -5.50 -12.29
C1 IDS A . -12.54 -9.15 -11.36
C2 IDS A . -11.60 -9.93 -10.43
C3 IDS A . -11.54 -11.41 -10.83
C4 IDS A . -12.96 -12.02 -10.82
C5 IDS A . -14.03 -10.92 -10.95
C6 IDS A . -15.41 -11.43 -11.35
O2 IDS A . -10.30 -9.38 -10.55
O3 IDS A . -10.72 -12.12 -9.94
O4 IDS A . -13.06 -12.88 -11.95
O5 IDS A . -13.57 -9.94 -11.86
O6A IDS A . -16.09 -12.04 -10.56
O6B IDS A . -15.86 -11.23 -12.45
S IDS A . -9.20 -9.25 -9.44
O1S IDS A . -8.05 -8.75 -10.15
O2S IDS A . -9.68 -8.32 -8.47
O3S IDS A . -9.00 -10.57 -8.93
C1 SGN A . -12.55 -14.17 -11.81
C2 SGN A . -11.29 -14.35 -12.69
C3 SGN A . -11.69 -14.28 -14.17
C4 SGN A . -12.80 -15.32 -14.45
C5 SGN A . -13.96 -15.05 -13.49
C6 SGN A . -15.13 -16.04 -13.60
N2 SGN A . -10.32 -13.32 -12.35
O3 SGN A . -10.57 -14.62 -14.97
O4 SGN A . -13.22 -15.11 -15.79
O5 SGN A . -13.51 -15.13 -12.15
O6 SGN A . -14.61 -17.33 -13.80
S1 SGN A . -8.99 -13.74 -11.50
O1S SGN A . -9.41 -14.57 -10.41
O2S SGN A . -8.13 -14.43 -12.42
O3S SGN A . -8.43 -12.49 -11.05
S2 SGN A . -15.27 -18.69 -13.40
O4S SGN A . -16.69 -18.54 -13.54
O5S SGN A . -14.72 -19.64 -14.33
O6S SGN A . -14.86 -18.95 -12.05
C1 IDS A . -14.10 -16.05 -16.32
C2 IDS A . -14.55 -15.54 -17.71
C3 IDS A . -14.97 -16.72 -18.60
C4 IDS A . -13.84 -17.74 -18.74
C5 IDS A . -12.84 -17.60 -17.57
C6 IDS A . -11.92 -18.79 -17.38
O2 IDS A . -15.66 -14.69 -17.55
O3 IDS A . -15.33 -16.23 -19.88
O4 IDS A . -14.41 -19.03 -18.69
O5 IDS A . -13.56 -17.34 -16.39
O6A IDS A . -11.02 -19.00 -18.17
O6B IDS A . -12.06 -19.57 -16.47
S IDS A . -16.00 -13.36 -18.30
O1S IDS A . -16.96 -12.71 -17.46
O2S IDS A . -14.77 -12.62 -18.43
O3S IDS A . -16.54 -13.77 -19.56
C1 SGN A . -15.03 -19.49 -19.86
C2 SGN A . -16.50 -19.09 -19.88
C3 SGN A . -17.27 -19.81 -18.76
C4 SGN A . -17.05 -21.33 -18.89
C5 SGN A . -15.53 -21.61 -18.90
C6 SGN A . -15.13 -23.08 -19.09
N2 SGN A . -16.61 -17.63 -19.73
O3 SGN A . -18.65 -19.56 -18.90
O4 SGN A . -17.64 -21.94 -17.76
O5 SGN A . -14.91 -20.89 -19.96
O6 SGN A . -15.02 -23.34 -20.47
S1 SGN A . -17.41 -16.78 -20.88
O1S SGN A . -16.53 -16.59 -21.99
O2S SGN A . -18.58 -17.55 -21.20
O3S SGN A . -17.74 -15.54 -20.24
S2 SGN A . -14.54 -24.67 -21.14
O4S SGN A . -14.49 -25.67 -20.11
O5S SGN A . -15.54 -24.95 -22.12
O6S SGN A . -13.26 -24.38 -21.71
C1 IDS A . -18.36 -23.12 -17.97
C2 IDS A . -19.04 -23.51 -16.64
C3 IDS A . -20.28 -24.36 -16.91
C4 IDS A . -21.27 -23.62 -17.82
C5 IDS A . -20.53 -22.52 -18.63
C6 IDS A . -21.32 -22.01 -19.82
O2 IDS A . -18.12 -24.27 -15.89
O3 IDS A . -20.92 -24.66 -15.69
O4 IDS A . -21.82 -24.55 -18.73
O5 IDS A . -19.27 -23.02 -19.03
O6A IDS A . -22.43 -21.56 -19.69
O6B IDS A . -20.85 -22.03 -20.94
S IDS A . -16.95 -23.78 -14.97
O1S IDS A . -16.79 -24.82 -14.01
O2S IDS A . -15.80 -23.59 -15.79
O3S IDS A . -17.43 -22.56 -14.38
C1 SGN A . -23.21 -24.69 -18.75
C2 SGN A . -23.61 -26.12 -18.35
C3 SGN A . -23.16 -27.11 -19.43
C4 SGN A . -23.70 -26.66 -20.80
C5 SGN A . -23.26 -25.20 -21.05
C6 SGN A . -23.77 -24.59 -22.37
N2 SGN A . -23.04 -26.45 -17.05
O3 SGN A . -23.69 -28.38 -19.14
O4 SGN A . -23.13 -27.52 -21.77
O5 SGN A . -23.72 -24.37 -20.00
O6 SGN A . -24.97 -23.89 -22.10
S1 SGN A . -23.91 -27.34 -16.01
O1S SGN A . -25.09 -26.60 -15.66
O2S SGN A . -24.21 -28.57 -16.68
O3S SGN A . -23.05 -27.54 -14.87
S2 SGN A . -25.47 -22.57 -22.77
O4S SGN A . -25.59 -22.83 -24.17
O5S SGN A . -26.73 -22.32 -22.15
O6S SGN A . -24.49 -21.57 -22.46
C1 IDS A . -23.60 -27.40 -23.08
C2 IDS A . -22.56 -28.01 -24.03
C3 IDS A . -23.22 -28.48 -25.33
C4 IDS A . -24.32 -29.51 -25.03
C5 IDS A . -24.82 -29.36 -23.58
C6 IDS A . -26.17 -30.01 -23.31
O2 IDS A . -21.62 -27.01 -24.35
O3 IDS A . -22.25 -29.09 -26.15
O4 IDS A . -25.40 -29.24 -25.91
O5 IDS A . -24.87 -27.97 -23.26
O6A IDS A . -26.26 -31.22 -23.24
O6B IDS A . -27.18 -29.36 -23.16
S IDS A . -20.06 -27.09 -24.30
O1S IDS A . -19.64 -25.74 -24.05
O2S IDS A . -19.70 -27.97 -23.23
O3S IDS A . -19.65 -27.57 -25.59
C1 SGN A . -25.10 -29.01 -27.26
C2 SGN A . -24.84 -27.52 -27.50
C3 SGN A . -26.15 -26.74 -27.32
C4 SGN A . -27.24 -27.34 -28.21
C5 SGN A . -27.37 -28.84 -27.89
C6 SGN A . -28.38 -29.61 -28.74
N2 SGN A . -23.80 -27.03 -26.60
O3 SGN A . -25.95 -25.40 -27.72
O4 SGN A . -28.45 -26.68 -27.89
O5 SGN A . -26.11 -29.48 -28.08
O6 SGN A . -28.69 -28.83 -29.88
S1 SGN A . -22.26 -27.50 -26.87
O1S SGN A . -22.25 -28.90 -27.19
O2S SGN A . -21.76 -26.67 -27.93
O3S SGN A . -21.59 -27.25 -25.62
S2 SGN A . -28.93 -29.35 -31.33
O4S SGN A . -29.16 -30.75 -31.27
O5S SGN A . -30.10 -28.62 -31.77
O6S SGN A . -27.76 -29.00 -32.08
C1 IDS A . -28.80 -25.57 -28.66
C2 IDS A . -29.76 -24.71 -27.84
C3 IDS A . -29.70 -23.24 -28.30
C4 IDS A . -28.26 -22.70 -28.19
C5 IDS A . -27.25 -23.87 -28.19
C6 IDS A . -25.82 -23.44 -28.49
O2 IDS A . -31.09 -25.18 -28.05
O3 IDS A . -30.55 -22.45 -27.49
O5 IDS A . -27.68 -24.85 -29.10
O6A IDS A . -25.15 -22.88 -27.66
O6B IDS A . -25.31 -23.66 -29.57
S IDS A . -31.75 -26.47 -27.48
O1S IDS A . -33.15 -26.13 -27.41
O2S IDS A . -31.48 -27.54 -28.39
O3S IDS A . -31.16 -26.66 -26.18
C1 SGN A . 28.32 36.50 22.31
C2 SGN A . 27.90 35.41 21.32
C3 SGN A . 26.92 34.44 21.98
C4 SGN A . 27.53 33.90 23.29
C5 SGN A . 27.93 35.11 24.17
C6 SGN A . 28.62 34.74 25.50
N2 SGN A . 27.33 36.02 20.12
O1 SGN A . 27.22 37.34 22.61
O3 SGN A . 26.69 33.35 21.13
O4 SGN A . 26.53 33.14 23.94
O5 SGN A . 28.85 35.94 23.47
O6 SGN A . 29.23 33.47 25.35
S1 SGN A . 28.28 36.93 19.16
O1S SGN A . 29.45 37.29 19.90
O2S SGN A . 28.57 36.12 18.01
O3S SGN A . 27.48 38.08 18.83
S2 SGN A . 29.16 32.26 26.33
O4S SGN A . 27.93 31.57 26.06
O5S SGN A . 30.31 31.46 25.99
O6S SGN A . 29.23 32.81 27.66
C1 IDS A . 26.53 31.77 23.71
C2 IDS A . 25.06 31.31 23.58
C3 IDS A . 24.97 30.03 22.73
C4 IDS A . 25.59 30.26 21.35
C5 IDS A . 26.58 31.44 21.37
C6 IDS A . 27.53 31.48 20.19
O2 IDS A . 24.57 31.02 24.88
O3 IDS A . 23.62 29.66 22.57
O4 IDS A . 26.31 29.08 21.00
O5 IDS A . 27.30 31.40 22.59
O6A IDS A . 27.19 31.08 19.10
O6B IDS A . 28.66 31.93 20.29
S IDS A . 23.25 31.54 25.54
O1S IDS A . 23.51 31.40 26.95
O2S IDS A . 23.08 32.91 25.14
O3S IDS A . 22.21 30.67 25.07
C1 SGN A . 25.60 27.88 20.98
C2 SGN A . 26.09 26.94 22.09
C3 SGN A . 27.53 26.49 21.79
C4 SGN A . 27.59 25.87 20.38
C5 SGN A . 27.03 26.90 19.37
C6 SGN A . 26.98 26.41 17.92
N2 SGN A . 26.00 27.62 23.38
O3 SGN A . 27.91 25.49 22.72
O4 SGN A . 28.96 25.62 20.09
O5 SGN A . 25.70 27.26 19.73
O6 SGN A . 26.48 25.09 17.91
S1 SGN A . 24.53 27.83 24.06
O1S SGN A . 23.65 28.37 23.06
O2S SGN A . 24.12 26.54 24.54
O3S SGN A . 24.76 28.76 25.12
S2 SGN A . 27.05 23.88 17.09
O4S SGN A . 28.46 23.99 17.07
O5S SGN A . 26.59 22.73 17.81
O6S SGN A . 26.45 23.98 15.78
C1 IDS A . 29.24 24.85 18.97
C2 IDS A . 30.65 24.24 19.15
C3 IDS A . 30.78 22.96 18.33
C4 IDS A . 29.70 21.94 18.74
C5 IDS A . 28.50 22.66 19.40
C6 IDS A . 27.23 21.81 19.45
O2 IDS A . 31.59 25.17 18.68
O3 IDS A . 32.05 22.38 18.56
O4 IDS A . 29.24 21.30 17.55
O5 IDS A . 28.27 23.88 18.72
O6A IDS A . 27.21 20.77 20.05
O6B IDS A . 26.21 22.18 18.93
S IDS A . 32.94 25.61 19.34
O1S IDS A . 33.56 26.46 18.37
O2S IDS A . 32.62 26.30 20.56
O3S IDS A . 33.67 24.39 19.56
C1 SGN A . 29.69 19.99 17.32
C2 SGN A . 30.57 19.94 16.07
C3 SGN A . 29.74 20.25 14.82
C4 SGN A . 28.53 19.30 14.77
C5 SGN A . 27.75 19.42 16.08
C6 SGN A . 26.54 18.49 16.20
N2 SGN A . 31.69 20.88 16.23
O3 SGN A . 30.53 20.03 13.67
O4 SGN A . 27.73 19.73 13.67
O5 SGN A . 28.60 19.12 17.17
O6 SGN A . 26.97 17.24 16.70
S1 SGN A . 33.18 20.30 16.58
O1S SGN A . 33.03 18.97 17.08
O2S SGN A . 33.93 20.38 15.36
O3S SGN A . 33.67 21.19 17.58
S2 SGN A . 26.24 16.34 17.75
O4S SGN A . 24.87 16.73 17.77
O5S SGN A . 26.42 15.01 17.25
O6S SGN A . 26.91 16.55 19.00
C1 IDS A . 27.03 18.74 12.97
C2 IDS A . 26.73 19.29 11.57
C3 IDS A . 26.56 18.14 10.57
C4 IDS A . 27.82 17.26 10.54
C5 IDS A . 28.62 17.43 11.85
C6 IDS A . 29.64 16.32 12.09
O2 IDS A . 25.51 20.01 11.62
O3 IDS A . 26.33 18.66 9.28
O4 IDS A . 27.40 15.90 10.44
O5 IDS A . 27.72 17.52 12.93
O6A IDS A . 30.43 16.00 11.23
O6B IDS A . 29.70 15.74 13.16
S IDS A . 25.16 21.24 12.52
O1S IDS A . 23.75 21.10 12.76
O2S IDS A . 25.92 21.13 13.73
O3S IDS A . 25.48 22.39 11.74
C1 SGN A . 27.17 15.40 9.15
C2 SGN A . 25.67 15.36 8.85
C3 SGN A . 24.99 14.31 9.75
C4 SGN A . 25.69 12.96 9.60
C5 SGN A . 27.20 13.16 9.89
C6 SGN A . 28.06 11.89 9.73
N2 SGN A . 25.09 16.68 9.03
O3 SGN A . 23.65 14.16 9.34
O4 SGN A . 25.13 12.09 10.56
O5 SGN A . 27.74 14.13 9.01
O6 SGN A . 28.32 11.71 8.35
S1 SGN A . 25.68 17.93 8.15
O1S SGN A . 26.93 18.33 8.73
O2S SGN A . 25.80 17.45 6.81
O3S SGN A . 24.68 18.95 8.27
S2 SGN A . 29.47 10.86 7.72
O4S SGN A . 30.03 10.05 8.75
O5S SGN A . 28.82 10.08 6.71
O6S SGN A . 30.40 11.80 7.16
C1 IDS A . 24.22 11.13 10.08
C2 IDS A . 24.06 10.05 11.18
C3 IDS A . 22.70 9.36 11.05
C4 IDS A . 21.55 10.38 11.11
C5 IDS A . 22.07 11.79 10.75
C6 IDS A . 20.96 12.78 10.39
O2 IDS A . 25.07 9.09 11.02
O3 IDS A . 22.54 8.43 12.10
O4 IDS A . 20.57 10.01 10.15
O5 IDS A . 23.01 11.68 9.69
O6A IDS A . 19.84 12.63 10.80
O6B IDS A . 21.19 13.75 9.70
S IDS A . 26.62 9.28 11.11
O1S IDS A . 27.10 8.01 11.56
O2S IDS A . 27.10 9.62 9.81
O3S IDS A . 26.82 10.32 12.07
C1 SGN A . 20.15 8.68 10.19
C2 SGN A . 19.50 8.29 8.85
C3 SGN A . 18.20 9.07 8.64
C4 SGN A . 17.28 8.86 9.85
C5 SGN A . 18.05 9.24 11.13
C6 SGN A . 17.28 9.04 12.43
N2 SGN A . 20.45 8.53 7.77
O3 SGN A . 17.53 8.57 7.49
O4 SGN A . 16.16 9.72 9.68
O5 SGN A . 19.24 8.47 11.23
O6 SGN A . 17.06 7.65 12.62
S1 SGN A . 20.80 7.32 6.72
O1S SGN A . 21.42 6.26 7.47
O2S SGN A . 19.55 6.93 6.12
O3S SGN A . 21.71 7.90 5.78
S2 SGN A . 16.17 6.97 13.70
O4S SGN A . 14.82 7.39 13.48
O5S SGN A . 16.35 5.56 13.46
O6S SGN A . 16.68 7.38 14.97
C1 IDS A . 15.02 9.17 9.09
C2 IDS A . 13.79 9.72 9.84
C3 IDS A . 12.56 9.70 8.94
C4 IDS A . 12.81 10.49 7.64
C5 IDS A . 14.33 10.61 7.38
C6 IDS A . 14.66 11.01 5.94
O2 IDS A . 13.54 8.90 10.96
O3 IDS A . 11.46 10.27 9.62
O4 IDS A . 12.22 9.78 6.57
O5 IDS A . 14.95 9.39 7.72
O6A IDS A . 14.36 12.10 5.52
O6B IDS A . 15.26 10.26 5.21
S IDS A . 14.51 8.56 12.15
O1S IDS A . 13.85 7.48 12.83
O2S IDS A . 15.76 8.16 11.58
O3S IDS A . 14.59 9.74 12.94
C1 SGN A . 10.83 9.84 6.46
C2 SGN A . 10.18 8.60 7.10
C3 SGN A . 10.54 7.35 6.27
C4 SGN A . 10.15 7.57 4.80
C5 SGN A . 10.82 8.87 4.31
C6 SGN A . 10.48 9.26 2.87
N2 SGN A . 10.62 8.46 8.48
O3 SGN A . 9.80 6.24 6.76
O4 SGN A . 10.63 6.46 4.07
O5 SGN A . 10.43 9.96 5.13
O6 SGN A . 9.20 8.76 2.55
S1 SGN A . 9.57 8.83 9.68
O1S SGN A . 9.65 10.24 9.93
O2S SGN A . 8.27 8.42 9.22
O3S SGN A . 10.03 8.07 10.81
S2 SGN A . 8.68 8.28 1.15
O4S SGN A . 9.84 8.11 0.32
O5S SGN A . 8.02 7.04 1.44
O6S SGN A . 7.80 9.30 0.69
C1 IDS A . 9.68 5.64 3.45
C2 IDS A . 10.23 4.21 3.45
C3 IDS A . 9.08 3.20 3.39
C4 IDS A . 8.11 3.40 4.56
C5 IDS A . 8.24 4.83 5.12
C6 IDS A . 7.07 5.27 5.99
O2 IDS A . 11.04 4.03 2.30
O3 IDS A . 9.59 1.88 3.45
O4 IDS A . 6.79 3.24 4.08
O5 IDS A . 8.42 5.73 4.04
O6A IDS A . 6.50 4.47 6.69
O6B IDS A . 6.68 6.42 6.01
S IDS A . 12.43 4.67 1.99
O1S IDS A . 12.37 4.98 0.58
O2S IDS A . 12.56 5.83 2.81
O3S IDS A . 13.39 3.66 2.29
C1 SGN A . 6.33 1.92 3.94
C2 SGN A . 6.05 1.59 2.47
C3 SGN A . 4.87 2.42 1.95
C4 SGN A . 3.65 2.22 2.87
C5 SGN A . 4.07 2.55 4.32
C6 SGN A . 2.97 2.33 5.37
N2 SGN A . 7.26 1.83 1.68
O3 SGN A . 4.53 1.99 0.65
O4 SGN A . 2.65 3.12 2.43
O5 SGN A . 5.16 1.73 4.69
O6 SGN A . 3.20 1.09 6.00
S1 SGN A . 7.83 0.63 0.73
O1S SGN A . 7.60 -0.62 1.39
O2S SGN A . 7.13 0.75 -0.52
O3S SGN A . 9.23 0.91 0.60
S2 SGN A . 2.31 0.42 7.11
O4S SGN A . 1.01 0.23 6.55
O5S SGN A . 2.98 -0.82 7.38
O6S SGN A . 2.33 1.32 8.23
C1 IDS A . 1.33 2.70 2.55
C2 IDS A . 0.48 3.89 3.00
C3 IDS A . -0.97 3.73 2.55
C4 IDS A . -1.06 3.57 1.03
C5 IDS A . 0.29 3.08 0.46
C6 IDS A . 0.20 2.51 -0.94
O2 IDS A . 0.50 3.94 4.41
O3 IDS A . -1.72 4.87 2.95
O4 IDS A . -2.05 2.59 0.75
O5 IDS A . 0.83 2.13 1.35
O6A IDS A . -0.46 3.06 -1.80
O6B IDS A . 0.78 1.50 -1.26
S IDS A . 1.74 4.18 5.36
O1S IDS A . 1.43 3.43 6.54
O2S IDS A . 2.90 3.68 4.68
O3S IDS A . 1.77 5.60 5.58
C1 SGN A . -3.25 2.67 1.46
C2 SGN A . -3.43 1.45 2.37
C3 SGN A . -3.62 0.19 1.50
C4 SGN A . -4.79 0.42 0.52
C5 SGN A . -4.50 1.70 -0.29
C6 SGN A . -5.61 2.09 -1.27
N2 SGN A . -2.27 1.30 3.24
O3 SGN A . -3.96 -0.91 2.34
O4 SGN A . -4.83 -0.71 -0.35
O5 SGN A . -4.34 2.80 0.59
O6 SGN A . -6.84 1.64 -0.77
S1 SGN A . -2.49 1.36 4.87
O1S SGN A . -2.57 2.74 5.26
O2S SGN A . -3.71 0.64 5.12
O3S SGN A . -1.34 0.72 5.42
S2 SGN A . -8.05 1.07 -1.60
O4S SGN A . -7.65 -0.19 -2.13
O5S SGN A . -9.11 0.96 -0.63
O6S SGN A . -8.34 2.05 -2.61
C1 IDS A . -6.04 -1.38 -0.46
C2 IDS A . -5.83 -2.60 -1.37
C3 IDS A . -6.86 -3.69 -1.05
C4 IDS A . -6.79 -4.10 0.42
C5 IDS A . -6.14 -2.98 1.26
C6 IDS A . -6.39 -3.10 2.76
O2 IDS A . -6.00 -2.19 -2.71
O3 IDS A . -6.60 -4.82 -1.87
O4 IDS A . -8.11 -4.29 0.88
O5 IDS A . -6.59 -1.73 0.78
O6A IDS A . -6.19 -4.16 3.32
O6B IDS A . -6.77 -2.17 3.42
S IDS A . -5.07 -2.45 -3.93
O1S IDS A . -5.20 -1.27 -4.74
O2S IDS A . -3.73 -2.62 -3.43
O3S IDS A . -5.58 -3.63 -4.57
C1 SGN A . -8.76 -5.47 0.49
C2 SGN A . -9.49 -5.28 -0.85
C3 SGN A . -10.65 -4.29 -0.68
C4 SGN A . -11.56 -4.78 0.46
C5 SGN A . -10.71 -4.98 1.73
C6 SGN A . -11.48 -5.51 2.94
N2 SGN A . -8.53 -4.81 -1.86
O3 SGN A . -11.39 -4.25 -1.87
O4 SGN A . -12.53 -3.76 0.68
O5 SGN A . -9.66 -5.90 1.47
O6 SGN A . -11.97 -6.81 2.63
S1 SGN A . -7.91 -5.88 -2.93
O1S SGN A . -7.66 -7.10 -2.24
O2S SGN A . -8.90 -6.01 -3.97
O3S SGN A . -6.70 -5.27 -3.40
S2 SGN A . -13.31 -7.44 3.09
O4S SGN A . -14.36 -6.59 2.63
O5S SGN A . -13.33 -8.73 2.44
O6S SGN A . -13.24 -7.55 4.52
C1 IDS A . -13.73 -4.14 1.27
C2 IDS A . -14.79 -3.09 0.91
C3 IDS A . -16.20 -3.70 0.96
C4 IDS A . -16.29 -4.91 0.02
C5 IDS A . -14.89 -5.49 -0.27
C6 IDS A . -14.90 -6.90 -0.84
O2 IDS A . -14.73 -2.05 1.87
O3 IDS A . -17.15 -2.74 0.57
O4 IDS A . -17.06 -5.91 0.68
O5 IDS A . -14.12 -5.44 0.92
O6A IDS A . -15.91 -7.35 -1.33
O6B IDS A . -13.92 -7.59 -0.84
S IDS A . -13.52 -1.11 2.19
O1S IDS A . -13.43 -1.13 3.62
O2S IDS A . -12.36 -1.65 1.57
O3S IDS A . -13.89 0.18 1.68
C1 SGN A . -18.34 -6.18 0.16
C2 SGN A . -19.36 -6.29 1.30
C3 SGN A . -19.06 -7.55 2.14
C4 SGN A . -19.00 -8.77 1.22
C5 SGN A . -17.98 -8.51 0.10
C6 SGN A . -17.84 -9.63 -0.94
N2 SGN A . -19.33 -5.09 2.12
O3 SGN A . -20.11 -7.74 3.07
O4 SGN A . -18.59 -9.87 2.01
O5 SGN A . -18.33 -7.33 -0.61
O6 SGN A . -18.77 -9.40 -1.97
S1 SGN A . -20.54 -3.99 1.96
O1S SGN A . -20.41 -3.37 0.68
O2S SGN A . -21.76 -4.73 2.11
O3S SGN A . -20.33 -3.06 3.03
S2 SGN A . -19.27 -10.42 -3.04
O4S SGN A . -19.83 -11.52 -2.34
O5S SGN A . -20.26 -9.68 -3.79
O6S SGN A . -18.13 -10.77 -3.84
C1 IDS A . -18.57 -11.13 1.41
C2 IDS A . -18.25 -12.17 2.50
C3 IDS A . -18.80 -13.54 2.10
C4 IDS A . -20.31 -13.46 1.85
C5 IDS A . -20.74 -12.02 1.54
C6 IDS A . -22.11 -11.90 0.89
O2 IDS A . -16.84 -12.27 2.61
O3 IDS A . -18.55 -14.47 3.14
O4 IDS A . -20.62 -14.28 0.74
O5 IDS A . -19.75 -11.42 0.73
O6A IDS A . -23.06 -12.48 1.37
O6B IDS A . -22.29 -11.23 -0.10
S IDS A . -15.91 -11.63 3.68
O1S IDS A . -14.67 -12.34 3.56
O2S IDS A . -15.77 -10.24 3.35
O3S IDS A . -16.55 -11.83 4.95
C1 SGN A . -20.51 -15.66 0.90
C2 SGN A . -20.38 -16.36 -0.47
C3 SGN A . -21.69 -16.21 -1.25
C4 SGN A . -22.85 -16.72 -0.40
C5 SGN A . -22.85 -15.97 0.95
C6 SGN A . -23.94 -16.42 1.93
N2 SGN A . -19.24 -15.79 -1.20
O3 SGN A . -21.61 -17.00 -2.42
O4 SGN A . -24.05 -16.42 -1.11
O5 SGN A . -21.60 -16.17 1.60
O6 SGN A . -24.25 -17.77 1.69
S1 SGN A . -17.85 -16.65 -1.29
O1S SGN A . -17.95 -17.76 -0.38
O2S SGN A . -17.72 -17.05 -2.65
O3S SGN A . -16.83 -15.73 -0.88
S2 SGN A . -25.53 -18.54 2.14
O4S SGN A . -26.57 -18.25 1.19
O5S SGN A . -25.14 -19.92 2.12
O6S SGN A . -25.83 -18.07 3.47
C1 IDS A . -24.52 -17.40 -2.01
C2 IDS A . -25.83 -16.89 -2.60
C3 IDS A . -26.08 -17.52 -3.98
C4 IDS A . -24.91 -17.23 -4.92
C5 IDS A . -23.64 -16.88 -4.13
C6 IDS A . -22.35 -16.99 -4.94
O2 IDS A . -26.89 -17.27 -1.74
O3 IDS A . -27.27 -17.00 -4.54
O4 IDS A . -24.67 -18.40 -5.69
O5 IDS A . -23.57 -17.72 -2.99
O6A IDS A . -22.39 -17.11 -6.13
O6B IDS A . -21.26 -16.93 -4.41
S IDS A . -27.39 -16.54 -0.45
O1S IDS A . -27.73 -17.62 0.43
O2S IDS A . -26.32 -15.74 0.04
O3S IDS A . -28.54 -15.78 -0.85
C1 SGN A . -25.54 -18.68 -6.73
C2 SGN A . -25.28 -20.09 -7.30
C3 SGN A . -23.90 -20.12 -7.99
C4 SGN A . -23.83 -18.99 -9.04
C5 SGN A . -24.16 -17.65 -8.35
C6 SGN A . -24.18 -16.44 -9.28
N2 SGN A . -25.35 -21.07 -6.23
O3 SGN A . -23.74 -21.35 -8.65
O4 SGN A . -22.49 -18.97 -9.53
O5 SGN A . -25.44 -17.72 -7.74
O6 SGN A . -24.66 -16.85 -10.54
S1 SGN A . -26.62 -22.12 -6.21
O1S SGN A . -27.67 -21.56 -7.01
O2S SGN A . -26.11 -23.36 -6.73
O3S SGN A . -26.99 -22.21 -4.83
S2 SGN A . -24.11 -16.42 -11.94
O4S SGN A . -23.10 -17.37 -12.31
O5S SGN A . -25.25 -16.48 -12.80
O6S SGN A . -23.61 -15.09 -11.79
C1 IDS A . -22.23 -18.12 -10.61
C2 IDS A . -20.81 -17.55 -10.42
C3 IDS A . -20.21 -17.16 -11.78
C4 IDS A . -20.18 -18.36 -12.73
C5 IDS A . -21.22 -19.42 -12.29
C6 IDS A . -21.55 -20.44 -13.38
O2 IDS A . -20.90 -16.39 -9.62
O3 IDS A . -18.90 -16.69 -11.59
O4 IDS A . -20.54 -17.90 -14.03
O5 IDS A . -22.39 -18.76 -11.85
O6A IDS A . -20.75 -21.27 -13.71
O6B IDS A . -22.64 -20.45 -13.92
S IDS A . -20.89 -16.29 -8.06
O1S IDS A . -21.77 -15.20 -7.77
O2S IDS A . -21.37 -17.53 -7.54
O3S IDS A . -19.52 -16.02 -7.70
C1 SGN A . -19.49 -17.50 -14.87
C2 SGN A . -19.54 -15.98 -15.11
C3 SGN A . -20.79 -15.62 -15.93
C4 SGN A . -20.82 -16.47 -17.21
C5 SGN A . -20.72 -17.96 -16.83
C6 SGN A . -20.69 -18.93 -18.01
N2 SGN A . -19.52 -15.28 -13.83
O3 SGN A . -20.72 -14.26 -16.30
O4 SGN A . -22.06 -16.21 -17.85
O5 SGN A . -19.54 -18.20 -16.08
O6 SGN A . -19.34 -19.25 -18.30
S1 SGN A . -18.09 -14.68 -13.28
O1S SGN A . -17.05 -15.17 -14.13
O2S SGN A . -18.22 -13.26 -13.31
O3S SGN A . -17.97 -15.20 -11.96
S2 SGN A . -18.82 -20.38 -19.23
O4S SGN A . -19.17 -20.03 -20.58
O5S SGN A . -17.40 -20.37 -19.02
O6S SGN A . -19.43 -21.60 -18.78
C1 IDS A . -22.27 -16.80 -19.11
C2 IDS A . -23.32 -15.96 -19.84
C3 IDS A . -23.16 -16.12 -21.36
C4 IDS A . -21.74 -15.72 -21.80
C5 IDS A . -20.77 -15.81 -20.61
C6 IDS A . -19.30 -15.83 -21.02
O2 IDS A . -24.61 -16.42 -19.49
O3 IDS A . -24.10 -15.30 -22.03
O4 IDS A . -21.32 -16.64 -22.80
O5 IDS A . -21.09 -16.94 -19.83
O6A IDS A . -18.97 -15.65 -22.17
O6B IDS A . -18.42 -16.04 -20.21
S IDS A . -25.78 -15.62 -18.82
O1S IDS A . -26.64 -16.65 -18.30
O2S IDS A . -25.21 -14.81 -17.79
O3S IDS A . -26.38 -14.87 -19.87
C1 SGN A . -21.03 -16.13 -24.06
C2 SGN A . -21.34 -17.16 -25.15
C3 SGN A . -20.38 -18.35 -25.03
C4 SGN A . -18.93 -17.84 -25.05
C5 SGN A . -18.76 -16.79 -23.94
C6 SGN A . -17.38 -16.13 -23.87
N2 SGN A . -22.73 -17.59 -25.05
O3 SGN A . -20.56 -19.20 -26.14
O4 SGN A . -18.09 -18.95 -24.79
O5 SGN A . -19.69 -15.73 -24.13
O6 SGN A . -17.34 -15.04 -24.75
S1 SGN A . -23.67 -17.57 -26.38
O1S SGN A . -23.15 -16.58 -27.28
O2S SGN A . -23.66 -18.89 -26.91
O3S SGN A . -24.97 -17.19 -25.90
S2 SGN A . -16.55 -13.70 -24.58
O4S SGN A . -15.17 -14.04 -24.37
O5S SGN A . -16.75 -13.01 -25.82
O6S SGN A . -17.15 -13.02 -23.46
C1 IDS A . -17.30 -19.42 -25.84
C2 IDS A . -16.41 -20.55 -25.30
C3 IDS A . -16.00 -21.51 -26.44
C4 IDS A . -17.25 -22.08 -27.13
C5 IDS A . -18.47 -21.16 -26.90
C6 IDS A . -19.63 -21.41 -27.87
O2 IDS A . -15.24 -19.99 -24.75
O3 IDS A . -15.25 -22.57 -25.92
O4 IDS A . -16.98 -22.11 -28.53
O5 IDS A . -18.06 -19.81 -26.96
O6A IDS A . -19.53 -22.23 -28.74
O6B IDS A . -20.66 -20.80 -27.78
S IDS A . -14.56 -20.30 -23.39
O1S IDS A . -13.90 -19.08 -23.04
O2S IDS A . -15.59 -20.66 -22.46
O3S IDS A . -13.64 -21.38 -23.65
C1 SGN A . -16.24 -23.20 -29.01
C2 SGN A . -14.85 -22.73 -29.48
C3 SGN A . -15.00 -21.84 -30.72
C4 SGN A . -15.80 -22.59 -31.79
C5 SGN A . -17.14 -23.03 -31.18
C6 SGN A . -18.04 -23.84 -32.13
N2 SGN A . -14.18 -22.02 -28.39
O3 SGN A . -13.71 -21.56 -31.24
O4 SGN A . -16.03 -21.67 -32.86
O5 SGN A . -16.90 -23.84 -30.05
O6 SGN A . -17.29 -24.92 -32.65
S1 SGN A . -13.56 -22.89 -27.14
O1S SGN A . -14.12 -24.20 -27.21
O2S SGN A . -12.14 -22.86 -27.31
O3S SGN A . -13.99 -22.18 -25.98
S2 SGN A . -17.57 -25.71 -33.97
O4S SGN A . -16.98 -24.98 -35.05
O5S SGN A . -16.91 -26.98 -33.75
O6S SGN A . -18.99 -25.84 -34.06
C1 IDS A . -15.95 -22.17 -34.16
C2 IDS A . -16.25 -21.01 -35.13
C3 IDS A . -15.61 -21.25 -36.49
C4 IDS A . -14.09 -21.44 -36.33
C5 IDS A . -13.74 -21.86 -34.90
C6 IDS A . -12.33 -22.45 -34.74
O2 IDS A . -17.65 -20.95 -35.31
O3 IDS A . -15.86 -20.16 -37.34
O5 IDS A . -14.71 -22.77 -34.42
O6A IDS A . -11.49 -22.24 -35.59
O6B IDS A . -12.03 -23.11 -33.77
S IDS A . -18.59 -19.70 -35.23
O1S IDS A . -19.91 -20.25 -35.10
O2S IDS A . -18.20 -18.94 -34.07
O3S IDS A . -18.41 -18.99 -36.45
C1 SGN A . 33.98 17.99 32.09
C2 SGN A . 35.27 17.69 31.31
C3 SGN A . 35.32 18.54 30.03
C4 SGN A . 34.04 18.32 29.21
C5 SGN A . 32.83 18.62 30.12
C6 SGN A . 31.46 18.39 29.46
N2 SGN A . 36.43 17.94 32.16
O1 SGN A . 34.00 19.30 32.58
O3 SGN A . 36.42 18.13 29.25
O4 SGN A . 34.07 19.24 28.14
O5 SGN A . 32.87 17.79 31.27
O6 SGN A . 31.54 17.25 28.64
S1 SGN A . 37.46 16.71 32.48
O1S SGN A . 36.97 16.00 33.62
O2S SGN A . 37.50 15.92 31.29
O3S SGN A . 38.72 17.35 32.75
S2 SGN A . 30.39 16.23 28.31
O4S SGN A . 29.16 16.94 28.43
O5S SGN A . 30.67 15.84 26.95
O6S SGN A . 30.53 15.15 29.24
C1 IDS A . 33.16 19.03 27.09
C2 IDS A . 33.47 20.04 25.98
C3 IDS A . 33.00 19.52 24.63
C4 IDS A . 33.65 18.16 24.31
C5 IDS A . 34.12 17.48 25.61
C6 IDS A . 34.41 15.99 25.46
O2 IDS A . 32.78 21.24 26.26
O3 IDS A . 33.35 20.44 23.61
O4 IDS A . 32.67 17.33 23.70
O5 IDS A . 33.17 17.71 26.62
O6A IDS A . 35.40 15.60 24.89
O6B IDS A . 33.66 15.15 25.92
S IDS A . 33.35 22.61 26.75
O1S IDS A . 32.24 23.51 26.67
O2S IDS A . 33.81 22.43 28.10
O3S IDS A . 34.40 22.94 25.84
C1 SGN A . 32.16 17.76 22.48
C2 SGN A . 30.96 16.89 22.07
C3 SGN A . 31.44 15.46 21.76
C4 SGN A . 32.56 15.50 20.73
C5 SGN A . 33.67 16.43 21.24
C6 SGN A . 34.85 16.64 20.26
N2 SGN A . 29.95 16.90 23.13
O3 SGN A . 30.36 14.72 21.22
O4 SGN A . 33.06 14.18 20.60
O5 SGN A . 33.14 17.73 21.49
O6 SGN A . 34.40 17.39 19.17
S1 SGN A . 28.41 17.30 22.75
O1S SGN A . 28.34 18.73 22.64
O2S SGN A . 28.11 16.62 21.54
O3S SGN A . 27.64 16.81 23.86
S2 SGN A . 35.25 18.37 18.29
O4S SGN A . 35.71 17.64 17.14
O5S SGN A . 34.32 19.41 17.93
O6S SGN A . 36.31 18.85 19.13
C1 IDS A . 32.86 13.54 19.36
C2 IDS A . 33.33 12.08 19.51
C3 IDS A . 32.60 11.18 18.50
C4 IDS A . 31.08 11.28 18.69
C5 IDS A . 30.71 12.59 19.40
C6 IDS A . 29.24 12.97 19.27
O2 IDS A . 34.71 12.04 19.24
O3 IDS A . 33.00 9.85 18.70
O4 IDS A . 30.49 11.28 17.40
O5 IDS A . 31.53 13.63 18.92
O6A IDS A . 28.37 12.13 19.36
O6B IDS A . 28.89 14.11 19.08
S IDS A . 35.90 12.08 20.24
O1S IDS A . 36.98 12.66 19.50
O2S IDS A . 35.50 12.88 21.35
O3S IDS A . 36.16 10.71 20.60
C1 SGN A . 29.48 10.34 17.16
C2 SGN A . 29.56 9.83 15.71
C3 SGN A . 29.19 10.98 14.74
C4 SGN A . 27.82 11.56 15.14
C5 SGN A . 27.87 11.98 16.62
C6 SGN A . 26.56 12.54 17.17
N2 SGN A . 30.89 9.32 15.43
O3 SGN A . 29.09 10.46 13.44
O4 SGN A . 27.61 12.69 14.32
O5 SGN A . 28.22 10.87 17.43
O6 SGN A . 25.56 11.54 17.06
S1 SGN A . 31.31 7.85 16.04
O1S SGN A . 31.56 8.02 17.44
O2S SGN A . 30.22 6.98 15.76
O3S SGN A . 32.51 7.49 15.33
S2 SGN A . 24.25 11.40 17.90
O4S SGN A . 23.62 12.69 17.91
O5S SGN A . 23.48 10.43 17.19
O6S SGN A . 24.66 10.95 19.19
C1 IDS A . 26.30 13.21 14.26
C2 IDS A . 26.31 14.42 13.33
C3 IDS A . 24.92 14.65 12.72
C4 IDS A . 24.44 13.39 11.98
C5 IDS A . 25.20 12.14 12.49
C6 IDS A . 24.53 10.83 12.12
O2 IDS A . 26.66 15.57 14.08
O3 IDS A . 24.96 15.73 11.82
O4 IDS A . 23.06 13.22 12.25
O5 IDS A . 25.36 12.24 13.88
O6A IDS A . 24.63 10.38 11.00
O6B IDS A . 23.90 10.18 12.93
S IDS A . 27.99 15.85 14.85
O1S IDS A . 27.56 16.30 16.14
O2S IDS A . 28.72 14.62 14.93
O3S IDS A . 28.66 16.87 14.10
C1 SGN A . 22.19 13.26 11.16
C2 SGN A . 21.69 14.69 10.92
C3 SGN A . 20.79 15.14 12.08
C4 SGN A . 19.68 14.11 12.29
C5 SGN A . 20.30 12.72 12.48
C6 SGN A . 19.30 11.57 12.65
N2 SGN A . 22.83 15.59 10.74
O3 SGN A . 20.21 16.38 11.77
O4 SGN A . 18.97 14.50 13.47
O5 SGN A . 21.10 12.40 11.36
O6 SGN A . 18.36 11.64 11.60
S1 SGN A . 23.39 15.87 9.22
O1S SGN A . 24.40 14.91 8.93
O2S SGN A . 22.24 15.79 8.37
O3S SGN A . 23.92 17.21 9.28
S2 SGN A . 16.82 11.39 11.69
O4S SGN A . 16.26 12.45 12.47
O5S SGN A . 16.38 11.44 10.31
O6S SGN A . 16.65 10.10 12.27
C1 IDS A . 17.64 14.88 13.33
C2 IDS A . 17.22 15.62 14.61
C3 IDS A . 16.06 16.58 14.32
C4 IDS A . 16.44 17.57 13.22
C5 IDS A . 17.61 17.03 12.37
C6 IDS A . 17.80 17.73 11.03
O2 IDS A . 16.78 14.66 15.55
O3 IDS A . 15.72 17.28 15.48
O4 IDS A . 15.32 17.75 12.37
O5 IDS A . 17.41 15.63 12.18
O6A IDS A . 17.20 18.76 10.79
O6B IDS A . 18.54 17.30 10.18
S IDS A . 17.58 14.02 16.73
O1S IDS A . 16.60 13.30 17.48
O2S IDS A . 18.58 13.16 16.17
O3S IDS A . 18.14 15.13 17.46
C1 SGN A . 14.11 18.11 12.99
C2 SGN A . 12.94 17.33 12.39
C3 SGN A . 12.72 17.75 10.93
C4 SGN A . 12.55 19.27 10.85
C5 SGN A . 13.76 19.94 11.52
C6 SGN A . 13.71 21.47 11.58
N2 SGN A . 13.21 15.89 12.50
O3 SGN A . 11.54 17.14 10.44
O4 SGN A . 12.50 19.62 9.47
O5 SGN A . 13.88 19.49 12.87
O6 SGN A . 13.01 21.86 12.75
S1 SGN A . 12.00 14.89 12.92
O1S SGN A . 11.31 15.45 14.04
O2S SGN A . 11.17 14.75 11.75
O3S SGN A . 12.65 13.65 13.27
S2 SGN A . 12.00 23.03 12.91
O4S SGN A . 10.95 22.82 11.97
O5S SGN A . 11.56 22.92 14.27
O6S SGN A . 12.74 24.24 12.66
C1 IDS A . 11.24 19.73 8.90
C2 IDS A . 11.32 20.84 7.83
C3 IDS A . 10.24 20.62 6.75
C4 IDS A . 10.39 19.24 6.11
C5 IDS A . 11.17 18.28 7.04
C6 IDS A . 11.01 16.81 6.69
O2 IDS A . 11.07 22.08 8.45
O3 IDS A . 10.37 21.61 5.76
O4 IDS A . 9.09 18.71 5.91
O5 IDS A . 10.76 18.52 8.38
O6A IDS A . 11.12 16.44 5.55
O6B IDS A . 10.80 15.98 7.53
S IDS A . 11.89 22.77 9.59
O1S IDS A . 10.93 23.62 10.25
O2S IDS A . 12.38 21.74 10.46
O3S IDS A . 12.93 23.51 8.94
C1 SGN A . 8.63 18.63 4.59
C2 SGN A . 7.46 19.60 4.37
C3 SGN A . 6.24 19.15 5.19
C4 SGN A . 5.91 17.69 4.85
C5 SGN A . 7.17 16.83 5.07
C6 SGN A . 7.00 15.35 4.71
N2 SGN A . 7.88 20.96 4.74
O3 SGN A . 5.13 19.95 4.84
O4 SGN A . 4.87 17.28 5.73
O5 SGN A . 8.24 17.33 4.27
O6 SGN A . 6.51 15.25 3.40
S1 SGN A . 8.75 21.83 3.67
O1S SGN A . 10.14 21.55 3.90
O2S SGN A . 8.30 21.43 2.36
O3S SGN A . 8.43 23.19 3.96
S2 SGN A . 5.45 14.23 2.87
O4S SGN A . 4.16 14.83 3.02
O5S SGN A . 5.81 14.04 1.49
O6S SGN A . 5.61 13.04 3.65
C1 IDS A . 3.75 16.70 5.17
C2 IDS A . 2.65 16.66 6.24
C3 IDS A . 1.26 16.65 5.59
C4 IDS A . 1.07 17.87 4.69
C5 IDS A . 2.44 18.44 4.26
C6 IDS A . 2.37 19.37 3.06
O2 IDS A . 2.80 15.46 6.99
O3 IDS A . 0.27 16.66 6.60
O4 IDS A . 0.37 17.45 3.52
O5 IDS A . 3.32 17.36 4.00
O6A IDS A . 2.04 20.53 3.19
O6B IDS A . 2.67 19.00 1.94
S IDS A . 3.76 15.19 8.19
O1S IDS A . 4.49 14.02 7.79
O2S IDS A . 4.61 16.34 8.34
O3S IDS A . 2.91 14.96 9.32
C1 SGN A . -1.02 17.38 3.61
C2 SGN A . -1.46 15.94 3.95
C3 SGN A . -1.14 15.01 2.77
C4 SGN A . -1.76 15.56 1.48
C5 SGN A . -1.27 17.01 1.28
C6 SGN A . -1.85 17.73 0.06
N2 SGN A . -0.81 15.51 5.18
O3 SGN A . -1.71 13.74 3.03
O4 SGN A . -1.31 14.74 0.41
O5 SGN A . -1.62 17.80 2.42
O6 SGN A . -3.24 17.49 0.02
S1 SGN A . -0.95 16.43 6.52
O1S SGN A . -0.93 17.80 6.13
O2S SGN A . -2.19 16.03 7.13
O3S SGN A . 0.18 16.08 7.33
S2 SGN A . -4.32 18.37 -0.69
O4S SGN A . -3.70 19.00 -1.82
O5S SGN A . -5.32 17.41 -1.11
O6S SGN A . -4.81 19.29 0.28
C1 IDS A . -2.26 14.33 -0.51
C2 IDS A . -1.52 13.72 -1.71
C3 IDS A . -2.41 12.70 -2.44
C4 IDS A . -2.88 11.60 -1.48
C5 IDS A . -2.80 12.09 -0.02
C6 IDS A . -3.61 11.25 0.96
O2 IDS A . -1.20 14.76 -2.61
O3 IDS A . -1.69 12.11 -3.50
O4 IDS A . -4.24 11.31 -1.78
O5 IDS A . -3.21 13.44 0.04
O6A IDS A . -3.93 10.12 0.69
O6B IDS A . -3.94 11.67 2.04
S IDS A . -0.32 16.03 -2.35
O1S IDS A . 0.03 16.48 -3.67
O2S IDS A . -1.13 16.98 -1.64
O3S IDS A . 0.81 15.57 -1.60
C1 SGN A . -4.48 10.25 -2.66
C2 SGN A . -5.71 10.56 -3.53
C3 SGN A . -6.97 10.58 -2.66
C4 SGN A . -7.08 9.27 -1.87
C5 SGN A . -5.78 9.06 -1.08
C6 SGN A . -5.70 7.76 -0.28
N2 SGN A . -5.52 11.83 -4.23
O3 SGN A . -8.11 10.68 -3.50
O4 SGN A . -8.17 9.40 -0.99
O5 SGN A . -4.67 9.05 -1.97
O6 SGN A . -4.96 6.81 -1.02
S1 SGN A . -5.72 11.88 -5.85
O1S SGN A . -5.63 10.54 -6.36
O2S SGN A . -6.99 12.48 -6.08
O3S SGN A . -4.62 12.69 -6.32
S2 SGN A . -4.21 5.55 -0.49
O4S SGN A . -5.20 4.60 -0.07
O5S SGN A . -3.44 5.09 -1.61
O6S SGN A . -3.38 6.02 0.59
C1 IDS A . -8.66 8.22 -0.39
C2 IDS A . -10.18 8.28 -0.41
C3 IDS A . -10.78 6.87 -0.38
C4 IDS A . -10.25 6.03 -1.56
C5 IDS A . -8.93 6.62 -2.08
C6 IDS A . -8.12 5.66 -2.95
O2 IDS A . -10.64 8.98 0.74
O3 IDS A . -12.18 6.94 -0.47
O4 IDS A . -10.00 4.72 -1.08
O5 IDS A . -8.15 7.06 -0.99
O6A IDS A . -8.53 5.34 -4.05
O6B IDS A . -7.06 5.21 -2.58
S IDS A . -10.56 10.50 1.03
O1S IDS A . -10.13 10.57 2.40
O2S IDS A . -9.60 11.08 0.13
O3S IDS A . -11.88 11.01 0.84
C1 SGN A . -11.07 4.03 -0.50
C2 SGN A . -10.56 3.00 0.53
C3 SGN A . -9.79 1.89 -0.19
C4 SGN A . -10.68 1.29 -1.30
C5 SGN A . -11.14 2.43 -2.23
C6 SGN A . -12.09 1.99 -3.36
N2 SGN A . -9.73 3.67 1.52
O3 SGN A . -9.49 0.86 0.73
O4 SGN A . -9.87 0.37 -2.02
O5 SGN A . -11.85 3.41 -1.47
O6 SGN A . -13.06 1.10 -2.83
S1 SGN A . -10.17 3.60 3.10
O1S SGN A . -11.07 4.69 3.35
O2S SGN A . -10.76 2.31 3.29
O3S SGN A . -8.94 3.75 3.83
S2 SGN A . -13.94 0.08 -3.61
O4S SGN A . -13.24 -1.17 -3.62
O5S SGN A . -15.16 0.03 -2.86
O6S SGN A . -14.11 0.63 -4.92
C1 IDS A . -10.34 -0.94 -2.13
C2 IDS A . -9.40 -1.70 -3.09
C3 IDS A . -9.43 -3.20 -2.79
C4 IDS A . -9.04 -3.47 -1.33
C5 IDS A . -9.27 -2.20 -0.47
C6 IDS A . -9.31 -2.48 1.03
O2 IDS A . -9.86 -1.50 -4.42
O3 IDS A . -8.52 -3.87 -3.64
O4 IDS A . -9.89 -4.50 -0.84
O5 IDS A . -10.46 -1.57 -0.88
O6A IDS A . -8.80 -3.48 1.48
O6B IDS A . -9.83 -1.70 1.80
S IDS A . -10.03 -0.14 -5.18
O1S IDS A . -10.81 -0.50 -6.34
O2S IDS A . -10.71 0.77 -4.32
O3S IDS A . -8.70 0.27 -5.52
C1 SGN A . -9.58 -5.81 -1.23
C2 SGN A . -10.28 -6.15 -2.57
C3 SGN A . -11.80 -6.19 -2.36
C4 SGN A . -12.14 -7.17 -1.22
C5 SGN A . -11.34 -6.74 0.03
C6 SGN A . -11.52 -7.66 1.25
N2 SGN A . -9.91 -5.15 -3.58
O3 SGN A . -12.42 -6.66 -3.54
O4 SGN A . -13.53 -7.05 -0.97
O5 SGN A . -9.95 -6.73 -0.25
O6 SGN A . -12.04 -8.90 0.81
S1 SGN A . -9.19 -5.66 -4.95
O1S SGN A . -7.79 -5.83 -4.68
O2S SGN A . -9.84 -6.89 -5.33
O3S SGN A . -9.43 -4.62 -5.90
S2 SGN A . -11.93 -10.28 1.54
O4S SGN A . -13.07 -10.40 2.39
O5S SGN A . -11.94 -11.24 0.47
O6S SGN A . -10.69 -10.27 2.25
C1 IDS A . -14.29 -8.23 -1.05
C2 IDS A . -15.76 -7.85 -0.80
C3 IDS A . -16.68 -8.87 -1.47
C4 IDS A . -16.40 -8.97 -2.97
C5 IDS A . -14.98 -8.47 -3.29
C6 IDS A . -14.45 -8.89 -4.65
O2 IDS A . -15.99 -7.88 0.59
O3 IDS A . -18.04 -8.49 -1.28
O4 IDS A . -16.48 -10.34 -3.35
O5 IDS A . -14.10 -8.90 -2.27
O6A IDS A . -15.22 -9.12 -5.56
O6B IDS A . -13.27 -9.01 -4.87
S IDS A . -16.70 -6.80 1.46
O1S IDS A . -16.73 -7.38 2.78
O2S IDS A . -15.91 -5.60 1.40
O3S IDS A . -18.02 -6.65 0.90
C1 SGN A . -17.75 -10.84 -3.68
C2 SGN A . -18.18 -11.92 -2.68
C3 SGN A . -17.28 -13.16 -2.83
C4 SGN A . -17.29 -13.61 -4.31
C5 SGN A . -16.89 -12.42 -5.19
C6 SGN A . -16.92 -12.71 -6.70
N2 SGN A . -18.12 -11.39 -1.31
O3 SGN A . -17.78 -14.21 -2.04
O4 SGN A . -16.33 -14.65 -4.42
O5 SGN A . -17.77 -11.33 -4.98
O6 SGN A . -17.87 -13.71 -6.96
S1 SGN A . -19.51 -10.93 -0.59
O1S SGN A . -20.27 -10.17 -1.53
O2S SGN A . -20.16 -12.14 -0.17
O3S SGN A . -19.08 -10.13 0.53
S2 SGN A . -18.48 -14.11 -8.34
O4S SGN A . -17.40 -14.65 -9.13
O5S SGN A . -19.46 -15.10 -8.01
O6S SGN A . -19.04 -12.92 -8.90
C1 IDS A . -16.38 -15.43 -5.59
C2 IDS A . -15.35 -16.56 -5.44
C3 IDS A . -15.74 -17.76 -6.30
C4 IDS A . -17.15 -18.26 -5.93
C5 IDS A . -17.95 -17.14 -5.23
C6 IDS A . -19.45 -17.40 -5.19
O2 IDS A . -14.09 -16.09 -5.89
O3 IDS A . -14.82 -18.81 -6.11
O4 IDS A . -17.82 -18.62 -7.12
O5 IDS A . -17.67 -15.91 -5.86
O6A IDS A . -19.90 -18.48 -5.47
O6B IDS A . -20.23 -16.53 -4.86
S IDS A . -13.26 -14.89 -5.33
O1S IDS A . -12.03 -14.94 -6.08
O2S IDS A . -14.00 -13.69 -5.56
O3S IDS A . -13.06 -15.17 -3.94
C1 SGN A . -17.06 -19.26 -8.11
C2 SGN A . -17.80 -19.23 -9.46
C3 SGN A . -19.07 -20.09 -9.38
C4 SGN A . -18.71 -21.50 -8.90
C5 SGN A . -17.95 -21.39 -7.57
C6 SGN A . -17.46 -22.72 -6.99
N2 SGN A . -18.11 -17.84 -9.82
O3 SGN A . -19.65 -20.19 -10.67
O4 SGN A . -19.92 -22.21 -8.70
O5 SGN A . -16.79 -20.59 -7.74
O6 SGN A . -16.14 -22.96 -7.44
S1 SGN A . -17.84 -17.35 -11.35
O1S SGN A . -16.54 -17.81 -11.75
O2S SGN A . -18.90 -17.90 -12.14
O3S SGN A . -17.90 -15.91 -11.28
S2 SGN A . -15.52 -24.33 -7.86
O4S SGN A . -15.74 -24.49 -9.27
O5S SGN A . -14.12 -24.19 -7.55
O6S SGN A . -16.16 -25.33 -7.06
C1 IDS A . -20.43 -22.92 -9.79
C2 IDS A . -21.96 -22.95 -9.65
C3 IDS A . -22.62 -23.12 -11.04
C4 IDS A . -22.18 -22.00 -11.99
C5 IDS A . -20.85 -21.38 -11.51
C6 IDS A . -20.14 -20.56 -12.59
O2 IDS A . -22.32 -24.05 -8.85
O3 IDS A . -24.02 -23.10 -10.90
O4 IDS A . -21.97 -22.58 -13.28
O5 IDS A . -20.01 -22.40 -11.02
O6A IDS A . -20.77 -19.99 -13.44
O6B IDS A . -18.93 -20.45 -12.60
S IDS A . -23.17 -24.06 -7.54
O1S IDS A . -22.33 -24.75 -6.60
O2S IDS A . -23.40 -22.70 -7.17
O3S IDS A . -24.37 -24.78 -7.85
C1 SGN A . -22.85 -22.21 -14.29
C2 SGN A . -22.75 -23.18 -15.47
C3 SGN A . -21.37 -23.04 -16.15
C4 SGN A . -21.12 -21.57 -16.52
C5 SGN A . -21.30 -20.71 -15.26
C6 SGN A . -21.15 -19.20 -15.48
N2 SGN A . -22.98 -24.55 -15.02
O3 SGN A . -21.35 -23.81 -17.33
O4 SGN A . -19.79 -21.47 -16.99
O5 SGN A . -22.60 -20.90 -14.71
O6 SGN A . -22.18 -18.76 -16.34
S1 SGN A . -24.44 -24.93 -14.39
O1S SGN A . -24.93 -23.80 -13.66
O2S SGN A . -25.27 -25.28 -15.51
O3S SGN A . -24.19 -26.05 -13.53
S2 SGN A . -22.06 -17.74 -17.52
O4S SGN A . -20.88 -18.08 -18.25
O5S SGN A . -23.26 -17.96 -18.29
O6S SGN A . -22.02 -16.44 -16.93
C1 IDS A . -19.61 -21.22 -18.35
C2 IDS A . -18.10 -21.22 -18.64
C3 IDS A . -17.84 -21.59 -20.11
C4 IDS A . -18.46 -22.95 -20.45
C5 IDS A . -19.59 -23.29 -19.46
C6 IDS A . -20.53 -24.39 -19.95
O2 IDS A . -17.60 -19.93 -18.40
O3 IDS A . -16.44 -21.65 -20.33
O4 IDS A . -19.02 -22.84 -21.75
O5 IDS A . -20.31 -22.11 -19.17
O6A IDS A . -20.20 -25.56 -19.87
O6B IDS A . -21.61 -24.14 -20.42
S IDS A . -16.31 -19.53 -17.60
O1S IDS A . -16.77 -18.51 -16.69
O2S IDS A . -15.83 -20.70 -16.93
O3S IDS A . -15.40 -19.02 -18.58
C1 SGN A . -18.14 -22.99 -22.84
C2 SGN A . -18.76 -22.41 -24.11
C3 SGN A . -19.98 -23.24 -24.54
C4 SGN A . -19.58 -24.72 -24.67
C5 SGN A . -18.94 -25.16 -23.34
C6 SGN A . -18.42 -26.61 -23.33
N2 SGN A . -19.13 -21.02 -23.89
O3 SGN A . -20.43 -22.80 -25.80
O4 SGN A . -20.76 -25.45 -24.91
O5 SGN A . -17.83 -24.34 -23.03
O6 SGN A . -17.72 -26.86 -24.53
S1 SGN A . -18.32 -19.84 -24.71
O1S SGN A . -16.98 -19.80 -24.23
O2S SGN A . -18.43 -20.20 -26.10
O3S SGN A . -19.04 -18.63 -24.40
S2 SGN A . -16.63 -27.95 -24.79
O4S SGN A . -17.11 -29.17 -24.23
O5S SGN A . -16.52 -27.99 -26.22
O6S SGN A . -15.43 -27.48 -24.16
C1 IDS A . -20.65 -26.59 -25.73
C2 IDS A . -21.91 -27.44 -25.51
C3 IDS A . -22.18 -28.31 -26.75
C4 IDS A . -22.33 -27.43 -28.01
C5 IDS A . -21.65 -26.06 -27.79
C6 IDS A . -21.39 -25.29 -29.08
O2 IDS A . -21.68 -28.31 -24.42
O3 IDS A . -23.36 -29.04 -26.57
O4 IDS A . -21.68 -28.08 -29.09
O5 IDS A . -20.44 -26.26 -27.07
O6A IDS A . -22.31 -24.88 -29.74
O6B IDS A . -20.26 -25.05 -29.46
S IDS A . -22.33 -28.25 -22.99
O1S IDS A . -22.25 -29.60 -22.52
O2S IDS A . -21.56 -27.33 -22.20
O3S IDS A . -23.68 -27.82 -23.21
C1 SGN A . -22.37 -29.15 -29.68
C2 SGN A . -21.89 -30.49 -29.09
C3 SGN A . -20.43 -30.75 -29.48
C4 SGN A . -20.29 -30.66 -31.01
C5 SGN A . -20.83 -29.30 -31.48
C6 SGN A . -20.81 -29.08 -33.00
N2 SGN A . -22.06 -30.46 -27.63
O3 SGN A . -20.07 -32.05 -29.08
O4 SGN A . -18.90 -30.76 -31.30
O5 SGN A . -22.19 -29.15 -31.07
O6 SGN A . -21.13 -30.30 -33.63
S1 SGN A . -23.35 -31.20 -26.97
O1S SGN A . -24.52 -30.43 -27.28
O2S SGN A . -23.40 -32.52 -27.54
O3S SGN A . -23.09 -31.22 -25.56
S2 SGN A . -21.16 -30.59 -35.17
O4S SGN A . -20.33 -29.61 -35.80
O5S SGN A . -20.61 -31.91 -35.28
O6S SGN A . -22.54 -30.52 -35.57
C1 IDS A . -18.45 -31.99 -31.78
C2 IDS A . -17.46 -31.70 -32.93
C3 IDS A . -16.47 -32.86 -33.09
C4 IDS A . -15.71 -33.12 -31.77
C5 IDS A . -16.51 -32.54 -30.58
C6 IDS A . -16.06 -33.09 -29.23
O2 IDS A . -18.19 -31.58 -34.13
O3 IDS A . -15.54 -32.55 -34.10
O5 IDS A . -17.88 -32.79 -30.78
O6A IDS A . -14.92 -32.96 -28.86
O6B IDS A . -16.84 -33.64 -28.48
S IDS A . -19.17 -30.44 -34.56
O1S IDS A . -19.36 -30.65 -35.97
O2S IDS A . -20.39 -30.61 -33.82
O3S IDS A . -18.49 -29.21 -34.25
C1 SGN A . 25.57 15.76 35.38
C2 SGN A . 27.08 15.82 35.04
C3 SGN A . 27.39 17.16 34.37
C4 SGN A . 26.47 17.36 33.16
C5 SGN A . 25.01 17.23 33.62
C6 SGN A . 23.97 17.35 32.50
N2 SGN A . 27.85 15.63 36.26
O1 SGN A . 25.25 16.69 36.37
O3 SGN A . 28.73 17.15 33.92
O4 SGN A . 26.71 18.68 32.68
O5 SGN A . 24.81 15.96 34.23
O6 SGN A . 24.03 16.19 31.70
S1 SGN A . 28.73 14.26 36.43
O1S SGN A . 27.85 13.20 36.81
O2S SGN A . 29.37 14.05 35.16
O3S SGN A . 29.68 14.57 37.47
S2 SGN A . 22.98 15.70 30.67
O4S SGN A . 23.35 16.22 29.38
O5S SGN A . 23.07 14.27 30.72
O6S SGN A . 21.71 16.18 31.13
C1 IDS A . 26.39 18.92 31.33
C2 IDS A . 25.65 20.27 31.26
C3 IDS A . 25.82 20.91 29.88
C4 IDS A . 27.31 21.09 29.54
C5 IDS A . 28.17 20.12 30.37
C6 IDS A . 29.58 19.93 29.84
O2 IDS A . 24.28 20.04 31.49
O3 IDS A . 25.18 22.17 29.86
O4 IDS A . 27.47 20.76 28.16
O5 IDS A . 27.50 18.88 30.49
O6A IDS A . 30.41 20.80 29.97
O6B IDS A . 29.91 18.90 29.29
S IDS A . 23.27 20.93 32.29
O1S IDS A . 22.01 20.73 31.61
O2S IDS A . 23.24 20.44 33.64
O3S IDS A . 23.75 22.27 32.18
C1 SGN A . 27.13 21.75 27.23
C2 SGN A . 25.85 21.35 26.48
C3 SGN A . 26.13 20.12 25.60
C4 SGN A . 27.32 20.40 24.69
C5 SGN A . 28.52 20.82 25.55
C6 SGN A . 29.78 21.20 24.78
N2 SGN A . 24.78 21.09 27.44
O3 SGN A . 24.99 19.86 24.79
O4 SGN A . 27.63 19.19 24.01
O5 SGN A . 28.17 21.97 26.33
O6 SGN A . 29.55 22.42 24.10
S1 SGN A . 23.64 22.23 27.68
O1S SGN A . 24.25 23.51 27.50
O2S SGN A . 22.60 21.97 26.72
O3S SGN A . 23.20 22.03 29.03
S2 SGN A . 30.08 22.83 22.68
O4S SGN A . 29.13 22.32 21.73
O5S SGN A . 30.10 24.26 22.73
O6S SGN A . 31.37 22.25 22.54
C1 IDS A . 27.48 19.18 22.62
C2 IDS A . 27.99 17.82 22.10
C3 IDS A . 27.32 17.48 20.76
C4 IDS A . 25.79 17.47 20.91
C5 IDS A . 25.36 18.31 22.13
C6 IDS A . 23.88 18.68 22.13
O2 IDS A . 29.39 17.92 21.89
O3 IDS A . 27.76 16.22 20.32
O4 IDS A . 25.23 18.05 19.74
O5 IDS A . 26.17 19.45 22.21
O6A IDS A . 23.03 17.85 22.33
O6B IDS A . 23.51 19.82 21.93
S IDS A . 30.50 16.90 22.28
O1S IDS A . 31.49 17.06 21.27
O2S IDS A . 30.97 17.25 23.58
O3S IDS A . 29.86 15.61 22.24
C1 SGN A . 25.27 17.30 18.56
C2 SGN A . 25.75 18.15 17.38
C3 SGN A . 24.71 19.24 17.07
C4 SGN A . 23.34 18.58 16.85
C5 SGN A . 23.00 17.72 18.07
C6 SGN A . 21.67 16.95 17.98
N2 SGN A . 27.05 18.74 17.70
O3 SGN A . 25.08 19.91 15.88
O4 SGN A . 22.40 19.63 16.70
O5 SGN A . 24.01 16.75 18.29
O6 SGN A . 21.94 15.66 17.47
S1 SGN A . 28.37 18.22 16.89
O1S SGN A . 28.31 16.79 16.81
O2S SGN A . 28.33 18.87 15.62
O3S SGN A . 29.49 18.66 17.69
S2 SGN A . 21.13 14.88 16.39
O4S SGN A . 21.16 15.67 15.19
O5S SGN A . 21.85 13.64 16.24
O6S SGN A . 19.81 14.70 16.92
C1 IDS A . 21.89 19.85 15.42
C2 IDS A . 21.78 21.38 15.22
C3 IDS A . 21.85 21.73 13.74
C4 IDS A . 23.15 21.20 13.11
C5 IDS A . 23.72 20.04 13.95
C6 IDS A . 24.74 19.18 13.22
O2 IDS A . 20.54 21.81 15.72
O3 IDS A . 21.82 23.13 13.57
O4 IDS A . 22.83 20.69 11.82
O5 IDS A . 22.65 19.24 14.42
O6A IDS A . 25.56 19.69 12.49
O6B IDS A . 24.79 17.98 13.37
S IDS A . 20.25 22.91 16.80
O1S IDS A . 18.99 23.48 16.40
O2S IDS A . 20.17 22.27 18.08
O3S IDS A . 21.33 23.84 16.70
C1 SGN A . 21.95 21.45 11.05
C2 SGN A . 20.59 20.74 10.95
C3 SGN A . 20.74 19.44 10.13
C4 SGN A . 21.38 19.76 8.77
C5 SGN A . 22.70 20.50 9.01
C6 SGN A . 23.44 20.95 7.74
N2 SGN A . 20.08 20.47 12.29
O3 SGN A . 19.46 18.89 9.91
O4 SGN A . 21.63 18.52 8.14
O5 SGN A . 22.47 21.68 9.76
O6 SGN A . 23.10 22.29 7.47
S1 SGN A . 18.82 21.37 12.84
O1S SGN A . 19.36 22.45 13.62
O2S SGN A . 18.10 21.80 11.69
O3S SGN A . 18.06 20.47 13.66
S2 SGN A . 22.93 22.95 6.06
O4S SGN A . 21.71 22.46 5.51
O5S SGN A . 22.86 24.36 6.35
O6S SGN A . 24.09 22.60 5.30
C1 IDS A . 21.05 18.33 6.87
C2 IDS A . 21.40 16.90 6.40
C3 IDS A . 20.36 16.40 5.41
C4 IDS A . 18.96 16.42 6.03
C5 IDS A . 18.91 17.43 7.20
C6 IDS A . 17.49 17.84 7.60
O2 IDS A . 22.66 16.94 5.76
O3 IDS A . 20.67 15.07 5.04
O4 IDS A . 18.05 16.86 5.03
O5 IDS A . 19.68 18.56 6.86
O6A IDS A . 16.65 16.99 7.81
O6B IDS A . 17.19 18.99 7.75
S IDS A . 23.92 16.07 6.06
O1S IDS A . 24.72 16.19 4.86
O2S IDS A . 24.58 16.63 7.20
O3S IDS A . 23.45 14.74 6.27
C1 SGN A . 17.14 15.92 4.55
C2 SGN A . 16.49 16.41 3.24
C3 SGN A . 15.61 17.64 3.53
C4 SGN A . 14.60 17.30 4.63
C5 SGN A . 15.37 16.77 5.86
C6 SGN A . 14.48 16.33 7.03
N2 SGN A . 17.53 16.73 2.26
O3 SGN A . 14.89 17.98 2.35
O4 SGN A . 13.92 18.50 4.96
O5 SGN A . 16.15 15.65 5.50
O6 SGN A . 13.55 15.38 6.57
S1 SGN A . 18.51 15.52 1.73
O1S SGN A . 19.39 15.17 2.81
O2S SGN A . 17.64 14.45 1.34
O3S SGN A . 19.23 16.08 0.63
S2 SGN A . 12.93 14.20 7.37
O4S SGN A . 13.09 14.50 8.76
O5S SGN A . 11.54 14.21 6.98
O6S SGN A . 13.61 13.02 6.95
C1 IDS A . 12.59 18.38 5.40
C2 IDS A . 11.88 19.70 5.09
C3 IDS A . 10.37 19.48 4.94
C4 IDS A . 10.08 18.43 3.85
C5 IDS A . 11.33 17.54 3.61
C6 IDS A . 11.02 16.25 2.86
O2 IDS A . 12.09 20.59 6.16
O3 IDS A . 9.73 20.68 4.60
O4 IDS A . 9.03 17.60 4.31
O5 IDS A . 11.94 17.27 4.85
O6A IDS A . 9.94 16.07 2.34
O6B IDS A . 11.85 15.38 2.74
S IDS A . 13.26 21.61 6.36
O1S IDS A . 13.41 21.69 7.80
O2S IDS A . 14.42 21.06 5.73
O3S IDS A . 12.81 22.84 5.79
C1 SGN A . 7.75 17.84 3.77
C2 SGN A . 6.83 18.49 4.82
C3 SGN A . 6.54 17.48 5.95
C4 SGN A . 5.99 16.18 5.34
C5 SGN A . 6.98 15.66 4.28
C6 SGN A . 6.54 14.40 3.54
N2 SGN A . 7.45 19.71 5.33
O3 SGN A . 5.57 18.03 6.80
O4 SGN A . 5.89 15.24 6.41
O5 SGN A . 7.18 16.66 3.28
O6 SGN A . 5.56 14.74 2.59
S1 SGN A . 6.55 21.06 5.45
O1S SGN A . 5.49 20.98 4.49
O2S SGN A . 6.08 21.11 6.81
O3S SGN A . 7.46 22.13 5.15
S2 SGN A . 5.01 13.85 1.43
O4S SGN A . 5.10 12.49 1.86
O5S SGN A . 3.67 14.29 1.26
O6S SGN A . 5.84 14.13 0.29
C1 IDS A . 5.18 14.07 6.14
C2 IDS A . 4.46 13.66 7.44
C3 IDS A . 3.23 12.81 7.12
C4 IDS A . 2.28 13.57 6.18
C5 IDS A . 3.03 14.67 5.41
C6 IDS A . 2.29 15.20 4.19
O2 IDS A . 5.34 12.88 8.23
O3 IDS A . 2.54 12.49 8.31
O4 IDS A . 1.76 12.63 5.24
O5 IDS A . 4.31 14.18 5.06
O6A IDS A . 1.11 15.41 4.23
O6B IDS A . 2.87 15.42 3.15
S IDS A . 6.48 13.37 9.18
O1S IDS A . 6.58 12.35 10.17
O2S IDS A . 7.67 13.51 8.40
O3S IDS A . 6.01 14.62 9.72
C1 SGN A . 1.33 11.40 5.73
C2 SGN A . 2.35 10.30 5.40
C3 SGN A . 2.39 10.07 3.88
C4 SGN A . 0.97 9.77 3.37
C5 SGN A . 0.04 10.93 3.80
C6 SGN A . -1.42 10.76 3.41
N2 SGN A . 3.67 10.68 5.91
O3 SGN A . 3.20 8.95 3.60
O4 SGN A . 1.05 9.73 1.95
O5 SGN A . 0.07 11.06 5.22
O6 SGN A . -1.62 9.43 2.96
S1 SGN A . 4.19 9.99 7.31
O1S SGN A . 3.14 10.09 8.27
O2S SGN A . 4.54 8.65 6.98
O3S SGN A . 5.33 10.79 7.69
S2 SGN A . -2.87 8.86 2.21
O4S SGN A . -2.95 9.54 0.95
O5S SGN A . -2.57 7.47 2.05
O6S SGN A . -3.99 9.10 3.05
C1 IDS A . 1.26 8.47 1.37
C2 IDS A . 2.00 8.69 0.03
C3 IDS A . 2.81 7.45 -0.35
C4 IDS A . 3.81 7.09 0.76
C5 IDS A . 3.36 7.69 2.11
C6 IDS A . 4.04 7.09 3.33
O2 IDS A . 1.02 8.91 -0.97
O3 IDS A . 3.51 7.68 -1.54
O4 IDS A . 3.83 5.67 0.90
O5 IDS A . 1.96 7.59 2.21
O6A IDS A . 5.24 6.95 3.35
O6B IDS A . 3.42 6.73 4.29
S IDS A . 0.23 10.22 -1.27
O1S IDS A . -1.05 9.76 -1.73
O2S IDS A . 0.13 10.97 -0.06
O3S IDS A . 0.97 10.90 -2.30
C1 SGN A . 4.02 4.93 -0.27
C2 SGN A . 2.85 3.96 -0.49
C3 SGN A . 2.84 2.89 0.61
C4 SGN A . 4.21 2.20 0.67
C5 SGN A . 5.30 3.28 0.85
C6 SGN A . 6.74 2.76 0.86
N2 SGN A . 1.59 4.71 -0.51
O3 SGN A . 1.87 1.91 0.30
O4 SGN A . 4.20 1.33 1.79
O5 SGN A . 5.23 4.22 -0.22
O6 SGN A . 6.78 1.51 0.19
S1 SGN A . 1.07 5.33 -1.93
O1S SGN A . 2.14 6.10 -2.49
O2S SGN A . 0.69 4.22 -2.74
O3S SGN A . -0.04 6.16 -1.58
S2 SGN A . 7.50 0.21 0.65
O4S SGN A . 6.74 -0.34 1.73
O5S SGN A . 7.48 -0.63 -0.52
O6S SGN A . 8.83 0.59 1.02
C1 IDS A . 3.85 0.00 1.56
C2 IDS A . 4.09 -0.78 2.86
C3 IDS A . 3.18 -2.01 2.92
C4 IDS A . 1.70 -1.61 2.79
C5 IDS A . 1.58 -0.24 2.12
C6 IDS A . 0.18 0.06 1.58
O2 IDS A . 5.43 -1.21 2.90
O3 IDS A . 3.37 -2.68 4.15
O4 IDS A . 1.06 -2.58 1.96
O5 IDS A . 2.54 -0.14 1.09
O6A IDS A . -0.73 -0.71 1.75
O6B IDS A . -0.06 1.09 0.97
S IDS A . 6.61 -0.64 3.74
O1S IDS A . 7.67 -1.59 3.56
O2S IDS A . 6.95 0.65 3.20
O3S IDS A . 6.13 -0.59 5.09
C1 SGN A . 0.11 -3.41 2.57
C2 SGN A . -0.05 -4.71 1.79
C3 SGN A . -0.66 -4.43 0.41
C4 SGN A . -1.98 -3.64 0.58
C5 SGN A . -1.69 -2.38 1.42
C6 SGN A . -2.92 -1.52 1.73
N2 SGN A . 1.25 -5.36 1.66
O3 SGN A . -0.96 -5.65 -0.23
O4 SGN A . -2.42 -3.27 -0.71
O5 SGN A . -1.13 -2.75 2.67
O6 SGN A . -4.00 -2.38 2.04
S1 SGN A . 1.75 -6.35 2.87
O1S SGN A . 2.53 -5.57 3.78
O2S SGN A . 0.58 -6.91 3.45
O3S SGN A . 2.57 -7.34 2.20
S2 SGN A . -5.51 -2.15 1.70
O4S SGN A . -5.63 -2.16 0.28
O5S SGN A . -6.17 -3.27 2.32
O6S SGN A . -5.88 -0.90 2.29
C1 IDS A . -3.73 -3.63 -1.06
C2 IDS A . -4.18 -2.69 -2.18
C3 IDS A . -5.28 -3.35 -3.03
C4 IDS A . -4.78 -4.69 -3.60
C5 IDS A . -3.61 -5.23 -2.77
C6 IDS A . -3.31 -6.71 -3.00
O2 IDS A . -4.72 -1.52 -1.60
O3 IDS A . -5.65 -2.50 -4.09
O4 IDS A . -5.86 -5.62 -3.53
O5 IDS A . -3.86 -4.99 -1.41
O6A IDS A . -4.03 -7.37 -3.71
O6B IDS A . -2.36 -7.25 -2.50
S IDS A . -3.98 -0.40 -0.81
O1S IDS A . -4.84 0.75 -0.93
O2S IDS A . -3.82 -0.84 0.55
O3S IDS A . -2.72 -0.22 -1.49
C1 SGN A . -7.10 -5.19 -4.01
C2 SGN A . -7.97 -4.66 -2.87
C3 SGN A . -8.35 -5.81 -1.92
C4 SGN A . -8.99 -6.95 -2.70
C5 SGN A . -8.04 -7.36 -3.84
C6 SGN A . -8.58 -8.46 -4.77
N2 SGN A . -7.25 -3.59 -2.17
O3 SGN A . -9.27 -5.33 -0.97
O4 SGN A . -9.17 -8.03 -1.81
O5 SGN A . -7.75 -6.24 -4.67
O6 SGN A . -9.98 -8.34 -4.85
S1 SGN A . -7.73 -2.05 -2.40
O1S SGN A . -7.57 -1.73 -3.79
O2S SGN A . -9.10 -1.97 -1.96
O3S SGN A . -6.85 -1.27 -1.57
S2 SGN A . -11.00 -9.42 -5.34
O4S SGN A . -10.49 -10.69 -4.96
O5S SGN A . -12.21 -9.10 -4.65
O6S SGN A . -11.12 -9.24 -6.75
C1 IDS A . -9.86 -9.15 -2.29
C2 IDS A . -10.44 -9.90 -1.08
C3 IDS A . -11.67 -10.72 -1.51
C4 IDS A . -12.73 -9.81 -2.17
C5 IDS A . -12.08 -8.52 -2.69
C6 IDS A . -12.94 -7.76 -3.69
O2 IDS A . -9.47 -10.79 -0.59
O3 IDS A . -12.23 -11.36 -0.39
O4 IDS A . -13.28 -10.52 -3.27
O5 IDS A . -10.82 -8.83 -3.25
O6A IDS A . -13.98 -7.25 -3.35
O6B IDS A . -12.61 -7.62 -4.85
S IDS A . -8.20 -10.45 0.26
O1S IDS A . -7.93 -11.66 0.98
O2S IDS A . -7.15 -10.13 -0.65
O3S IDS A . -8.58 -9.36 1.10
C1 SGN A . -14.27 -11.48 -2.98
C2 SGN A . -13.88 -12.83 -3.61
C3 SGN A . -13.93 -12.74 -5.13
C4 SGN A . -15.31 -12.21 -5.57
C5 SGN A . -15.58 -10.88 -4.85
C6 SGN A . -16.95 -10.25 -5.14
N2 SGN A . -12.56 -13.24 -3.14
O3 SGN A . -13.76 -14.02 -5.68
O4 SGN A . -15.25 -12.00 -6.98
O5 SGN A . -15.52 -11.06 -3.45
O6 SGN A . -17.93 -10.94 -4.39
S1 SGN A . -12.36 -13.62 -1.55
O1S SGN A . -13.14 -12.70 -0.78
O2S SGN A . -12.78 -14.98 -1.41
O3S SGN A . -10.95 -13.45 -1.31
S2 SGN A . -19.43 -11.15 -4.77
O4S SGN A . -19.49 -11.31 -6.19
O5S SGN A . -19.79 -12.35 -4.07
O6S SGN A . -20.13 -10.00 -4.30
C1 IDS A . -16.42 -11.61 -7.62
C2 IDS A . -16.04 -10.95 -8.95
C3 IDS A . -17.19 -11.07 -9.95
C4 IDS A . -17.59 -12.55 -10.16
C5 IDS A . -17.13 -13.40 -8.97
C6 IDS A . -17.81 -14.76 -8.88
O2 IDS A . -15.79 -9.58 -8.72
O3 IDS A . -16.81 -10.52 -11.19
O4 IDS A . -19.00 -12.61 -10.25
O5 IDS A . -17.33 -12.67 -7.78
O6A IDS A . -18.28 -15.28 -9.87
O6B IDS A . -17.88 -15.37 -7.84
S IDS A . -14.48 -8.91 -8.20
O1S IDS A . -14.88 -7.59 -7.84
O2S IDS A . -14.02 -9.67 -7.09
O3S IDS A . -13.57 -8.94 -9.31
C1 SGN A . -19.59 -12.21 -11.46
C2 SGN A . -21.11 -12.06 -11.29
C3 SGN A . -21.75 -13.44 -11.04
C4 SGN A . -21.33 -14.41 -12.16
C5 SGN A . -19.79 -14.43 -12.24
C6 SGN A . -19.22 -15.33 -13.35
N2 SGN A . -21.39 -11.13 -10.20
O3 SGN A . -23.15 -13.31 -11.06
O4 SGN A . -21.82 -15.69 -11.79
O5 SGN A . -19.30 -13.13 -12.48
O6 SGN A . -19.45 -14.70 -14.59
S1 SGN A . -21.13 -9.53 -10.44
O1S SGN A . -19.72 -9.32 -10.43
O2S SGN A . -21.75 -9.21 -11.69
O3S SGN A . -21.77 -8.90 -9.33
S2 SGN A . -18.62 -14.88 -15.91
O4S SGN A . -17.87 -16.08 -15.78
O5S SGN A . -19.62 -14.96 -16.93
O6S SGN A . -17.82 -13.69 -16.03
C1 IDS A . -21.57 -16.74 -12.67
C2 IDS A . -21.22 -17.98 -11.84
C3 IDS A . -21.56 -19.26 -12.63
C4 IDS A . -23.04 -19.28 -13.03
C5 IDS A . -23.61 -17.86 -13.04
C6 IDS A . -24.92 -17.72 -13.81
O2 IDS A . -19.84 -17.97 -11.58
O3 IDS A . -21.28 -20.39 -11.82
O4 IDS A . -23.12 -19.81 -14.36
O5 IDS A . -22.64 -16.97 -13.56
O6A IDS A . -25.93 -18.22 -13.38
O6B IDS A . -24.99 -17.11 -14.85
S IDS A . -19.01 -16.90 -10.81
O1S IDS A . -17.77 -17.55 -10.50
O2S IDS A . -18.84 -15.77 -11.68
O3S IDS A . -19.78 -16.59 -9.63
C1 SGN A . -23.11 -21.20 -14.48
C2 SGN A . -21.81 -21.67 -15.17
C3 SGN A . -21.77 -21.19 -16.62
C4 SGN A . -23.05 -21.63 -17.34
C5 SGN A . -24.27 -21.13 -16.55
C6 SGN A . -25.63 -21.55 -17.12
N2 SGN A . -20.66 -21.19 -14.41
O3 SGN A . -20.67 -21.77 -17.27
O4 SGN A . -23.04 -21.03 -18.63
O5 SGN A . -24.22 -21.63 -15.22
O6 SGN A . -25.46 -22.73 -17.88
S1 SGN A . -20.34 -21.85 -12.94
O1S SGN A . -21.58 -22.04 -12.26
O2S SGN A . -19.64 -23.08 -13.22
O3S SGN A . -19.51 -20.89 -12.28
S2 SGN A . -26.04 -23.02 -19.30
O4S SGN A . -25.80 -21.87 -20.11
O5S SGN A . -25.30 -24.16 -19.75
O6S SGN A . -27.43 -23.31 -19.12
C1 IDS A . -23.64 -21.75 -19.67
C2 IDS A . -24.02 -20.74 -20.77
C3 IDS A . -24.07 -21.43 -22.14
C4 IDS A . -22.73 -22.10 -22.46
C5 IDS A . -21.93 -22.36 -21.17
C6 IDS A . -20.80 -23.37 -21.33
O2 IDS A . -25.29 -20.22 -20.48
O3 IDS A . -24.37 -20.48 -23.13
O4 IDS A . -23.00 -23.35 -23.08
O5 IDS A . -22.82 -22.78 -20.15
O6A IDS A . -19.90 -23.16 -22.12
O6B IDS A . -20.75 -24.39 -20.68
S IDS A . -25.73 -19.37 -19.25
O1S IDS A . -26.89 -20.04 -18.74
O2S IDS A . -24.66 -19.36 -18.31
O3S IDS A . -26.04 -18.06 -19.78
C1 SGN A . -23.25 -23.34 -24.46
C2 SGN A . -24.63 -23.94 -24.76
C3 SGN A . -24.64 -25.44 -24.42
C4 SGN A . -23.48 -26.13 -25.15
C5 SGN A . -22.18 -25.41 -24.80
C6 SGN A . -20.92 -25.97 -25.50
N2 SGN A . -25.66 -23.22 -24.00
O3 SGN A . -25.85 -26.01 -24.87
O4 SGN A . -23.44 -27.48 -24.70
O5 SGN A . -22.27 -24.04 -25.15
O6 SGN A . -21.30 -26.43 -26.78
S1 SGN A . -26.46 -21.99 -24.74
O1S SGN A . -25.58 -20.87 -24.81
O2S SGN A . -26.85 -22.49 -26.03
O3S SGN A . -27.58 -21.74 -23.89
S2 SGN A . -20.64 -27.60 -27.58
O4S SGN A . -20.15 -28.55 -26.64
O5S SGN A . -21.73 -28.13 -28.36
O6S SGN A . -19.62 -27.02 -28.40
C1 IDS A . -23.58 -28.48 -25.65
C2 IDS A . -23.13 -29.81 -25.01
C3 IDS A . -23.81 -30.99 -25.70
C4 IDS A . -25.34 -30.86 -25.65
C5 IDS A . -25.74 -29.39 -25.43
C6 IDS A . -27.20 -29.09 -25.76
O2 IDS A . -21.74 -29.93 -25.17
O3 IDS A . -23.43 -32.19 -25.06
O4 IDS A . -25.86 -31.29 -26.89
O5 IDS A . -24.88 -28.56 -26.18
O6A IDS A . -27.92 -29.95 -26.20
O6B IDS A . -27.68 -28.00 -25.57
S IDS A . -20.62 -29.87 -24.09
O1S IDS A . -19.54 -30.62 -24.64
O2S IDS A . -20.29 -28.49 -23.88
O3S IDS A . -21.18 -30.49 -22.92
C1 SGN A . -26.65 -32.45 -26.89
C2 SGN A . -25.84 -33.65 -27.40
C3 SGN A . -25.50 -33.46 -28.88
C4 SGN A . -26.79 -33.20 -29.68
C5 SGN A . -27.52 -32.01 -29.05
C6 SGN A . -28.87 -31.66 -29.70
N2 SGN A . -24.62 -33.80 -26.58
O3 SGN A . -24.90 -34.64 -29.38
O4 SGN A . -26.40 -32.89 -31.01
O5 SGN A . -27.79 -32.27 -27.68
O6 SGN A . -29.87 -32.46 -29.10
S1 SGN A . -24.34 -35.23 -25.86
O1S SGN A . -25.60 -35.85 -25.58
O2S SGN A . -23.53 -35.98 -26.77
O3S SGN A . -23.64 -34.89 -24.65
S2 SGN A . -31.31 -32.71 -29.65
O4S SGN A . -31.21 -32.82 -31.07
O5S SGN A . -31.70 -33.95 -29.04
O6S SGN A . -32.11 -31.61 -29.22
C1 IDS A . -26.80 -33.78 -32.01
C2 IDS A . -27.02 -32.96 -33.30
C3 IDS A . -26.84 -33.85 -34.54
C4 IDS A . -25.44 -34.50 -34.53
C5 IDS A . -24.86 -34.53 -33.11
C6 IDS A . -23.69 -35.49 -32.93
O2 IDS A . -28.35 -32.47 -33.29
O3 IDS A . -26.99 -33.08 -35.70
O5 IDS A . -25.90 -34.83 -32.20
O6A IDS A . -23.30 -36.16 -33.87
O6B IDS A . -23.13 -35.62 -31.87
S IDS A . -28.86 -31.07 -33.77
O1S IDS A . -30.11 -30.91 -33.09
O2S IDS A . -27.89 -30.10 -33.37
O3S IDS A . -29.02 -31.18 -35.19
C1 SGN A . 11.29 26.29 29.79
C2 SGN A . 10.71 26.18 28.37
C3 SGN A . 10.68 24.70 27.93
C4 SGN A . 12.09 24.11 28.06
C5 SGN A . 12.58 24.33 29.51
C6 SGN A . 14.00 23.83 29.79
N2 SGN A . 9.36 26.76 28.36
O1 SGN A . 10.44 25.69 30.73
O3 SGN A . 10.30 24.63 26.57
O4 SGN A . 11.98 22.72 27.79
O5 SGN A . 12.57 25.70 29.83
O6 SGN A . 14.91 24.59 29.02
S1 SGN A . 9.15 28.21 27.64
O1S SGN A . 9.66 29.22 28.52
O2S SGN A . 9.84 28.15 26.38
O3S SGN A . 7.72 28.33 27.47
S2 SGN A . 16.39 24.92 29.37
O4S SGN A . 16.77 24.08 30.47
O5S SGN A . 17.11 24.60 28.16
O6S SGN A . 16.44 26.32 29.67
C1 IDS A . 12.97 22.15 26.98
C2 IDS A . 12.39 20.87 26.37
C3 IDS A . 13.09 20.53 25.05
C4 IDS A . 12.97 21.71 24.05
C5 IDS A . 12.68 23.02 24.81
C6 IDS A . 12.94 24.28 23.99
O2 IDS A . 12.61 19.81 27.27
O3 IDS A . 12.50 19.39 24.47
O4 IDS A . 14.21 21.84 23.38
O5 IDS A . 13.44 23.04 26.01
O6A IDS A . 12.79 24.27 22.79
O6B IDS A . 13.30 25.31 24.50
S IDS A . 11.72 19.35 28.48
O1S IDS A . 12.67 19.17 29.54
O2S IDS A . 10.80 20.42 28.76
O3S IDS A . 11.10 18.14 28.07
C1 SGN A . 14.71 20.69 22.76
C2 SGN A . 16.23 20.58 23.00
C3 SGN A . 16.96 21.72 22.27
C4 SGN A . 16.56 21.72 20.78
C5 SGN A . 15.03 21.80 20.69
C6 SGN A . 14.47 21.74 19.26
N2 SGN A . 16.50 20.60 24.44
O3 SGN A . 18.35 21.50 22.35
O4 SGN A . 17.15 22.87 20.20
O5 SGN A . 14.44 20.71 21.39
O6 SGN A . 15.14 20.73 18.55
S1 SGN A . 16.15 19.27 25.33
O1S SGN A . 14.90 18.74 24.85
O2S SGN A . 17.26 18.38 25.17
O3S SGN A . 16.03 19.76 26.67
S2 SGN A . 15.67 20.79 17.09
O4S SGN A . 16.84 21.60 17.09
O5S SGN A . 15.96 19.42 16.76
O6S SGN A . 14.61 21.33 16.29
C1 IDS A . 17.83 22.70 19.00
C2 IDS A . 19.02 23.67 18.99
C3 IDS A . 20.14 23.14 18.08
C4 IDS A . 20.59 21.74 18.53
C5 IDS A . 19.48 21.06 19.36
C6 IDS A . 19.66 19.55 19.49
O2 IDS A . 18.58 24.90 18.49
O3 IDS A . 21.25 24.02 18.14
O4 IDS A . 20.82 20.97 17.36
O5 IDS A . 18.23 21.37 18.79
O6A IDS A . 20.69 19.01 19.18
O6B IDS A . 18.77 18.85 19.93
S IDS A . 17.88 26.08 19.25
O1S IDS A . 17.48 26.99 18.22
O2S IDS A . 16.77 25.52 19.95
O3S IDS A . 18.88 26.62 20.12
C1 SGN A . 22.10 21.03 16.79
C2 SGN A . 22.00 21.17 15.26
C3 SGN A . 21.41 19.89 14.66
C4 SGN A . 22.25 18.68 15.13
C5 SGN A . 22.30 18.68 16.66
C6 SGN A . 23.15 17.56 17.29
N2 SGN A . 21.18 22.34 14.93
O3 SGN A . 21.50 19.97 13.25
O4 SGN A . 21.58 17.51 14.66
O5 SGN A . 22.85 19.91 17.13
O6 SGN A . 24.19 17.24 16.38
S1 SGN A . 21.82 23.83 15.10
O1S SGN A . 22.03 24.07 16.50
O2S SGN A . 23.03 23.83 14.34
O3S SGN A . 20.83 24.71 14.56
S2 SGN A . 24.70 15.82 16.00
O4S SGN A . 23.65 15.17 15.28
O5S SGN A . 25.86 16.07 15.17
O6S SGN A . 25.05 15.16 17.23
C1 IDS A . 22.11 16.89 13.52
C2 IDS A . 21.43 15.52 13.38
C3 IDS A . 21.44 15.06 11.93
C4 IDS A . 20.75 16.09 11.02
C5 IDS A . 20.74 17.47 11.71
C6 IDS A . 20.45 18.63 10.75
O2 IDS A . 22.17 14.58 14.15
O3 IDS A . 20.78 13.82 11.81
O4 IDS A . 21.49 16.19 9.82
O5 IDS A . 21.97 17.67 12.37
O6A IDS A . 19.33 18.83 10.34
O6B IDS A . 21.32 19.39 10.38
S IDS A . 22.11 14.33 15.69
O1S IDS A . 22.91 13.16 15.90
O2S IDS A . 22.65 15.48 16.35
O3S IDS A . 20.72 14.12 15.99
C1 SGN A . 21.88 14.99 9.21
C2 SGN A . 23.34 15.06 8.76
C3 SGN A . 23.50 16.08 7.62
C4 SGN A . 22.51 15.76 6.49
C5 SGN A . 21.09 15.67 7.08
C6 SGN A . 19.99 15.29 6.08
N2 SGN A . 24.19 15.40 9.90
O3 SGN A . 24.80 16.01 7.11
O4 SGN A . 22.59 16.81 5.55
O5 SGN A . 21.05 14.70 8.12
O6 SGN A . 19.70 13.92 6.25
S1 SGN A . 24.64 14.21 10.93
O1S SGN A . 23.65 13.17 10.86
O2S SGN A . 25.94 13.78 10.52
O3S SGN A . 24.65 14.84 12.22
S2 SGN A . 19.10 12.95 5.18
O4S SGN A . 19.49 13.45 3.89
O5S SGN A . 19.73 11.68 5.47
O6S SGN A . 17.69 12.93 5.38
C1 IDS A . 22.07 16.56 4.27
C2 IDS A . 22.21 17.85 3.45
C3 IDS A . 22.29 17.53 1.96
C4 IDS A . 23.45 16.58 1.66
C5 IDS A . 23.86 15.82 2.93
C6 IDS A . 24.71 14.58 2.67
O2 IDS A . 21.07 18.65 3.68
O3 IDS A . 22.47 18.73 1.22
O4 IDS A . 23.01 15.64 0.69
O5 IDS A . 22.69 15.47 3.65
O6A IDS A . 25.68 14.65 1.94
O6B IDS A . 24.46 13.52 3.18
S IDS A . 20.90 19.85 4.67
O1S IDS A . 19.48 19.99 4.82
O2S IDS A . 21.54 19.49 5.90
O3S IDS A . 21.50 20.97 4.03
C1 SGN A . 22.27 16.14 -0.39
C2 SGN A . 20.78 15.82 -0.21
C3 SGN A . 20.56 14.30 -0.31
C4 SGN A . 21.16 13.79 -1.63
C5 SGN A . 22.63 14.22 -1.71
C6 SGN A . 23.36 13.82 -3.00
N2 SGN A . 20.32 16.34 1.08
O3 SGN A . 19.18 14.03 -0.31
O4 SGN A . 21.07 12.37 -1.61
O5 SGN A . 22.74 15.64 -1.60
O6 SGN A . 22.40 13.65 -4.02
S1 SGN A . 19.24 17.56 1.09
O1S SGN A . 19.82 18.67 0.40
O2S SGN A . 18.05 17.05 0.47
O3S SGN A . 19.03 17.85 2.49
S2 SGN A . 22.44 12.65 -5.21
O4S SGN A . 22.17 11.35 -4.68
O5S SGN A . 21.42 13.10 -6.11
O6S SGN A . 23.76 12.75 -5.77
C1 IDS A . 19.91 11.80 -2.14
C2 IDS A . 20.25 10.36 -2.56
C3 IDS A . 18.98 9.49 -2.55
C4 IDS A . 18.31 9.51 -1.18
C5 IDS A . 18.75 10.76 -0.38
C6 IDS A . 17.84 11.09 0.80
O2 IDS A . 20.77 10.38 -3.87
O3 IDS A . 19.32 8.16 -2.88
O4 IDS A . 16.91 9.57 -1.38
O5 IDS A . 18.82 11.87 -1.27
O6A IDS A . 17.09 10.25 1.24
O6B IDS A . 17.87 12.17 1.34
S IDS A . 21.92 9.50 -4.48
O1S IDS A . 21.98 9.91 -5.86
O2S IDS A . 23.11 9.80 -3.75
O3S IDS A . 21.47 8.15 -4.33
C1 SGN A . 16.19 8.39 -1.13
C2 SGN A . 14.74 8.54 -1.63
C3 SGN A . 14.00 9.59 -0.78
C4 SGN A . 14.11 9.20 0.70
C5 SGN A . 15.60 9.05 1.06
C6 SGN A . 15.87 8.62 2.51
N2 SGN A . 14.74 8.91 -3.04
O3 SGN A . 12.63 9.58 -1.13
O4 SGN A . 13.54 10.28 1.44
O5 SGN A . 16.20 8.07 0.22
O6 SGN A . 15.23 7.39 2.74
S1 SGN A . 15.36 7.86 -4.13
O1S SGN A . 16.75 7.67 -3.84
O2S SGN A . 14.59 6.66 -4.01
O3S SGN A . 15.17 8.50 -5.40
S2 SGN A . 15.77 6.16 3.54
O4S SGN A . 16.18 6.64 4.82
O5S SGN A . 14.65 5.27 3.61
O6S SGN A . 16.85 5.63 2.76
C1 IDS A . 12.49 9.96 2.31
C2 IDS A . 11.91 11.28 2.85
C3 IDS A . 10.45 11.10 3.26
C4 IDS A . 9.60 10.59 2.07
C5 IDS A . 10.52 9.90 1.03
C6 IDS A . 9.77 9.01 0.04
O2 IDS A . 12.64 11.66 3.99
O3 IDS A . 9.91 12.33 3.69
O4 IDS A . 8.69 9.62 2.57
O5 IDS A . 11.51 9.16 1.71
O6A IDS A . 8.77 9.42 -0.52
O6B IDS A . 10.15 7.89 -0.22
S IDS A . 13.26 13.06 4.33
O1S IDS A . 13.97 12.84 5.55
O2S IDS A . 14.12 13.44 3.25
O3S IDS A . 12.13 13.94 4.49
C1 SGN A . 7.65 10.09 3.38
C2 SGN A . 8.09 10.16 4.84
C3 SGN A . 8.33 8.74 5.38
C4 SGN A . 7.08 7.88 5.15
C5 SGN A . 6.72 7.94 3.65
C6 SGN A . 5.45 7.17 3.26
N2 SGN A . 9.30 10.98 4.96
O3 SGN A . 8.57 8.81 6.78
O4 SGN A . 7.39 6.56 5.53
O5 SGN A . 6.52 9.28 3.25
O6 SGN A . 4.40 7.55 4.14
S1 SGN A . 9.28 12.50 4.36
O1S SGN A . 9.58 12.44 2.97
O2S SGN A . 7.96 13.02 4.65
O3S SGN A . 10.29 13.20 5.11
S2 SGN A . 2.88 7.56 3.85
O4S SGN A . 2.48 6.22 3.54
O5S SGN A . 2.29 8.03 5.07
O6S SGN A . 2.68 8.47 2.76
C1 IDS A . 6.33 5.67 5.74
C2 IDS A . 6.88 4.45 6.49
C3 IDS A . 5.76 3.77 7.28
C4 IDS A . 5.11 4.76 8.26
C5 IDS A . 5.36 6.21 7.81
C6 IDS A . 4.44 7.24 8.47
O2 IDS A . 7.37 3.53 5.54
O3 IDS A . 6.28 2.68 8.01
O4 IDS A . 3.70 4.52 8.26
O5 IDS A . 5.26 6.28 6.40
O6A IDS A . 4.03 7.07 9.59
O6B IDS A . 4.10 8.24 7.88
S IDS A . 8.66 2.64 5.63
O1S IDS A . 9.31 2.84 4.36
O2S IDS A . 9.44 3.12 6.73
O3S IDS A . 8.19 1.30 5.81
C1 SGN A . 3.28 3.26 8.66
C2 SGN A . 3.19 2.31 7.44
C3 SGN A . 2.08 2.79 6.49
C4 SGN A . 0.76 2.91 7.28
C5 SGN A . 1.00 3.84 8.48
C6 SGN A . -0.22 4.02 9.41
N2 SGN A . 4.49 2.28 6.76
O3 SGN A . 1.90 1.83 5.48
O4 SGN A . -0.20 3.49 6.40
O5 SGN A . 2.04 3.33 9.29
O6 SGN A . -0.84 2.76 9.59
S1 SGN A . 5.53 1.07 7.10
O1S SGN A . 5.11 0.46 8.32
O2S SGN A . 5.48 0.17 5.98
O3S SGN A . 6.80 1.70 7.23
S2 SGN A . -2.21 2.47 10.27
O4S SGN A . -3.10 3.55 9.94
O5S SGN A . -2.63 1.23 9.69
O6S SGN A . -1.96 2.36 11.68
C1 IDS A . -1.41 2.82 6.25
C2 IDS A . -1.82 2.90 4.77
C3 IDS A . -2.74 1.74 4.39
C4 IDS A . -2.04 0.40 4.67
C5 IDS A . -0.92 0.58 5.71
C6 IDS A . -0.46 -0.73 6.36
O2 IDS A . -2.54 4.11 4.58
O3 IDS A . -3.05 1.82 3.02
O4 IDS A . -3.01 -0.49 5.20
O5 IDS A . -1.35 1.49 6.70
O6A IDS A . -0.15 -1.67 5.67
O6B IDS A . -0.36 -0.84 7.55
S IDS A . -1.99 5.57 4.54
O1S IDS A . -2.89 6.26 3.67
O2S IDS A . -2.02 6.08 5.88
O3S IDS A . -0.66 5.47 4.01
C1 SGN A . -4.19 -0.66 4.48
C2 SGN A . -5.34 -1.05 5.40
C3 SGN A . -5.10 -2.47 5.97
C4 SGN A . -4.86 -3.45 4.81
C5 SGN A . -3.72 -2.90 3.93
C6 SGN A . -3.39 -3.75 2.70
N2 SGN A . -5.48 -0.07 6.47
O3 SGN A . -6.24 -2.89 6.68
O4 SGN A . -4.49 -4.68 5.39
O5 SGN A . -4.04 -1.60 3.47
O6 SGN A . -4.00 -3.16 1.57
S1 SGN A . -5.79 1.49 6.08
O1S SGN A . -4.58 2.07 5.58
O2S SGN A . -6.84 1.45 5.12
O3S SGN A . -6.21 2.10 7.31
S2 SGN A . -3.46 -3.10 0.12
O4S SGN A . -3.87 -4.30 -0.54
O5S SGN A . -4.08 -1.93 -0.45
O6S SGN A . -2.03 -2.97 0.22
C1 IDS A . -4.98 -5.85 4.77
C2 IDS A . -4.88 -7.00 5.79
C3 IDS A . -5.91 -8.08 5.48
C4 IDS A . -7.33 -7.49 5.46
C5 IDS A . -7.28 -5.97 5.23
C6 IDS A . -8.61 -5.37 4.80
O2 IDS A . -3.59 -7.56 5.69
O3 IDS A . -5.84 -9.10 6.45
O4 IDS A . -8.05 -8.09 4.39
O5 IDS A . -6.28 -5.68 4.28
O6A IDS A . -9.62 -6.03 4.82
O6B IDS A . -8.70 -4.22 4.44
S IDS A . -2.20 -6.90 6.01
O1S IDS A . -1.38 -7.99 6.42
O2S IDS A . -1.74 -6.28 4.80
O3S IDS A . -2.46 -5.97 7.06
C1 SGN A . -7.96 -9.48 4.27
C2 SGN A . -6.89 -9.86 3.24
C3 SGN A . -7.34 -9.43 1.83
C4 SGN A . -8.73 -10.00 1.53
C5 SGN A . -9.69 -9.58 2.66
C6 SGN A . -11.11 -10.13 2.53
N2 SGN A . -5.61 -9.26 3.60
O3 SGN A . -6.43 -9.93 0.88
O4 SGN A . -9.16 -9.44 0.30
O5 SGN A . -9.20 -10.03 3.91
O6 SGN A . -11.04 -11.48 2.14
S1 SGN A . -4.38 -10.23 4.04
O1S SGN A . -4.69 -10.81 5.31
O2S SGN A . -4.23 -11.21 2.99
O3S SGN A . -3.24 -9.36 4.13
S2 SGN A . -12.23 -12.47 1.94
O4S SGN A . -13.15 -11.86 1.03
O5S SGN A . -11.62 -13.65 1.38
O6S SGN A . -12.80 -12.70 3.24
C1 IDS A . -10.22 -10.08 -0.34
C2 IDS A . -10.65 -9.18 -1.53
C3 IDS A . -11.32 -10.03 -2.62
C4 IDS A . -10.38 -11.16 -3.10
C5 IDS A . -9.32 -11.46 -2.02
C6 IDS A . -8.61 -12.79 -2.21
O2 IDS A . -11.58 -8.23 -1.06
O3 IDS A . -11.64 -9.21 -3.72
O4 IDS A . -11.16 -12.31 -3.29
O5 IDS A . -9.91 -11.38 -0.74
O6A IDS A . -8.13 -13.09 -3.28
O6B IDS A . -8.50 -13.58 -1.29
S IDS A . -11.65 -6.71 -1.39
O1S IDS A . -13.03 -6.37 -1.20
O2S IDS A . -10.78 -6.03 -0.46
O3S IDS A . -11.23 -6.58 -2.75
C1 SGN A . -11.82 -12.45 -4.52
C2 SGN A . -13.15 -11.70 -4.50
C3 SGN A . -14.12 -12.37 -3.52
C4 SGN A . -14.26 -13.86 -3.88
C5 SGN A . -12.85 -14.48 -3.90
C6 SGN A . -12.81 -15.97 -4.30
N2 SGN A . -12.92 -10.30 -4.14
O3 SGN A . -15.40 -11.77 -3.64
O4 SGN A . -15.04 -14.46 -2.86
O5 SGN A . -12.03 -13.80 -4.83
O6 SGN A . -13.29 -16.09 -5.62
S1 SGN A . -12.57 -9.22 -5.33
O1S SGN A . -11.16 -9.27 -5.56
O2S SGN A . -13.34 -9.61 -6.47
O3S SGN A . -12.97 -7.95 -4.79
S2 SGN A . -13.62 -17.41 -6.39
O4S SGN A . -14.26 -18.30 -5.46
O5S SGN A . -14.51 -16.99 -7.43
O6S SGN A . -12.37 -17.91 -6.88
C1 IDS A . -15.64 -15.69 -3.16
C2 IDS A . -16.95 -15.77 -2.37
C3 IDS A . -17.94 -16.72 -3.06
C4 IDS A . -18.20 -16.25 -4.50
C5 IDS A . -17.06 -15.36 -5.01
C6 IDS A . -17.02 -15.19 -6.52
O2 IDS A . -16.66 -16.30 -1.09
O3 IDS A . -19.16 -16.75 -2.36
O4 IDS A . -18.26 -17.41 -5.33
O5 IDS A . -15.83 -15.88 -4.53
O6A IDS A . -17.93 -15.58 -7.21
O6B IDS A . -16.10 -14.63 -7.08
S IDS A . -17.28 -15.89 0.29
O1S IDS A . -16.55 -16.67 1.25
O2S IDS A . -17.05 -14.48 0.46
O3S IDS A . -18.67 -16.24 0.22
C1 SGN A . -19.52 -17.77 -5.83
C2 SGN A . -19.88 -19.20 -5.41
C3 SGN A . -18.94 -20.20 -6.10
C4 SGN A . -18.96 -19.97 -7.61
C5 SGN A . -18.63 -18.50 -7.90
C6 SGN A . -18.67 -18.10 -9.38
N2 SGN A . -19.81 -19.32 -3.96
O3 SGN A . -19.38 -21.51 -5.84
O4 SGN A . -17.97 -20.82 -8.18
O5 SGN A . -19.55 -17.65 -7.22
O6 SGN A . -19.99 -17.69 -9.70
S1 SGN A . -21.00 -18.63 -3.05
O1S SGN A . -20.62 -17.29 -2.77
O2S SGN A . -22.19 -18.74 -3.83
O3S SGN A . -21.04 -19.44 -1.86
S2 SGN A . -20.49 -17.07 -11.04
O4S SGN A . -20.37 -18.08 -12.05
O5S SGN A . -21.85 -16.72 -10.78
O6S SGN A . -19.66 -15.92 -11.29
C1 IDS A . -17.85 -20.81 -9.58
C2 IDS A . -17.03 -22.05 -9.98
C3 IDS A . -17.38 -22.47 -11.41
C4 IDS A . -18.88 -22.74 -11.55
C5 IDS A . -19.67 -22.02 -10.45
C6 IDS A . -21.16 -21.88 -10.73
O2 IDS A . -15.67 -21.72 -9.93
O3 IDS A . -16.67 -23.65 -11.75
O4 IDS A . -19.30 -22.22 -12.81
O5 IDS A . -19.09 -20.75 -10.23
O6A IDS A . -21.86 -22.86 -10.81
O6B IDS A . -21.69 -20.80 -10.87
S IDS A . -14.83 -21.26 -8.69
O1S IDS A . -13.46 -21.53 -9.06
O2S IDS A . -15.07 -19.87 -8.49
O3S IDS A . -15.28 -22.07 -7.59
C1 SGN A . -19.72 -23.14 -13.77
C2 SGN A . -18.54 -23.61 -14.63
C3 SGN A . -18.01 -22.45 -15.48
C4 SGN A . -19.16 -21.85 -16.30
C5 SGN A . -20.30 -21.46 -15.32
C6 SGN A . -21.55 -20.89 -16.00
N2 SGN A . -17.49 -24.16 -13.76
O3 SGN A . -17.04 -22.94 -16.37
O4 SGN A . -18.65 -20.69 -16.94
O5 SGN A . -20.71 -22.60 -14.59
O6 SGN A . -22.40 -21.96 -16.37
S1 SGN A . -17.43 -25.78 -13.52
O1S SGN A . -18.42 -26.12 -12.55
O2S SGN A . -17.66 -26.38 -14.80
O3S SGN A . -16.10 -26.02 -13.03
S2 SGN A . -23.67 -21.90 -17.27
O4S SGN A . -23.42 -20.95 -18.31
O5S SGN A . -23.81 -23.24 -17.77
O6S SGN A . -24.74 -21.53 -16.40
C1 IDS A . -19.06 -20.47 -18.26
C2 IDS A . -17.90 -19.79 -19.00
C3 IDS A . -17.99 -20.08 -20.50
C4 IDS A . -18.00 -21.59 -20.78
C5 IDS A . -18.46 -22.36 -19.52
C6 IDS A . -18.88 -23.80 -19.80
O2 IDS A . -18.00 -18.40 -18.80
O3 IDS A . -16.88 -19.49 -21.16
O4 IDS A . -18.93 -21.83 -21.82
O5 IDS A . -19.50 -21.64 -18.89
O6A IDS A . -18.38 -24.42 -20.70
O6B IDS A . -19.71 -24.35 -19.12
S IDS A . -17.99 -17.61 -17.46
O1S IDS A . -18.61 -16.35 -17.78
O2S IDS A . -18.77 -18.36 -16.51
O3S IDS A . -16.62 -17.48 -17.09
C1 SGN A . -18.73 -21.14 -23.02
C2 SGN A . -19.97 -20.27 -23.32
C3 SGN A . -21.17 -21.17 -23.63
C4 SGN A . -20.82 -22.15 -24.76
C5 SGN A . -19.55 -22.93 -24.34
C6 SGN A . -19.02 -23.91 -25.39
N2 SGN A . -20.23 -19.38 -22.20
O3 SGN A . -22.25 -20.36 -24.09
O4 SGN A . -21.91 -23.04 -24.89
O5 SGN A . -18.49 -22.02 -24.08
O6 SGN A . -18.06 -23.26 -26.19
S1 SGN A . -19.91 -17.78 -22.36
O1S SGN A . -18.49 -17.61 -22.33
O2S SGN A . -20.51 -17.38 -23.59
O3S SGN A . -20.54 -17.18 -21.22
S2 SGN A . -17.23 -23.87 -27.37
O4S SGN A . -17.89 -25.07 -27.77
O5S SGN A . -17.27 -22.85 -28.38
O6S SGN A . -15.91 -24.09 -26.84
C1 IDS A . -22.81 -22.79 -25.93
C2 IDS A . -24.19 -23.31 -25.49
C3 IDS A . -25.30 -22.55 -26.22
C4 IDS A . -25.18 -21.03 -25.96
C5 IDS A . -23.74 -20.66 -25.55
C6 IDS A . -23.43 -19.18 -25.68
O2 IDS A . -24.28 -24.67 -25.83
O3 IDS A . -26.56 -22.99 -25.76
O4 IDS A . -25.48 -20.37 -27.19
O5 IDS A . -22.84 -21.44 -26.30
O6A IDS A . -23.70 -18.42 -24.79
O6B IDS A . -22.87 -18.74 -26.66
S IDS A . -24.53 -25.89 -24.88
O1S IDS A . -24.35 -27.03 -25.72
O2S IDS A . -23.57 -25.82 -23.83
O3S IDS A . -25.88 -25.75 -24.42
C1 SGN A . -26.82 -20.34 -27.60
C2 SGN A . -27.12 -21.53 -28.52
C3 SGN A . -26.36 -21.37 -29.85
C4 SGN A . -26.68 -19.99 -30.46
C5 SGN A . -26.38 -18.91 -29.41
C6 SGN A . -26.71 -17.48 -29.87
N2 SGN A . -26.77 -22.78 -27.85
O3 SGN A . -26.78 -22.37 -30.74
O4 SGN A . -25.84 -19.84 -31.58
O5 SGN A . -27.13 -19.14 -28.24
O6 SGN A . -27.83 -17.51 -30.71
S1 SGN A . -27.79 -24.05 -27.95
O1S SGN A . -28.73 -23.96 -26.88
O2S SGN A . -28.39 -23.97 -29.26
O3S SGN A . -26.94 -25.20 -27.82
S2 SGN A . -28.31 -16.42 -31.72
O4S SGN A . -27.15 -15.66 -32.11
O5S SGN A . -28.88 -17.15 -32.80
O6S SGN A . -29.28 -15.62 -31.01
C1 IDS A . -26.01 -18.68 -32.35
C2 IDS A . -24.69 -18.39 -33.08
C3 IDS A . -24.94 -17.58 -34.35
C4 IDS A . -25.93 -18.31 -35.29
C5 IDS A . -26.77 -19.33 -34.48
C6 IDS A . -28.02 -19.80 -35.20
O2 IDS A . -23.87 -17.63 -32.22
O3 IDS A . -23.73 -17.38 -35.04
O5 IDS A . -27.10 -18.76 -33.24
O6A IDS A . -28.10 -19.71 -36.41
O6B IDS A . -28.96 -20.28 -34.61
S IDS A . -22.81 -18.15 -31.18
O1S IDS A . -22.36 -16.95 -30.52
O2S IDS A . -23.48 -19.04 -30.29
O3S IDS A . -21.78 -18.78 -31.95
C1 SGN A . 42.74 10.90 16.95
C2 SGN A . 41.53 11.14 16.04
C3 SGN A . 41.27 12.66 15.92
C4 SGN A . 41.12 13.26 17.32
C5 SGN A . 42.37 12.90 18.15
C6 SGN A . 42.35 13.39 19.61
N2 SGN A . 41.78 10.56 14.72
O1 SGN A . 43.92 11.39 16.35
O3 SGN A . 40.06 12.87 15.22
O4 SGN A . 41.02 14.67 17.17
O5 SGN A . 42.54 11.50 18.19
O6 SGN A . 41.19 12.90 20.23
S1 SGN A . 40.58 9.72 14.00
O1S SGN A . 40.42 8.47 14.70
O2S SGN A . 39.42 10.55 14.06
O3S SGN A . 41.03 9.51 12.66
S2 SGN A . 40.72 13.14 21.70
O4S SGN A . 39.77 14.23 21.67
O5S SGN A . 40.12 11.90 22.10
O6S SGN A . 41.91 13.46 22.45
C1 IDS A . 39.96 15.31 17.82
C2 IDS A . 40.20 16.83 17.70
C3 IDS A . 38.86 17.58 17.79
C4 IDS A . 37.89 17.09 16.70
C5 IDS A . 38.29 15.69 16.21
C6 IDS A . 37.18 14.96 15.45
O2 IDS A . 41.01 17.24 18.78
O3 IDS A . 39.08 18.96 17.62
O4 IDS A . 36.59 17.02 17.27
O5 IDS A . 38.71 14.92 17.32
O6A IDS A . 36.97 15.21 14.29
O6B IDS A . 36.50 14.11 15.98
S IDS A . 42.19 18.26 18.76
O1S IDS A . 42.56 18.39 20.14
O2S IDS A . 43.24 17.70 17.96
O3S IDS A . 41.65 19.48 18.22
C1 SGN A . 35.65 17.96 16.85
C2 SGN A . 35.24 18.87 18.02
C3 SGN A . 34.47 18.06 19.07
C4 SGN A . 33.29 17.35 18.39
C5 SGN A . 33.83 16.52 17.23
C6 SGN A . 32.75 15.78 16.41
N2 SGN A . 36.44 19.49 18.61
O3 SGN A . 33.96 18.94 20.05
O4 SGN A . 32.70 16.50 19.37
O5 SGN A . 34.52 17.34 16.31
O6 SGN A . 31.49 16.36 16.68
S1 SGN A . 36.36 21.05 19.10
O1S SGN A . 35.11 21.59 18.66
O2S SGN A . 36.50 21.02 20.53
O3S SGN A . 37.46 21.69 18.45
S2 SGN A . 30.26 16.44 15.74
O4S SGN A . 30.49 15.54 14.65
O5S SGN A . 29.16 16.04 16.56
O6S SGN A . 30.16 17.81 15.33
C1 IDS A . 31.35 16.21 19.22
C2 IDS A . 31.13 14.74 19.64
C3 IDS A . 29.69 14.52 20.10
C4 IDS A . 29.34 15.47 21.26
C5 IDS A . 30.28 16.69 21.26
C6 IDS A . 29.77 17.87 22.09
O2 IDS A . 31.37 13.92 18.52
O3 IDS A . 29.53 13.18 20.53
O4 IDS A . 28.01 15.92 21.06
O5 IDS A . 30.51 17.09 19.92
O6A IDS A . 29.69 17.77 23.29
O6B IDS A . 29.44 18.91 21.57
S IDS A . 32.30 12.66 18.42
O1S IDS A . 32.20 12.27 17.04
O2S IDS A . 33.63 13.08 18.77
O3S IDS A . 31.74 11.70 19.31
C1 SGN A . 27.02 14.95 20.89
C2 SGN A . 26.68 14.79 19.39
C3 SGN A . 26.01 16.06 18.87
C4 SGN A . 24.80 16.40 19.75
C5 SGN A . 25.26 16.49 21.21
C6 SGN A . 24.14 16.77 22.23
N2 SGN A . 27.90 14.48 18.64
O3 SGN A . 25.55 15.84 17.55
O4 SGN A . 24.30 17.66 19.32
O5 SGN A . 25.87 15.26 21.60
O6 SGN A . 23.08 15.88 21.98
S1 SGN A . 27.96 13.12 17.75
O1S SGN A . 27.40 12.06 18.53
O2S SGN A . 27.22 13.39 16.55
O3S SGN A . 29.36 12.91 17.50
S2 SGN A . 21.78 15.69 22.84
O4S SGN A . 21.27 16.99 23.15
O5S SGN A . 20.90 14.94 21.98
O6S SGN A . 22.18 14.95 24.00
C1 IDS A . 23.19 17.64 18.46
C2 IDS A . 23.13 19.02 17.76
C3 IDS A . 22.41 18.90 16.42
C4 IDS A . 23.12 17.88 15.51
C5 IDS A . 23.95 16.90 16.36
C6 IDS A . 24.35 15.63 15.62
O2 IDS A . 22.38 19.89 18.59
O3 IDS A . 22.41 20.17 15.77
O4 IDS A . 22.11 17.14 14.83
O5 IDS A . 23.24 16.59 17.54
O6A IDS A . 24.27 15.56 14.41
O6B IDS A . 24.76 14.66 16.21
S IDS A . 22.90 20.75 19.79
O1S IDS A . 21.90 21.78 19.94
O2S IDS A . 22.98 19.89 20.94
O3S IDS A . 24.17 21.27 19.39
C1 SGN A . 20.99 17.85 14.39
C2 SGN A . 19.70 17.08 14.73
C3 SGN A . 19.63 15.79 13.91
C4 SGN A . 19.79 16.12 12.42
C5 SGN A . 21.09 16.91 12.22
C6 SGN A . 21.35 17.37 10.78
N2 SGN A . 19.66 16.81 16.16
O3 SGN A . 18.37 15.19 14.10
O4 SGN A . 19.87 14.88 11.73
O5 SGN A . 21.06 18.09 13.01
O6 SGN A . 20.16 17.90 10.24
S1 SGN A . 19.16 17.99 17.18
O1S SGN A . 20.07 19.09 17.08
O2S SGN A . 17.83 18.33 16.77
O3S SGN A . 19.19 17.39 18.48
S2 SGN A . 19.55 17.63 8.83
O4S SGN A . 20.22 16.49 8.29
O5S SGN A . 18.17 17.39 9.09
O6S SGN A . 19.77 18.83 8.07
C1 IDS A . 18.79 14.54 10.91
C2 IDS A . 19.33 13.74 9.72
C3 IDS A . 18.25 12.82 9.14
C4 IDS A . 17.70 11.88 10.22
C5 IDS A . 17.97 12.45 11.62
C6 IDS A . 17.14 11.81 12.73
O2 IDS A . 19.73 14.65 8.71
O3 IDS A . 18.79 12.06 8.09
O4 IDS A . 16.30 11.77 10.04
O5 IDS A . 17.77 13.85 11.59
O6A IDS A . 17.26 10.64 12.99
O6B IDS A . 16.35 12.46 13.38
S IDS A . 21.17 15.08 8.31
O1S IDS A . 21.09 15.31 6.89
O2S IDS A . 21.49 16.27 9.04
O3S IDS A . 22.01 13.97 8.64
C1 SGN A . 15.86 11.30 8.80
C2 SGN A . 14.71 12.19 8.28
C3 SGN A . 13.48 12.04 9.16
C4 SGN A . 13.10 10.55 9.28
C5 SGN A . 14.34 9.78 9.79
C6 SGN A . 14.14 8.26 9.91
N2 SGN A . 15.16 13.57 8.21
O3 SGN A . 12.40 12.72 8.57
O4 SGN A . 12.05 10.46 10.24
O5 SGN A . 15.43 9.97 8.90
O6 SGN A . 14.55 7.65 8.70
S1 SGN A . 14.82 14.45 6.87
O1S SGN A . 14.77 13.56 5.75
O2S SGN A . 13.58 15.11 7.14
O3S SGN A . 15.91 15.38 6.75
S2 SGN A . 14.52 6.13 8.35
O4S SGN A . 13.28 5.59 8.84
O5S SGN A . 14.59 6.09 6.92
O6S SGN A . 15.67 5.55 8.97
C1 IDS A . 10.77 10.19 9.75
C2 IDS A . 10.06 9.30 10.79
C3 IDS A . 8.53 9.46 10.67
C4 IDS A . 8.14 10.94 10.85
C5 IDS A . 9.33 11.86 10.54
C6 IDS A . 8.94 13.32 10.30
O2 IDS A . 10.38 7.95 10.51
O3 IDS A . 7.90 8.69 11.65
O4 IDS A . 7.10 11.22 9.91
O5 IDS A . 10.05 11.34 9.45
O6A IDS A . 8.11 13.85 10.99
O6B IDS A . 9.47 13.97 9.43
S IDS A . 11.79 7.28 10.49
O1S IDS A . 11.70 6.31 9.45
O2S IDS A . 12.75 8.30 10.21
O3S IDS A . 11.96 6.68 11.79
C1 SGN A . 5.84 11.49 10.44
C2 SGN A . 4.82 10.45 9.95
C3 SGN A . 4.60 10.59 8.43
C4 SGN A . 4.21 12.05 8.11
C5 SGN A . 5.29 12.99 8.69
C6 SGN A . 5.01 14.49 8.49
N2 SGN A . 5.29 9.12 10.29
O3 SGN A . 3.55 9.75 8.03
O4 SGN A . 4.18 12.16 6.69
O5 SGN A . 5.40 12.78 10.09
O6 SGN A . 4.46 15.00 9.68
S1 SGN A . 4.89 8.48 11.75
O1S SGN A . 5.61 9.20 12.76
O2S SGN A . 3.47 8.63 11.88
O3S SGN A . 5.29 7.12 11.68
S2 SGN A . 3.41 16.16 9.82
O4S SGN A . 2.16 15.67 9.31
O5S SGN A . 3.36 16.41 11.23
O6S SGN A . 3.93 17.27 9.08
C1 IDS A . 3.27 13.07 6.15
C2 IDS A . 3.90 13.69 4.89
C3 IDS A . 2.82 14.17 3.93
C4 IDS A . 1.88 13.01 3.54
C5 IDS A . 1.94 11.89 4.60
C6 IDS A . 0.78 10.91 4.53
O2 IDS A . 4.67 14.80 5.29
O3 IDS A . 3.41 14.68 2.75
O4 IDS A . 0.56 13.52 3.49
O5 IDS A . 2.02 12.48 5.88
O6A IDS A . -0.10 11.05 3.71
O6B IDS A . 0.70 9.97 5.28
S IDS A . 6.01 15.32 4.69
O1S IDS A . 6.65 16.02 5.77
O2S IDS A . 6.76 14.19 4.25
O3S IDS A . 5.63 16.20 3.61
C1 SGN A . -0.16 13.32 2.31
C2 SGN A . -1.27 14.38 2.16
C3 SGN A . -2.34 14.17 3.25
C4 SGN A . -2.84 12.73 3.20
C5 SGN A . -1.64 11.77 3.31
C6 SGN A . -1.98 10.27 3.22
N2 SGN A . -0.67 15.72 2.24
O3 SGN A . -3.42 15.04 3.01
O4 SGN A . -3.71 12.54 4.31
O5 SGN A . -0.71 12.04 2.27
O6 SGN A . -3.00 10.11 2.24
S1 SGN A . -0.01 16.36 0.89
O1S SGN A . 0.61 15.31 0.16
O2S SGN A . -1.09 16.99 0.19
O3S SGN A . 0.94 17.30 1.38
S2 SGN A . -3.90 8.86 2.03
O4S SGN A . -4.96 8.92 2.98
O5S SGN A . -4.37 8.99 0.68
O6S SGN A . -3.06 7.71 2.20
C1 IDS A . -4.77 11.65 4.16
C2 IDS A . -5.18 11.16 5.56
C3 IDS A . -6.64 10.72 5.56
C4 IDS A . -7.56 11.86 5.09
C5 IDS A . -6.76 12.88 4.26
C6 IDS A . -7.63 13.80 3.42
O2 IDS A . -4.37 10.06 5.91
O3 IDS A . -7.02 10.33 6.87
O4 IDS A . -8.57 11.29 4.26
O5 IDS A . -5.84 12.19 3.45
O6A IDS A . -8.52 14.46 3.94
O6B IDS A . -7.46 13.93 2.23
S IDS A . -3.50 9.86 7.19
O1S IDS A . -2.89 8.57 7.00
O2S IDS A . -2.54 10.92 7.22
O3S IDS A . -4.41 9.89 8.29
C1 SGN A . -9.37 10.30 4.83
C2 SGN A . -8.89 8.90 4.41
C3 SGN A . -9.10 8.69 2.90
C4 SGN A . -10.57 8.98 2.55
C5 SGN A . -10.94 10.38 3.05
C6 SGN A . -12.40 10.78 2.82
N2 SGN A . -7.48 8.75 4.78
O3 SGN A . -8.81 7.36 2.58
O4 SGN A . -10.67 8.92 1.14
O5 SGN A . -10.71 10.48 4.45
O6 SGN A . -13.21 10.04 3.70
S1 SGN A . -7.06 7.53 5.79
O1S SGN A . -7.34 7.94 7.13
O2S SGN A . -7.82 6.39 5.39
O3S SGN A . -5.65 7.35 5.58
S2 SGN A . -14.70 10.35 4.10
O4S SGN A . -15.32 10.97 2.98
O5S SGN A . -15.25 9.06 4.39
O6S SGN A . -14.63 11.19 5.25
C1 IDS A . -10.98 7.68 0.57
C2 IDS A . -10.82 7.81 -0.96
C3 IDS A . -10.53 6.44 -1.58
C4 IDS A . -9.27 5.82 -0.96
C5 IDS A . -8.99 6.44 0.42
C6 IDS A . -8.03 5.62 1.30
O2 IDS A . -12.04 8.29 -1.50
O3 IDS A . -10.33 6.58 -2.97
O4 IDS A . -9.51 4.43 -0.78
O5 IDS A . -10.22 6.63 1.09
O6A IDS A . -7.11 5.03 0.79
O6B IDS A . -8.16 5.56 2.49
S IDS A . -12.69 9.70 -1.32
O1S IDS A . -14.04 9.42 -0.92
O2S IDS A . -11.95 10.39 -0.30
O3S IDS A . -12.60 10.32 -2.60
C1 SGN A . -9.59 3.66 -1.95
C2 SGN A . -11.05 3.45 -2.37
C3 SGN A . -11.78 2.59 -1.33
C4 SGN A . -11.01 1.27 -1.11
C5 SGN A . -9.55 1.61 -0.74
C6 SGN A . -8.64 0.40 -0.55
N2 SGN A . -11.69 4.76 -2.53
O3 SGN A . -13.07 2.27 -1.81
O4 SGN A . -11.64 0.59 -0.04
O5 SGN A . -8.96 2.41 -1.75
O6 SGN A . -9.12 -0.66 -1.35
S1 SGN A . -11.69 5.46 -4.01
O1S SGN A . -10.43 6.14 -4.17
O2S SGN A . -11.89 4.40 -4.95
O3S SGN A . -12.79 6.38 -3.97
S2 SGN A . -8.52 -2.10 -1.48
O4S SGN A . -8.77 -2.77 -0.25
O5S SGN A . -9.23 -2.67 -2.58
O6S SGN A . -7.12 -1.93 -1.76
C1 IDS A . -12.52 -0.44 -0.38
C2 IDS A . -13.29 -0.82 0.90
C3 IDS A . -14.65 -1.44 0.54
C4 IDS A . -15.48 -0.46 -0.31
C5 IDS A . -14.55 0.56 -1.01
C6 IDS A . -15.21 1.29 -2.17
O2 IDS A . -12.54 -1.79 1.60
O3 IDS A . -15.36 -1.73 1.71
O4 IDS A . -16.14 -1.23 -1.32
O5 IDS A . -13.38 -0.09 -1.43
O6A IDS A . -15.95 2.23 -1.98
O6B IDS A . -15.01 0.97 -3.32
S IDS A . -12.25 -1.87 3.13
O1S IDS A . -11.09 -2.70 3.23
O2S IDS A . -12.02 -0.54 3.61
O3S IDS A . -13.41 -2.48 3.71
C1 SGN A . -16.80 -2.38 -0.91
C2 SGN A . -16.79 -3.44 -2.02
C3 SGN A . -17.63 -2.97 -3.22
C4 SGN A . -19.04 -2.60 -2.73
C5 SGN A . -18.91 -1.57 -1.58
C6 SGN A . -20.25 -1.14 -0.95
N2 SGN A . -15.41 -3.71 -2.42
O3 SGN A . -17.75 -4.01 -4.15
O4 SGN A . -19.72 -2.02 -3.83
O5 SGN A . -18.12 -2.10 -0.53
O6 SGN A . -21.10 -2.27 -0.89
S1 SGN A . -14.53 -4.79 -1.57
O1S SGN A . -13.88 -4.10 -0.50
O2S SGN A . -15.46 -5.79 -1.12
O3S SGN A . -13.59 -5.31 -2.51
S2 SGN A . -22.67 -2.27 -0.96
O4S SGN A . -23.04 -1.84 -2.27
O5S SGN A . -23.01 -3.65 -0.72
O6S SGN A . -23.11 -1.41 0.09
C1 IDS A . -20.48 -2.90 -4.62
C2 IDS A . -21.18 -2.05 -5.70
C3 IDS A . -21.49 -2.90 -6.94
C4 IDS A . -20.20 -3.54 -7.49
C5 IDS A . -19.12 -3.60 -6.39
C6 IDS A . -17.97 -4.56 -6.71
O2 IDS A . -22.40 -1.56 -5.18
O3 IDS A . -22.06 -2.10 -7.94
O4 IDS A . -20.51 -4.87 -7.89
O5 IDS A . -19.72 -3.93 -5.16
O6A IDS A . -17.09 -4.24 -7.47
O6B IDS A . -17.90 -5.66 -6.20
S IDS A . -22.77 -0.09 -4.81
O1S IDS A . -24.09 -0.21 -4.24
O2S IDS A . -21.82 0.38 -3.86
O3S IDS A . -22.76 0.63 -6.04
C1 SGN A . -20.95 -5.05 -9.20
C2 SGN A . -22.48 -5.14 -9.24
C3 SGN A . -22.95 -6.42 -8.55
C4 SGN A . -22.24 -7.63 -9.16
C5 SGN A . -20.73 -7.39 -9.09
C6 SGN A . -19.86 -8.50 -9.73
N2 SGN A . -23.06 -3.94 -8.63
O3 SGN A . -24.34 -6.57 -8.74
O4 SGN A . -22.60 -8.77 -8.38
O5 SGN A . -20.38 -6.19 -9.77
O6 SGN A . -20.68 -9.25 -10.61
S1 SGN A . -23.60 -2.73 -9.59
O1S SGN A . -22.60 -2.47 -10.57
O2S SGN A . -24.84 -3.19 -10.14
O3S SGN A . -23.77 -1.62 -8.70
S2 SGN A . -20.20 -10.29 -11.68
O4S SGN A . -19.51 -11.32 -10.99
O5S SGN A . -21.43 -10.75 -12.28
O6S SGN A . -19.38 -9.56 -12.61
C1 IDS A . -22.44 -10.02 -8.98
C2 IDS A . -22.50 -11.08 -7.87
C3 IDS A . -22.96 -12.42 -8.43
C4 IDS A . -24.32 -12.28 -9.12
C5 IDS A . -24.57 -10.82 -9.53
C6 IDS A . -25.68 -10.65 -10.56
O2 IDS A . -21.20 -11.24 -7.33
O3 IDS A . -23.07 -13.37 -7.38
O4 IDS A . -24.30 -13.08 -10.29
O5 IDS A . -23.37 -10.26 -9.99
O6A IDS A . -26.42 -11.56 -10.83
O6B IDS A . -25.87 -9.59 -11.12
S IDS A . -20.68 -10.81 -5.92
O1S IDS A . -19.55 -11.68 -5.69
O2S IDS A . -20.29 -9.43 -6.00
O3S IDS A . -21.76 -11.04 -5.01
C1 SGN A . -24.63 -14.43 -10.16
C2 SGN A . -23.37 -15.25 -9.82
C3 SGN A . -22.40 -15.25 -11.03
C4 SGN A . -23.15 -15.73 -12.28
C5 SGN A . -24.40 -14.86 -12.48
C6 SGN A . -25.28 -15.25 -13.66
N2 SGN A . -22.73 -14.71 -8.63
O3 SGN A . -21.34 -16.14 -10.77
O4 SGN A . -22.26 -15.56 -13.38
O5 SGN A . -25.22 -14.92 -11.32
O6 SGN A . -26.07 -16.36 -13.29
S1 SGN A . -23.62 -14.54 -7.27
O1S SGN A . -24.78 -13.76 -7.60
O2S SGN A . -23.93 -15.87 -6.83
O3S SGN A . -22.76 -13.84 -6.36
S2 SGN A . -27.42 -16.83 -13.95
O4S SGN A . -27.08 -17.46 -15.20
O5S SGN A . -27.96 -17.75 -13.00
O6S SGN A . -28.22 -15.66 -14.11
C1 IDS A . -21.48 -16.66 -13.73
C2 IDS A . -20.42 -16.17 -14.74
C3 IDS A . -19.18 -17.08 -14.70
C4 IDS A . -18.58 -17.12 -13.27
C5 IDS A . -19.66 -16.73 -12.23
C6 IDS A . -19.30 -17.13 -10.81
O2 IDS A . -20.97 -16.24 -16.03
O3 IDS A . -18.20 -16.58 -15.59
O4 IDS A . -18.18 -18.45 -13.02
O5 IDS A . -20.89 -17.29 -12.62
O6A IDS A . -18.21 -16.91 -10.36
O6B IDS A . -20.11 -17.68 -10.08
S IDS A . -21.05 -15.12 -17.11
O1S IDS A . -22.33 -15.32 -17.75
O2S IDS A . -20.96 -13.86 -16.44
O3S IDS A . -19.95 -15.36 -18.00
C1 SGN A . -16.81 -18.74 -13.14
C2 SGN A . -16.46 -19.07 -14.60
C3 SGN A . -17.12 -20.39 -15.00
C4 SGN A . -16.74 -21.49 -14.00
C5 SGN A . -17.10 -21.03 -12.59
C6 SGN A . -16.72 -21.99 -11.46
N2 SGN A . -16.88 -17.97 -15.47
O3 SGN A . -16.65 -20.77 -16.29
O4 SGN A . -17.49 -22.65 -14.34
O5 SGN A . -16.45 -19.79 -12.30
O6 SGN A . -15.32 -22.07 -11.39
S1 SGN A . -16.19 -16.50 -15.27
O1S SGN A . -15.59 -16.46 -13.96
O2S SGN A . -15.25 -16.36 -16.33
O3S SGN A . -17.28 -15.58 -15.38
S2 SGN A . -14.47 -23.04 -10.51
O4S SGN A . -15.31 -24.15 -10.15
O5S SGN A . -13.39 -23.44 -11.37
O6S SGN A . -14.02 -22.27 -9.39
C1 IDS A . -16.81 -23.68 -15.01
C2 IDS A . -17.69 -24.94 -14.95
C3 IDS A . -17.37 -25.87 -16.12
C4 IDS A . -17.56 -25.14 -17.47
C5 IDS A . -17.46 -23.61 -17.27
C6 IDS A . -17.23 -22.83 -18.55
O2 IDS A . -17.41 -25.62 -13.75
O3 IDS A . -18.23 -26.98 -16.09
O4 IDS A . -16.50 -25.55 -18.33
O5 IDS A . -16.46 -23.33 -16.32
O6A IDS A . -17.53 -23.31 -19.63
O6B IDS A . -16.76 -21.72 -18.54
S IDS A . -18.35 -25.82 -12.51
O1S IDS A . -17.96 -27.11 -11.99
O2S IDS A . -18.10 -24.76 -11.59
O3S IDS A . -19.69 -25.82 -13.03
C1 SGN A . -16.82 -26.48 -19.31
C2 SGN A . -15.80 -27.63 -19.29
C3 SGN A . -14.41 -27.13 -19.73
C4 SGN A . -14.54 -26.42 -21.09
C5 SGN A . -15.61 -25.32 -20.98
C6 SGN A . -15.88 -24.56 -22.29
N2 SGN A . -15.76 -28.22 -17.96
O3 SGN A . -13.54 -28.23 -19.87
O4 SGN A . -13.27 -25.85 -21.37
O5 SGN A . -16.84 -25.89 -20.58
O6 SGN A . -16.18 -25.50 -23.30
S1 SGN A . -16.82 -29.41 -17.59
O1S SGN A . -17.90 -29.35 -18.52
O2S SGN A . -16.08 -30.64 -17.66
O3S SGN A . -17.25 -29.11 -16.25
S2 SGN A . -15.74 -25.45 -24.80
O4S SGN A . -14.59 -26.29 -24.92
O5S SGN A . -16.87 -25.97 -25.51
O6S SGN A . -15.48 -24.08 -25.10
C1 IDS A . -12.65 -26.21 -22.57
C2 IDS A . -11.17 -26.51 -22.26
C3 IDS A . -10.60 -27.48 -23.29
C4 IDS A . -11.41 -28.78 -23.33
C5 IDS A . -12.83 -28.55 -22.77
C6 IDS A . -13.83 -29.64 -23.13
O2 IDS A . -10.45 -25.30 -22.34
O3 IDS A . -9.26 -27.79 -22.97
O4 IDS A . -11.53 -29.18 -24.69
O5 IDS A . -13.29 -27.28 -23.20
O6A IDS A . -13.85 -30.69 -22.52
O6B IDS A . -14.64 -29.48 -24.01
S IDS A . -10.24 -24.23 -21.21
O1S IDS A . -9.64 -23.11 -21.90
O2S IDS A . -11.51 -23.92 -20.66
O3S IDS A . -9.34 -24.83 -20.26
C1 SGN A . -10.83 -30.33 -25.08
C2 SGN A . -10.33 -30.18 -26.53
C3 SGN A . -11.53 -30.16 -27.50
C4 SGN A . -12.39 -31.40 -27.26
C5 SGN A . -12.79 -31.45 -25.78
C6 SGN A . -13.62 -32.67 -25.37
N2 SGN A . -9.53 -28.96 -26.65
O3 SGN A . -11.04 -30.20 -28.82
O4 SGN A . -13.55 -31.26 -28.07
O5 SGN A . -11.63 -31.47 -24.96
O6 SGN A . -12.76 -33.79 -25.26
S1 SGN A . -8.02 -29.08 -27.26
O1S SGN A . -7.16 -29.64 -26.25
O2S SGN A . -8.12 -29.88 -28.44
O3S SGN A . -7.64 -27.72 -27.57
S2 SGN A . -13.14 -35.29 -25.41
O4S SGN A . -12.83 -35.67 -26.76
O5S SGN A . -12.30 -35.96 -24.46
O6S SGN A . -14.52 -35.40 -25.09
C1 IDS A . -13.67 -32.10 -29.18
C2 IDS A . -15.11 -31.98 -29.71
C3 IDS A . -15.15 -32.35 -31.20
C4 IDS A . -14.20 -31.45 -32.01
C5 IDS A . -13.12 -30.86 -31.09
C6 IDS A . -11.91 -30.30 -31.84
O2 IDS A . -15.93 -32.90 -29.01
O3 IDS A . -16.48 -32.18 -31.69
O5 IDS A . -12.71 -31.84 -30.16
O6A IDS A . -12.02 -29.94 -32.99
O6B IDS A . -10.83 -30.18 -31.31
S IDS A . -17.35 -32.67 -28.41
O1S IDS A . -17.50 -33.74 -27.45
O2S IDS A . -17.35 -31.38 -27.79
O3S IDS A . -18.25 -32.78 -29.51
C1 SGN A . 13.74 25.62 28.28
C2 SGN A . 14.78 26.53 27.61
C3 SGN A . 14.65 26.42 26.09
C4 SGN A . 14.76 24.95 25.67
C5 SGN A . 13.69 24.15 26.45
C6 SGN A . 13.71 22.63 26.17
N2 SGN A . 14.59 27.91 28.06
O1 SGN A . 12.44 26.09 28.04
O3 SGN A . 15.72 27.12 25.48
O4 SGN A . 14.49 24.89 24.27
O5 SGN A . 13.88 24.30 27.84
O6 SGN A . 14.94 22.11 26.59
S1 SGN A . 15.90 28.80 28.45
O1S SGN A . 16.57 28.16 29.54
O2S SGN A . 16.71 28.86 27.27
O3S SGN A . 15.38 30.08 28.83
S2 SGN A . 15.53 20.69 26.28
O4S SGN A . 15.51 20.53 24.86
O5S SGN A . 16.87 20.74 26.81
O6S SGN A . 14.70 19.75 26.97
C1 IDS A . 15.43 24.23 23.48
C2 IDS A . 14.85 24.17 22.04
C3 IDS A . 15.99 24.06 21.03
C4 IDS A . 16.98 25.23 21.17
C5 IDS A . 16.87 25.85 22.57
C6 IDS A . 18.05 26.74 22.96
O2 IDS A . 14.05 23.02 21.94
O3 IDS A . 15.47 24.06 19.72
O4 IDS A . 18.29 24.72 21.00
O5 IDS A . 16.69 24.82 23.52
O6A IDS A . 18.57 27.45 22.14
O6B IDS A . 18.49 26.75 24.09
S IDS A . 12.52 22.88 22.20
O1S IDS A . 12.23 21.50 21.91
O2S IDS A . 12.27 23.23 23.57
O3S IDS A . 11.88 23.78 21.26
C1 SGN A . 18.66 24.32 19.72
C2 SGN A . 19.58 23.09 19.78
C3 SGN A . 20.92 23.47 20.42
C4 SGN A . 21.53 24.66 19.67
C5 SGN A . 20.50 25.80 19.64
C6 SGN A . 20.94 27.05 18.87
N2 SGN A . 18.91 22.01 20.53
O3 SGN A . 21.81 22.38 20.32
O4 SGN A . 22.69 25.06 20.38
O5 SGN A . 19.30 25.36 19.03
O6 SGN A . 20.77 26.81 17.49
S1 SGN A . 18.11 20.86 19.70
O1S SGN A . 17.21 21.50 18.79
O2S SGN A . 19.11 20.07 19.05
O3S SGN A . 17.40 20.13 20.71
S2 SGN A . 20.45 27.86 16.37
O4S SGN A . 21.69 28.38 15.89
O5S SGN A . 19.75 27.10 15.38
O6S SGN A . 19.63 28.85 16.99
C1 IDS A . 23.87 25.22 19.66
C2 IDS A . 25.05 24.90 20.60
C3 IDS A . 26.26 24.43 19.79
C4 IDS A . 25.91 23.20 18.94
C5 IDS A . 24.39 23.13 18.70
C6 IDS A . 23.98 22.21 17.56
O2 IDS A . 25.40 26.08 21.29
O3 IDS A . 27.31 24.08 20.68
O4 IDS A . 26.55 23.35 17.68
O5 IDS A . 23.89 24.43 18.49
O6A IDS A . 24.01 21.01 17.69
O6B IDS A . 23.60 22.64 16.50
S IDS A . 25.72 26.25 22.81
O1S IDS A . 26.36 27.53 22.88
O2S IDS A . 24.48 26.22 23.52
O3S IDS A . 26.60 25.16 23.13
C1 SGN A . 27.46 22.35 17.32
C2 SGN A . 28.70 22.96 16.65
C3 SGN A . 28.32 23.60 15.31
C4 SGN A . 27.61 22.56 14.44
C5 SGN A . 26.41 21.99 15.22
C6 SGN A . 25.63 20.89 14.50
N2 SGN A . 29.30 23.95 17.56
O3 SGN A . 29.50 24.01 14.65
O4 SGN A . 27.14 23.23 13.28
O5 SGN A . 26.86 21.43 16.44
O6 SGN A . 26.09 19.63 14.96
S1 SGN A . 30.89 23.84 17.90
O1S SGN A . 31.36 22.56 17.47
O2S SGN A . 31.52 24.94 17.22
O3S SGN A . 30.96 23.98 19.33
S2 SGN A . 25.63 18.23 14.47
O4S SGN A . 24.85 18.41 13.28
O5S SGN A . 26.85 17.52 14.22
O6S SGN A . 24.88 17.65 15.55
C1 IDS A . 26.63 22.45 12.25
C2 IDS A . 25.64 23.30 11.45
C3 IDS A . 25.51 22.79 10.02
C4 IDS A . 26.89 22.77 9.32
C5 IDS A . 28.02 22.74 10.37
C6 IDS A . 29.36 22.30 9.81
O2 IDS A . 24.37 23.21 12.07
O3 IDS A . 24.64 23.63 9.28
O4 IDS A . 26.95 21.59 8.53
O5 IDS A . 27.63 21.89 11.43
O6A IDS A . 29.76 22.75 8.75
O6B IDS A . 30.08 21.53 10.40
S IDS A . 23.58 24.33 12.84
O1S IDS A . 22.66 23.59 13.66
O2S IDS A . 24.53 25.06 13.62
O3S IDS A . 22.94 25.11 11.84
C1 SGN A . 26.03 21.45 7.50
C2 SGN A . 24.82 20.60 7.97
C3 SGN A . 25.27 19.16 8.22
C4 SGN A . 25.98 18.61 6.97
C5 SGN A . 27.13 19.56 6.59
C6 SGN A . 27.90 19.17 5.32
N2 SGN A . 24.24 21.21 9.17
O3 SGN A . 24.14 18.37 8.48
O4 SGN A . 26.50 17.33 7.32
O5 SGN A . 26.62 20.87 6.37
O6 SGN A . 27.04 19.36 4.21
S1 SGN A . 22.89 22.12 9.00
O1S SGN A . 23.24 23.30 8.28
O2S SGN A . 21.93 21.29 8.33
O3S SGN A . 22.50 22.41 10.36
S2 SGN A . 27.35 19.02 2.72
O4S SGN A . 28.32 17.96 2.72
O5S SGN A . 26.09 18.60 2.18
O6S SGN A . 27.83 20.22 2.12
C1 IDS A . 25.85 16.22 6.77
C2 IDS A . 26.19 15.01 7.67
C3 IDS A . 25.08 13.94 7.55
C4 IDS A . 23.72 14.53 7.92
C5 IDS A . 23.73 16.06 7.78
C6 IDS A . 22.35 16.70 7.73
O2 IDS A . 27.41 14.44 7.21
O3 IDS A . 25.38 12.87 8.42
O4 IDS A . 22.76 14.00 7.03
O5 IDS A . 24.47 16.41 6.62
O6A IDS A . 21.42 16.19 8.32
O6B IDS A . 22.13 17.72 7.12
S IDS A . 28.73 14.23 8.01
O1S IDS A . 29.71 13.96 7.00
O2S IDS A . 29.00 15.44 8.73
O3S IDS A . 28.49 13.10 8.86
C1 SGN A . 22.27 12.72 7.30
C2 SGN A . 22.18 11.90 6.01
C3 SGN A . 21.09 12.48 5.10
C4 SGN A . 19.77 12.58 5.87
C5 SGN A . 20.01 13.38 7.17
C6 SGN A . 18.79 13.52 8.08
N2 SGN A . 23.48 11.88 5.34
O3 SGN A . 20.90 11.62 4.00
O4 SGN A . 18.85 13.26 5.04
O5 SGN A . 21.03 12.76 7.94
O6 SGN A . 17.97 12.39 7.90
S1 SGN A . 24.15 10.43 4.95
O1S SGN A . 23.35 9.40 5.54
O2S SGN A . 24.18 10.38 3.51
O3S SGN A . 25.46 10.48 5.53
S2 SGN A . 16.40 12.34 7.96
O4S SGN A . 15.91 13.45 7.19
O5S SGN A . 16.07 11.07 7.36
O6S SGN A . 16.05 12.41 9.35
C1 IDS A . 17.60 12.65 4.82
C2 IDS A . 16.94 13.35 3.63
C3 IDS A . 15.95 12.40 2.93
C4 IDS A . 16.66 11.11 2.48
C5 IDS A . 17.95 10.89 3.30
C6 IDS A . 18.50 9.47 3.21
O2 IDS A . 16.22 14.46 4.11
O3 IDS A . 15.40 13.03 1.81
O4 IDS A . 15.79 10.03 2.73
O5 IDS A . 17.72 11.26 4.64
O6A IDS A . 18.40 8.83 2.19
O6B IDS A . 19.05 8.95 4.16
S IDS A . 16.31 15.95 3.63
O1S IDS A . 16.04 16.72 4.81
O2S IDS A . 17.63 16.16 3.11
O3S IDS A . 15.29 16.09 2.63
C1 SGN A . 14.56 10.03 2.06
C2 SGN A . 13.43 9.59 3.01
C3 SGN A . 13.60 8.11 3.39
C4 SGN A . 13.71 7.26 2.10
C5 SGN A . 14.84 7.84 1.23
C6 SGN A . 15.04 7.13 -0.11
N2 SGN A . 13.42 10.45 4.20
O3 SGN A . 12.47 7.68 4.11
O4 SGN A . 14.02 5.94 2.51
O5 SGN A . 14.59 9.20 0.94
O6 SGN A . 13.82 7.18 -0.83
S1 SGN A . 13.16 12.05 4.01
O1S SGN A . 14.42 12.68 3.76
O2S SGN A . 12.23 12.18 2.93
O3S SGN A . 12.60 12.47 5.27
S2 SGN A . 13.58 6.73 -2.31
O4S SGN A . 13.14 5.37 -2.27
O5S SGN A . 12.54 7.62 -2.77
O6S SGN A . 14.82 6.92 -3.00
C1 IDS A . 13.07 4.96 2.25
C2 IDS A . 13.81 3.66 1.92
C3 IDS A . 12.94 2.44 2.24
C4 IDS A . 12.51 2.45 3.71
C5 IDS A . 12.59 3.88 4.28
C6 IDS A . 11.81 4.08 5.58
O2 IDS A . 14.10 3.65 0.53
O3 IDS A . 13.65 1.25 1.98
O4 IDS A . 11.15 2.03 3.77
O5 IDS A . 12.15 4.80 3.30
O6A IDS A . 11.29 3.13 6.12
O6B IDS A . 11.72 5.16 6.10
S IDS A . 15.11 4.54 -0.25
O1S IDS A . 15.51 3.73 -1.37
O2S IDS A . 14.43 5.73 -0.65
O3S IDS A . 16.19 4.80 0.66
C1 SGN A . 10.91 0.72 4.20
C2 SGN A . 9.83 0.05 3.33
C3 SGN A . 8.48 0.74 3.57
C4 SGN A . 8.16 0.75 5.08
C5 SGN A . 9.33 1.40 5.82
C6 SGN A . 9.19 1.42 7.35
N2 SGN A . 10.22 0.12 1.92
O3 SGN A . 7.46 0.02 2.90
O4 SGN A . 6.98 1.52 5.25
O5 SGN A . 10.54 0.69 5.55
O6 SGN A . 8.68 0.17 7.78
S1 SGN A . 10.10 -1.23 1.01
O1S SGN A . 10.59 -2.34 1.79
O2S SGN A . 8.72 -1.36 0.66
O3S SGN A . 10.93 -0.98 -0.13
S2 SGN A . 8.17 -0.20 9.21
O4S SGN A . 6.75 -0.03 9.21
O5S SGN A . 8.56 -1.57 9.37
O6S SGN A . 8.84 0.67 10.12
C1 IDS A . 5.83 0.84 5.64
C2 IDS A . 5.05 1.75 6.60
C3 IDS A . 3.55 1.41 6.59
C4 IDS A . 2.99 1.52 5.17
C5 IDS A . 4.13 1.40 4.12
C6 IDS A . 3.64 1.10 2.71
O2 IDS A . 5.53 1.54 7.91
O3 IDS A . 2.86 2.29 7.43
O4 IDS A . 2.09 0.45 4.97
O5 IDS A . 5.04 0.43 4.56
O6A IDS A . 2.63 1.62 2.28
O6B IDS A . 4.24 0.35 1.97
S IDS A . 5.95 2.61 8.98
O1S IDS A . 6.45 1.82 10.08
O2S IDS A . 6.96 3.44 8.40
O3S IDS A . 4.74 3.31 9.30
C1 SGN A . 0.77 0.62 5.41
C2 SGN A . -0.02 -0.69 5.28
C3 SGN A . -0.20 -1.05 3.80
C4 SGN A . -0.83 0.13 3.05
C5 SGN A . 0.03 1.39 3.29
C6 SGN A . -0.50 2.68 2.65
N2 SGN A . 0.66 -1.75 6.01
O3 SGN A . -1.08 -2.15 3.70
O4 SGN A . -0.84 -0.20 1.67
O5 SGN A . 0.15 1.64 4.69
O6 SGN A . -1.90 2.65 2.69
S1 SGN A . 0.34 -1.94 7.61
O1S SGN A . -0.47 -0.84 8.04
O2S SGN A . -0.30 -3.21 7.74
O3S SGN A . 1.64 -1.91 8.25
S2 SGN A . -2.89 3.00 1.53
O4S SGN A . -3.26 1.76 0.91
O5S SGN A . -4.00 3.63 2.19
O6S SGN A . -2.19 3.89 0.66
C1 IDS A . -2.05 -0.61 1.12
C2 IDS A . -1.74 -1.56 -0.04
C3 IDS A . -2.92 -2.51 -0.28
C4 IDS A . -3.26 -3.30 0.99
C5 IDS A . -2.72 -2.57 2.24
C6 IDS A . -3.34 -3.03 3.55
O2 IDS A . -1.54 -0.80 -1.21
O3 IDS A . -2.61 -3.42 -1.31
O4 IDS A . -4.67 -3.37 1.10
O5 IDS A . -2.92 -1.16 2.06
O6A IDS A . -3.17 -4.16 3.93
O6B IDS A . -4.01 -2.28 4.24
S IDS A . -0.41 -0.94 -2.27
O1S IDS A . -0.09 0.42 -2.63
O2S IDS A . 0.69 -1.61 -1.66
O3S IDS A . -0.99 -1.68 -3.36
C1 SGN A . -5.26 -4.60 0.75
C2 SGN A . -6.75 -4.40 0.38
C3 SGN A . -7.54 -3.96 1.62
C4 SGN A . -7.32 -4.98 2.75
C5 SGN A . -5.80 -5.12 2.99
C6 SGN A . -5.42 -6.15 4.06
N2 SGN A . -6.84 -3.41 -0.69
O3 SGN A . -8.91 -3.95 1.30
O4 SGN A . -7.94 -4.46 3.91
O5 SGN A . -5.15 -5.52 1.79
O6 SGN A . -6.14 -7.34 3.83
S1 SGN A . -6.37 -3.82 -2.20
O1S SGN A . -5.34 -4.81 -2.09
O2S SGN A . -7.54 -4.29 -2.88
O3S SGN A . -5.87 -2.60 -2.77
S2 SGN A . -6.57 -8.40 4.89
O4S SGN A . -7.74 -7.91 5.54
O5S SGN A . -6.85 -9.58 4.10
O6S SGN A . -5.45 -8.58 5.76
C1 IDS A . -8.95 -5.24 4.49
C2 IDS A . -9.80 -4.32 5.38
C3 IDS A . -11.21 -4.89 5.54
C4 IDS A . -11.89 -5.09 4.17
C5 IDS A . -10.82 -5.19 3.06
C6 IDS A . -11.33 -5.78 1.75
O2 IDS A . -9.21 -4.25 6.66
O3 IDS A . -12.01 -4.00 6.31
O4 IDS A . -12.61 -6.31 4.21
O5 IDS A . -9.72 -5.93 3.55
O6A IDS A . -12.14 -5.18 1.08
O6B IDS A . -10.94 -6.86 1.35
S IDS A . -7.98 -3.39 7.11
O1S IDS A . -7.06 -4.35 7.64
O2S IDS A . -7.46 -2.73 5.94
O3S IDS A . -8.47 -2.49 8.10
C1 SGN A . -14.00 -6.23 4.04
C2 SGN A . -14.69 -7.27 4.93
C3 SGN A . -14.37 -8.69 4.44
C4 SGN A . -14.71 -8.81 2.95
C5 SGN A . -13.97 -7.70 2.19
C6 SGN A . -14.26 -7.66 0.68
N2 SGN A . -14.30 -7.08 6.32
O3 SGN A . -15.15 -9.62 5.16
O4 SGN A . -14.25 -10.09 2.52
O5 SGN A . -14.34 -6.43 2.70
O6 SGN A . -15.61 -8.03 0.47
S1 SGN A . -14.99 -5.88 7.19
O1S SGN A . -15.37 -4.84 6.29
O2S SGN A . -16.11 -6.48 7.86
O3S SGN A . -13.98 -5.44 8.10
S2 SGN A . -16.31 -8.31 -0.91
O4S SGN A . -15.42 -9.13 -1.68
O5S SGN A . -17.52 -9.00 -0.55
O6S SGN A . -16.56 -7.03 -1.49
C1 IDS A . -14.74 -10.56 1.31
C2 IDS A . -13.58 -11.26 0.57
C3 IDS A . -14.11 -12.31 -0.41
C4 IDS A . -14.99 -13.34 0.32
C5 IDS A . -15.52 -12.75 1.65
C6 IDS A . -16.70 -13.51 2.23
O2 IDS A . -12.86 -10.29 -0.16
O3 IDS A . -13.04 -12.97 -1.02
O4 IDS A . -16.10 -13.63 -0.51
O5 IDS A . -15.85 -11.39 1.45
O6A IDS A . -16.51 -14.49 2.92
O6B IDS A . -17.84 -13.16 2.05
S IDS A . -11.62 -9.44 0.30
O1S IDS A . -11.91 -8.12 -0.18
O2S IDS A . -11.57 -9.50 1.72
O3S IDS A . -10.49 -10.02 -0.34
C1 SGN A . -15.95 -14.69 -1.40
C2 SGN A . -15.86 -14.17 -2.85
C3 SGN A . -17.20 -13.54 -3.27
C4 SGN A . -18.33 -14.55 -3.06
C5 SGN A . -18.29 -15.03 -1.59
C6 SGN A . -19.34 -16.09 -1.22
N2 SGN A . -14.76 -13.21 -2.94
O3 SGN A . -17.15 -13.22 -4.65
O4 SGN A . -19.55 -13.87 -3.31
O5 SGN A . -17.02 -15.59 -1.30
O6 SGN A . -18.78 -17.37 -1.47
S1 SGN A . -13.27 -13.66 -2.44
O1S SGN A . -13.11 -13.20 -1.09
O2S SGN A . -13.22 -15.09 -2.56
O3S SGN A . -12.36 -12.99 -3.33
S2 SGN A . -19.43 -18.76 -1.14
O4S SGN A . -20.49 -18.97 -2.06
O5S SGN A . -18.34 -19.68 -1.32
O6S SGN A . -19.85 -18.67 0.22
C1 IDS A . -20.63 -14.65 -3.73
C2 IDS A . -21.84 -13.72 -3.90
C3 IDS A . -22.83 -14.30 -4.91
C4 IDS A . -22.15 -14.54 -6.27
C5 IDS A . -20.63 -14.66 -6.08
C6 IDS A . -19.91 -15.29 -7.27
O2 IDS A . -22.49 -13.61 -2.65
O3 IDS A . -23.91 -13.40 -5.09
O4 IDS A . -22.63 -15.77 -6.79
O5 IDS A . -20.35 -15.37 -4.90
O6A IDS A . -19.73 -14.66 -8.29
O6B IDS A . -19.48 -16.42 -7.23
S IDS A . -21.91 -13.09 -1.30
O1S IDS A . -22.43 -14.01 -0.32
O2S IDS A . -20.48 -13.14 -1.39
O3S IDS A . -22.43 -11.76 -1.14
C1 SGN A . -23.55 -15.69 -7.84
C2 SGN A . -24.47 -16.93 -7.85
C3 SGN A . -23.66 -18.18 -8.18
C4 SGN A . -22.89 -17.97 -9.50
C5 SGN A . -22.05 -16.69 -9.37
C6 SGN A . -21.26 -16.31 -10.65
N2 SGN A . -25.14 -17.04 -6.55
O3 SGN A . -24.54 -19.27 -8.35
O4 SGN A . -22.05 -19.10 -9.68
O5 SGN A . -22.88 -15.59 -9.07
O6 SGN A . -22.10 -16.48 -11.76
S1 SGN A . -26.64 -16.44 -6.38
O1S SGN A . -26.84 -15.45 -7.40
O2S SGN A . -27.53 -17.56 -6.49
O3S SGN A . -26.65 -15.86 -5.06
S2 SGN A . -22.06 -15.71 -13.11
O4S SGN A . -20.96 -16.23 -13.87
O5S SGN A . -23.33 -15.99 -13.73
O6S SGN A . -21.90 -14.32 -12.78
C1 IDS A . -22.17 -19.79 -10.88
C2 IDS A . -20.93 -20.70 -11.03
C3 IDS A . -21.25 -21.90 -11.92
C4 IDS A . -22.43 -22.71 -11.35
C5 IDS A . -23.28 -21.82 -10.43
C6 IDS A . -24.68 -22.37 -10.15
O2 IDS A . -19.90 -19.95 -11.64
O3 IDS A . -20.12 -22.75 -11.99
O4 IDS A . -23.24 -23.11 -12.45
O5 IDS A . -23.37 -20.51 -10.98
O6A IDS A . -24.96 -23.50 -10.47
O6B IDS A . -25.53 -21.70 -9.59
S IDS A . -18.83 -19.03 -10.96
O1S IDS A . -18.22 -18.33 -12.05
O2S IDS A . -19.52 -18.15 -10.06
O3S IDS A . -17.92 -19.93 -10.29
C1 SGN A . -22.68 -24.02 -13.34
C2 SGN A . -22.02 -23.29 -14.52
C3 SGN A . -23.09 -22.59 -15.37
C4 SGN A . -24.16 -23.60 -15.80
C5 SGN A . -24.71 -24.30 -14.53
C6 SGN A . -25.75 -25.40 -14.80
N2 SGN A . -21.03 -22.34 -14.01
O3 SGN A . -22.49 -22.06 -16.53
O4 SGN A . -25.19 -22.88 -16.44
O5 SGN A . -23.64 -24.91 -13.82
O6 SGN A . -25.73 -25.72 -16.18
S1 SGN A . -19.45 -22.73 -14.09
O1S SGN A . -19.12 -23.50 -12.92
O2S SGN A . -19.28 -23.44 -15.31
O3S SGN A . -18.76 -21.46 -14.09
S2 SGN A . -26.43 -26.92 -16.88
O4S SGN A . -27.68 -27.13 -16.21
O5S SGN A . -26.60 -26.48 -18.23
O6S SGN A . -25.53 -28.03 -16.77
C1 IDS A . -25.27 -22.98 -17.83
C2 IDS A . -26.55 -22.25 -18.29
C3 IDS A . -26.41 -21.78 -19.73
C4 IDS A . -25.18 -20.86 -19.89
C5 IDS A . -24.18 -21.11 -18.74
C6 IDS A . -22.78 -20.57 -19.01
O2 IDS A . -27.63 -23.18 -18.23
O3 IDS A . -27.56 -21.06 -20.12
O4 IDS A . -24.54 -21.17 -21.12
O5 IDS A . -24.13 -22.50 -18.48
O6A IDS A . -22.58 -19.37 -19.07
O6B IDS A . -21.82 -21.30 -19.16
S IDS A . -28.79 -23.22 -17.20
O1S IDS A . -29.72 -24.17 -17.76
O2S IDS A . -28.26 -23.64 -15.94
O3S IDS A . -29.33 -21.89 -17.16
C1 SGN A . -25.13 -20.66 -22.28
C2 SGN A . -24.84 -21.58 -23.48
C3 SGN A . -23.34 -21.55 -23.81
C4 SGN A . -22.88 -20.10 -24.02
C5 SGN A . -23.26 -19.29 -22.76
C6 SGN A . -22.92 -17.79 -22.83
N2 SGN A . -25.30 -22.93 -23.18
O3 SGN A . -23.12 -22.26 -25.00
O4 SGN A . -21.47 -20.14 -24.16
O5 SGN A . -24.66 -19.36 -22.54
O6 SGN A . -23.79 -17.18 -23.76
S1 SGN A . -26.06 -23.79 -24.35
O1S SGN A . -26.81 -22.87 -25.16
O2S SGN A . -25.03 -24.47 -25.07
O3S SGN A . -26.92 -24.69 -23.65
S2 SGN A . -23.50 -15.91 -24.62
O4S SGN A . -22.09 -15.68 -24.60
O5S SGN A . -23.98 -16.26 -25.94
O6S SGN A . -24.26 -14.84 -24.04
C1 IDS A . -20.91 -19.23 -25.06
C2 IDS A . -19.61 -18.69 -24.44
C3 IDS A . -18.64 -18.22 -25.52
C4 IDS A . -18.34 -19.35 -26.52
C5 IDS A . -19.45 -20.42 -26.47
C6 IDS A . -19.46 -21.36 -27.67
O2 IDS A . -19.93 -17.58 -23.62
O3 IDS A . -17.43 -17.78 -24.94
O4 IDS A . -18.31 -18.80 -27.82
O5 IDS A . -20.70 -19.77 -26.33
O6A IDS A . -18.44 -21.61 -28.26
O6B IDS A . -20.48 -21.89 -28.05
S IDS A . -20.77 -17.56 -22.30
O1S IDS A . -21.63 -16.43 -22.44
O2S IDS A . -21.50 -18.80 -22.24
O3S IDS A . -19.82 -17.41 -21.23
C1 SGN A . -17.09 -18.85 -28.50
C2 SGN A . -16.73 -17.47 -29.09
C3 SGN A . -17.73 -17.10 -30.18
C4 SGN A . -17.78 -18.22 -31.23
C5 SGN A . -18.10 -19.54 -30.52
C6 SGN A . -18.12 -20.78 -31.43
N2 SGN A . -16.73 -16.48 -28.01
O3 SGN A . -17.29 -15.91 -30.82
O4 SGN A . -18.82 -17.89 -32.15
O5 SGN A . -17.13 -19.80 -29.52
O6 SGN A . -16.80 -21.23 -31.62
S1 SGN A . -15.37 -16.27 -27.13
O1S SGN A . -14.52 -17.41 -27.35
O2S SGN A . -14.79 -15.04 -27.57
O3S SGN A . -15.82 -16.21 -25.77
S2 SGN A . -16.32 -22.42 -32.51
O4S SGN A . -16.66 -22.11 -33.87
O5S SGN A . -14.91 -22.47 -32.30
O6S SGN A . -16.99 -23.59 -32.01
C1 IDS A . -18.78 -18.52 -33.40
C2 IDS A . -19.50 -17.59 -34.40
C3 IDS A . -18.99 -17.84 -35.82
C4 IDS A . -17.47 -17.64 -35.90
C5 IDS A . -16.84 -17.78 -34.50
C6 IDS A . -15.33 -18.01 -34.53
O2 IDS A . -20.88 -17.89 -34.37
O3 IDS A . -19.62 -16.95 -36.72
O5 IDS A . -17.48 -18.84 -33.81
O6A IDS A . -14.58 -17.12 -34.85
O6B IDS A . -14.84 -19.07 -34.21
S IDS A . -21.85 -17.83 -33.14
O1S IDS A . -23.16 -17.96 -33.72
O2S IDS A . -21.53 -18.94 -32.29
O3S IDS A . -21.64 -16.56 -32.53
C1 SGN A . 34.49 18.37 32.79
C2 SGN A . 34.20 18.31 31.28
C3 SGN A . 33.45 19.57 30.84
C4 SGN A . 32.20 19.75 31.70
C5 SGN A . 32.61 19.76 33.19
C6 SGN A . 31.45 19.87 34.19
N2 SGN A . 35.46 18.15 30.55
O1 SGN A . 35.40 19.40 33.08
O3 SGN A . 33.04 19.43 29.49
O4 SGN A . 31.62 21.00 31.36
O5 SGN A . 33.29 18.55 33.50
O6 SGN A . 30.64 18.72 34.07
S1 SGN A . 36.31 16.77 30.73
O1S SGN A . 35.87 16.13 31.94
O2S SGN A . 36.06 15.99 29.56
O3S SGN A . 37.68 17.19 30.82
S2 SGN A . 29.88 17.97 35.21
O4S SGN A . 29.56 18.93 36.21
O5S SGN A . 28.71 17.44 34.56
O6S SGN A . 30.77 16.95 35.67
C1 IDS A . 30.57 20.99 30.44
C2 IDS A . 29.93 22.39 30.44
C3 IDS A . 29.25 22.66 29.09
C4 IDS A . 30.25 22.51 27.92
C5 IDS A . 31.44 21.63 28.35
C6 IDS A . 32.25 21.09 27.19
O2 IDS A . 28.96 22.45 31.46
O3 IDS A . 28.72 23.97 29.08
O4 IDS A . 29.56 21.86 26.86
O5 IDS A . 30.96 20.58 29.16
O6A IDS A . 32.09 21.53 26.07
O6B IDS A . 33.09 20.23 27.34
S IDS A . 29.14 22.93 32.93
O1S IDS A . 27.79 22.95 33.45
O2S IDS A . 29.96 21.97 33.61
O3S IDS A . 29.73 24.23 32.85
C1 SGN A . 29.03 22.67 25.86
C2 SGN A . 27.63 23.17 26.27
C3 SGN A . 26.64 21.99 26.32
C4 SGN A . 26.68 21.24 24.97
C5 SGN A . 28.13 20.84 24.67
C6 SGN A . 28.34 20.12 23.32
N2 SGN A . 27.71 23.85 27.55
O3 SGN A . 25.34 22.48 26.52
O4 SGN A . 25.88 20.08 25.12
O5 SGN A . 28.96 21.99 24.64
O6 SGN A . 28.21 21.08 22.28
S1 SGN A . 28.59 25.23 27.67
O1S SGN A . 29.67 25.14 26.74
O2S SGN A . 27.68 26.30 27.39
O3S SGN A . 29.05 25.25 29.03
S2 SGN A . 27.74 20.81 20.82
O4S SGN A . 26.48 20.13 20.88
O5S SGN A . 27.62 22.13 20.25
O6S SGN A . 28.78 20.04 20.20
C1 IDS A . 25.33 19.54 23.96
C2 IDS A . 24.98 18.07 24.25
C3 IDS A . 23.86 17.58 23.33
C4 IDS A . 22.61 18.47 23.50
C5 IDS A . 22.99 19.84 24.08
C6 IDS A . 21.92 20.91 23.90
O2 IDS A . 26.14 17.28 23.99
O3 IDS A . 23.52 16.25 23.65
O4 IDS A . 22.05 18.66 22.20
O5 IDS A . 24.21 20.25 23.50
O6A IDS A . 20.99 20.98 24.67
O6B IDS A . 21.98 21.72 23.00
S IDS A . 26.95 16.40 24.99
O1S IDS A . 28.31 16.83 24.80
O2S IDS A . 26.46 16.67 26.31
O3S IDS A . 26.73 15.04 24.58
C1 SGN A . 22.05 17.57 21.33
C2 SGN A . 23.38 17.51 20.55
C3 SGN A . 23.48 18.71 19.61
C4 SGN A . 22.24 18.76 18.71
C5 SGN A . 20.98 18.78 19.61
C6 SGN A . 19.64 18.77 18.85
N2 SGN A . 24.50 17.48 21.50
O3 SGN A . 24.61 18.56 18.78
O4 SGN A . 22.31 19.97 17.96
O5 SGN A . 20.98 17.63 20.44
O6 SGN A . 19.73 17.82 17.80
S1 SGN A . 25.56 16.24 21.41
O1S SGN A . 24.97 15.10 22.06
O2S SGN A . 25.82 16.02 20.02
O3S SGN A . 26.72 16.71 22.12
S2 SGN A . 18.96 17.86 16.44
O4S SGN A . 18.88 19.23 16.03
O5S SGN A . 19.78 17.07 15.56
O6S SGN A . 17.69 17.26 16.68
C1 IDS A . 21.53 20.05 16.81
C2 IDS A . 22.33 20.84 15.75
C3 IDS A . 21.88 20.45 14.34
C4 IDS A . 22.03 18.94 14.12
C5 IDS A . 22.06 18.19 15.46
C6 IDS A . 21.80 16.69 15.35
O2 IDS A . 22.08 22.22 15.94
O3 IDS A . 22.67 21.14 13.39
O4 IDS A . 20.91 18.49 13.38
O5 IDS A . 21.13 18.79 16.34
O6A IDS A . 22.61 15.96 14.83
O6B IDS A . 20.78 16.19 15.77
S IDS A . 22.46 23.11 17.16
O1S IDS A . 21.99 24.42 16.80
O2S IDS A . 21.79 22.59 18.31
O3S IDS A . 23.89 23.04 17.25
C1 SGN A . 20.78 18.97 12.06
C2 SGN A . 19.42 18.56 11.47
C3 SGN A . 19.37 17.03 11.30
C4 SGN A . 20.56 16.56 10.46
C5 SGN A . 21.85 17.07 11.14
C6 SGN A . 23.15 16.72 10.39
N2 SGN A . 18.35 19.04 12.34
O3 SGN A . 18.18 16.69 10.60
O4 SGN A . 20.54 15.15 10.46
O5 SGN A . 21.82 18.48 11.26
O6 SGN A . 22.84 16.46 9.04
S1 SGN A . 18.12 20.65 12.50
O1S SGN A . 19.17 21.17 13.32
O2S SGN A . 18.12 21.18 11.18
O3S SGN A . 16.84 20.78 13.15
S2 SGN A . 23.79 15.88 7.94
O4S SGN A . 24.37 14.69 8.46
O5S SGN A . 22.91 15.62 6.83
O6S SGN A . 24.74 16.91 7.67
C1 IDS A . 20.22 14.52 9.25
C2 IDS A . 20.71 13.06 9.34
C3 IDS A . 19.90 12.16 8.40
C4 IDS A . 18.39 12.27 8.72
C5 IDS A . 18.08 13.57 9.47
C6 IDS A . 16.61 13.96 9.47
O2 IDS A . 22.06 13.00 8.95
O3 IDS A . 20.31 10.82 8.54
O4 IDS A . 17.69 12.28 7.48
O5 IDS A . 18.87 14.61 8.93
O6A IDS A . 15.83 13.43 10.24
O6B IDS A . 16.17 14.80 8.72
S IDS A . 23.25 12.25 9.63
O1S IDS A . 24.34 12.41 8.73
O2S IDS A . 23.49 12.88 10.90
O3S IDS A . 22.82 10.89 9.76
C1 SGN A . 17.07 11.09 7.10
C2 SGN A . 17.54 10.67 5.70
C3 SGN A . 17.05 11.67 4.64
C4 SGN A . 15.53 11.83 4.76
C5 SGN A . 15.19 12.22 6.21
C6 SGN A . 13.68 12.37 6.50
N2 SGN A . 18.99 10.55 5.69
O3 SGN A . 17.35 11.17 3.36
O4 SGN A . 15.16 12.88 3.87
O5 SGN A . 15.67 11.23 7.11
O6 SGN A . 13.23 11.19 7.13
S1 SGN A . 19.72 9.62 6.83
O1S SGN A . 18.81 9.45 7.92
O2S SGN A . 20.06 8.38 6.18
O3S SGN A . 20.88 10.37 7.22
S2 SGN A . 11.78 10.60 7.10
O4S SGN A . 11.05 11.32 6.11
O5S SGN A . 11.97 9.21 6.74
O6S SGN A . 11.25 10.75 8.42
C1 IDS A . 13.79 13.14 3.75
C2 IDS A . 13.54 13.60 2.29
C3 IDS A . 12.09 13.31 1.89
C4 IDS A . 11.77 11.82 2.04
C5 IDS A . 12.74 11.15 3.04
C6 IDS A . 12.28 9.80 3.56
O2 IDS A . 13.75 15.00 2.23
O3 IDS A . 11.90 13.69 0.54
O4 IDS A . 10.45 11.70 2.57
O5 IDS A . 12.99 12.05 4.10
O6A IDS A . 11.98 8.91 2.80
O6B IDS A . 12.21 9.58 4.75
S IDS A . 14.93 15.77 1.56
O1S IDS A . 15.07 16.96 2.35
O2S IDS A . 16.08 14.92 1.62
O3S IDS A . 14.50 16.04 0.22
C1 SGN A . 9.40 11.93 1.68
C2 SGN A . 8.96 13.40 1.72
C3 SGN A . 8.35 13.72 3.09
C4 SGN A . 7.21 12.73 3.38
C5 SGN A . 7.76 11.30 3.26
C6 SGN A . 6.72 10.19 3.48
N2 SGN A . 10.12 14.26 1.44
O3 SGN A . 7.80 15.02 3.06
O4 SGN A . 6.78 12.98 4.71
O5 SGN A . 8.31 11.10 1.97
O6 SGN A . 5.69 10.34 2.52
S1 SGN A . 10.51 14.58 -0.11
O1S SGN A . 10.72 13.34 -0.78
O2S SGN A . 9.41 15.33 -0.65
O3S SGN A . 11.71 15.35 -0.03
S2 SGN A . 4.16 10.17 2.76
O4S SGN A . 3.68 11.36 3.41
O5S SGN A . 3.62 10.02 1.44
O6S SGN A . 4.01 8.98 3.55
C1 IDS A . 5.40 12.86 4.96
C2 IDS A . 5.22 12.69 6.48
C3 IDS A . 3.83 13.18 6.91
C4 IDS A . 3.61 14.64 6.49
C5 IDS A . 4.56 15.02 5.35
C6 IDS A . 4.16 16.29 4.60
O2 IDS A . 5.34 11.32 6.80
O3 IDS A . 3.70 13.07 8.31
O4 IDS A . 2.27 14.77 6.03
O5 IDS A . 4.66 13.93 4.45
O6A IDS A . 3.34 17.04 5.07
O6B IDS A . 4.65 16.59 3.54
S IDS A . 6.60 10.41 6.73
O1S IDS A . 6.30 9.33 7.62
O2S IDS A . 6.75 9.98 5.37
O3S IDS A . 7.69 11.23 7.18
C1 SGN A . 1.26 14.49 6.95
C2 SGN A . 0.75 13.05 6.76
C3 SGN A . 0.04 12.92 5.40
C4 SGN A . -1.05 13.98 5.30
C5 SGN A . -0.42 15.37 5.54
C6 SGN A . -1.42 16.54 5.53
N2 SGN A . 1.87 12.11 6.87
O3 SGN A . -0.56 11.64 5.31
O4 SGN A . -1.58 13.92 3.98
O5 SGN A . 0.20 15.39 6.82
O6 SGN A . -2.66 16.09 6.03
S1 SGN A . 2.15 11.38 8.30
O1S SGN A . 1.96 12.33 9.34
O2S SGN A . 1.23 10.27 8.35
O3S SGN A . 3.52 10.94 8.22
S2 SGN A . -3.62 16.84 7.00
O4S SGN A . -4.54 17.60 6.19
O5S SGN A . -4.28 15.79 7.73
O6S SGN A . -2.79 17.65 7.84
C1 IDS A . -2.76 13.20 3.80
C2 IDS A . -3.64 14.00 2.81
C3 IDS A . -4.61 13.06 2.08
C4 IDS A . -3.85 11.94 1.35
C5 IDS A . -2.45 11.75 1.97
C6 IDS A . -1.79 10.42 1.61
O2 IDS A . -4.39 14.95 3.54
O3 IDS A . -5.36 13.79 1.14
O4 IDS A . -4.59 10.74 1.51
O5 IDS A . -2.55 11.89 3.37
O6A IDS A . -2.31 9.68 0.81
O6B IDS A . -0.73 10.09 2.09
S IDS A . -4.06 16.45 3.80
O1S IDS A . -4.49 16.68 5.15
O2S IDS A . -2.65 16.62 3.64
O3S IDS A . -4.82 17.19 2.84
C1 SGN A . -5.26 10.25 0.40
C2 SGN A . -6.78 10.25 0.65
C3 SGN A . -7.13 9.23 1.74
C4 SGN A . -6.56 7.85 1.35
C5 SGN A . -5.05 8.00 1.09
C6 SGN A . -4.35 6.71 0.64
N2 SGN A . -7.21 11.59 1.02
O3 SGN A . -8.54 9.12 1.82
O4 SGN A . -6.78 6.99 2.46
O5 SGN A . -4.83 8.96 0.08
O6 SGN A . -5.23 5.98 -0.19
S1 SGN A . -8.54 12.22 0.28
O1S SGN A . -8.31 12.21 -1.13
O2S SGN A . -9.65 11.41 0.69
O3S SGN A . -8.63 13.56 0.79
S2 SGN A . -5.29 4.43 -0.35
O4S SGN A . -5.05 3.84 0.93
O5S SGN A . -6.63 4.19 -0.82
O6S SGN A . -4.30 4.09 -1.33
C1 IDS A . -6.39 5.66 2.31
C2 IDS A . -6.65 4.94 3.64
C3 IDS A . -6.85 3.44 3.41
C4 IDS A . -7.99 3.18 2.42
C5 IDS A . -8.23 4.42 1.55
C6 IDS A . -9.05 4.16 0.29
O2 IDS A . -5.53 5.12 4.49
O3 IDS A . -7.15 2.80 4.63
O4 IDS A . -7.60 2.12 1.57
O5 IDS A . -7.00 5.02 1.23
O6A IDS A . -10.26 4.09 0.34
O6B IDS A . -8.53 4.02 -0.79
S IDS A . -5.41 6.03 5.75
O1S IDS A . -4.00 6.29 5.86
O2S IDS A . -6.17 7.22 5.51
O3S IDS A . -5.91 5.25 6.84
C1 SGN A . -8.41 0.97 1.56
C2 SGN A . -7.61 -0.26 2.02
C3 SGN A . -6.53 -0.59 0.99
C4 SGN A . -7.18 -0.76 -0.40
C5 SGN A . -7.98 0.53 -0.72
C6 SGN A . -8.74 0.50 -2.05
N2 SGN A . -7.02 0.00 3.33
O3 SGN A . -5.92 -1.82 1.33
O4 SGN A . -6.13 -0.92 -1.33
O5 SGN A . -8.94 0.76 0.29
O6 SGN A . -10.07 0.11 -1.81
S1 SGN A . -7.14 -1.15 4.50
O1S SGN A . -8.19 -2.05 4.12
O2S SGN A . -5.85 -1.78 4.56
O3S SGN A . -7.47 -0.43 5.69
S2 SGN A . -11.11 -0.41 -2.85
O4S SGN A . -11.00 -1.84 -2.87
O5S SGN A . -12.37 0.04 -2.33
O6S SGN A . -10.77 0.20 -4.09
C1 IDS A . -6.02 -2.15 -1.98
C2 IDS A . -4.87 -2.07 -2.99
C3 IDS A . -4.29 -3.46 -3.26
C4 IDS A . -3.82 -4.12 -1.94
C5 IDS A . -4.53 -3.48 -0.73
C6 IDS A . -4.45 -4.31 0.54
O2 IDS A . -5.37 -1.55 -4.20
O3 IDS A . -3.19 -3.36 -4.14
O4 IDS A . -4.17 -5.49 -2.00
O5 IDS A . -5.88 -3.21 -1.08
O6A IDS A . -3.43 -4.35 1.18
O6B IDS A . -5.39 -4.93 0.94
S IDS A . -5.43 -0.06 -4.67
O1S IDS A . -6.63 0.01 -5.46
O2S IDS A . -5.50 0.76 -3.50
O3S IDS A . -4.24 0.15 -5.44
C1 SGN A . -3.54 -6.28 -2.98
C2 SGN A . -4.29 -6.19 -4.31
C3 SGN A . -5.67 -6.85 -4.18
C4 SGN A . -5.50 -8.28 -3.65
C5 SGN A . -4.70 -8.23 -2.33
C6 SGN A . -4.40 -9.61 -1.71
N2 SGN A . -4.41 -4.78 -4.71
O3 SGN A . -6.28 -6.92 -5.45
O4 SGN A . -6.81 -8.79 -3.40
O5 SGN A . -3.44 -7.61 -2.56
O6 SGN A . -3.39 -10.24 -2.47
S1 SGN A . -3.64 -4.29 -6.07
O1S SGN A . -2.23 -4.23 -5.79
O2S SGN A . -3.98 -5.25 -7.09
O3S SGN A . -4.17 -2.98 -6.34
S2 SGN A . -2.22 -11.11 -1.93
O4S SGN A . -2.79 -12.37 -1.53
O5S SGN A . -1.34 -11.25 -3.05
O6S SGN A . -1.63 -10.39 -0.84
C1 IDS A . -7.12 -10.03 -3.96
C2 IDS A . -8.26 -10.65 -3.14
C3 IDS A . -9.07 -11.64 -3.99
C4 IDS A . -9.63 -10.94 -5.23
C5 IDS A . -8.82 -9.67 -5.56
C6 IDS A . -9.03 -9.15 -6.98
O2 IDS A . -7.68 -11.36 -2.06
O3 IDS A . -10.13 -12.15 -3.23
O4 IDS A . -9.52 -11.84 -6.32
O5 IDS A . -7.45 -9.94 -5.33
O6A IDS A . -10.11 -8.75 -7.33
O6B IDS A . -8.12 -9.10 -7.77
S IDS A . -7.82 -11.09 -0.52
O1S IDS A . -7.03 -12.11 0.09
O2S IDS A . -7.31 -9.77 -0.28
O3S IDS A . -9.22 -11.21 -0.23
C1 SGN A . -10.34 -12.98 -6.30
C2 SGN A . -9.51 -14.25 -6.54
C3 SGN A . -8.97 -14.24 -7.99
C4 SGN A . -10.14 -14.06 -8.96
C5 SGN A . -10.91 -12.79 -8.58
C6 SGN A . -12.15 -12.51 -9.43
N2 SGN A . -8.42 -14.31 -5.57
O3 SGN A . -8.35 -15.48 -8.25
O4 SGN A . -9.57 -13.91 -10.26
O5 SGN A . -11.36 -12.88 -7.24
O6 SGN A . -13.22 -13.28 -8.96
S1 SGN A . -8.74 -14.84 -4.06
O1S SGN A . -10.05 -14.41 -3.71
O2S SGN A . -8.60 -16.27 -4.10
O3S SGN A . -7.73 -14.23 -3.23
S2 SGN A . -14.73 -12.88 -8.86
O4S SGN A . -15.04 -12.13 -10.03
O5S SGN A . -15.43 -14.13 -8.80
O6S SGN A . -14.85 -12.12 -7.65
C1 IDS A . -10.25 -14.53 -11.32
C2 IDS A . -9.49 -14.20 -12.61
C3 IDS A . -9.74 -15.28 -13.68
C4 IDS A . -9.33 -16.66 -13.15
C5 IDS A . -9.31 -16.67 -11.61
C6 IDS A . -9.33 -18.06 -10.99
O2 IDS A . -9.98 -12.97 -13.11
O3 IDS A . -8.99 -14.98 -14.83
O4 IDS A . -10.30 -17.60 -13.59
O5 IDS A . -10.41 -15.91 -11.14
O6A IDS A . -9.43 -19.04 -11.70
O6B IDS A . -9.21 -18.24 -9.80
S IDS A . -9.88 -11.56 -12.45
O1S IDS A . -9.78 -10.66 -13.56
O2S IDS A . -11.06 -11.34 -11.68
O3S IDS A . -8.68 -11.58 -11.66
C1 SGN A . -10.53 -17.67 -14.96
C2 SGN A . -12.01 -17.38 -15.29
C3 SGN A . -12.90 -18.50 -14.73
C4 SGN A . -12.41 -19.85 -15.26
C5 SGN A . -10.91 -20.01 -14.90
C6 SGN A . -10.26 -21.30 -15.41
N2 SGN A . -12.37 -16.07 -14.73
O3 SGN A . -14.22 -18.29 -15.17
O4 SGN A . -13.17 -20.85 -14.59
O5 SGN A . -10.17 -18.94 -15.46
O6 SGN A . -10.60 -21.46 -16.78
S1 SGN A . -12.55 -14.81 -15.75
O1S SGN A . -11.27 -14.15 -15.85
O2S SGN A . -13.00 -15.35 -16.99
O3S SGN A . -13.53 -13.97 -15.12
S2 SGN A . -9.94 -22.46 -17.80
O4S SGN A . -9.77 -23.71 -17.13
O5S SGN A . -10.90 -22.52 -18.87
O6S SGN A . -8.71 -21.85 -18.21
C1 IDS A . -13.80 -21.81 -15.39
C2 IDS A . -14.64 -22.71 -14.47
C3 IDS A . -15.80 -23.34 -15.25
C4 IDS A . -16.68 -22.24 -15.88
C5 IDS A . -15.89 -20.93 -16.03
C6 IDS A . -16.52 -19.93 -16.99
O2 IDS A . -13.81 -23.75 -13.99
O3 IDS A . -16.60 -24.12 -14.38
O4 IDS A . -17.06 -22.68 -17.18
O5 IDS A . -14.56 -21.23 -16.42
O6A IDS A . -17.71 -19.81 -17.06
O6B IDS A . -15.83 -19.23 -17.70
S IDS A . -13.62 -24.24 -12.52
O1S IDS A . -12.19 -24.31 -12.36
O2S IDS A . -14.23 -23.28 -11.66
O3S IDS A . -14.25 -25.54 -12.46
C1 SGN A . -18.16 -23.53 -17.26
C2 SGN A . -18.21 -24.24 -18.62
C3 SGN A . -18.46 -23.22 -19.73
C4 SGN A . -19.74 -22.42 -19.42
C5 SGN A . -19.59 -21.80 -18.02
C6 SGN A . -20.81 -21.01 -17.52
N2 SGN A . -16.95 -24.95 -18.84
O3 SGN A . -18.67 -23.89 -20.96
O4 SGN A . -19.85 -21.39 -20.39
O5 SGN A . -19.35 -22.82 -17.05
O6 SGN A . -21.98 -21.61 -18.06
S1 SGN A . -17.00 -26.56 -19.15
O1S SGN A . -17.72 -27.20 -18.08
O2S SGN A . -17.63 -26.70 -20.43
O3S SGN A . -15.62 -26.97 -19.18
S2 SGN A . -23.34 -20.91 -18.39
O4S SGN A . -23.25 -20.41 -19.72
O5S SGN A . -24.31 -21.96 -18.26
O6S SGN A . -23.50 -19.88 -17.41
C1 IDS A . -21.14 -21.00 -20.77
C2 IDS A . -21.01 -20.03 -21.95
C3 IDS A . -22.28 -20.05 -22.80
C4 IDS A . -22.57 -21.47 -23.31
C5 IDS A . -21.88 -22.52 -22.42
C6 IDS A . -22.42 -23.93 -22.57
O2 IDS A . -20.84 -18.72 -21.44
O3 IDS A . -22.12 -19.19 -23.91
O4 IDS A . -23.97 -21.67 -23.23
O5 IDS A . -21.96 -22.10 -21.07
O6A IDS A . -22.51 -24.43 -23.67
O6B IDS A . -22.76 -24.59 -21.62
S IDS A . -19.72 -18.20 -20.48
O1S IDS A . -20.09 -16.84 -20.21
O2S IDS A . -19.72 -19.01 -19.30
O3S IDS A . -18.50 -18.30 -21.23
C1 SGN A . -24.70 -21.60 -24.43
C2 SGN A . -25.92 -20.69 -24.27
C3 SGN A . -26.93 -21.33 -23.30
C4 SGN A . -27.27 -22.75 -23.78
C5 SGN A . -25.96 -23.54 -23.94
C6 SGN A . -26.13 -24.97 -24.47
N2 SGN A . -25.50 -19.37 -23.79
O3 SGN A . -28.12 -20.57 -23.29
O4 SGN A . -28.07 -23.34 -22.78
O5 SGN A . -25.10 -22.87 -24.85
O6 SGN A . -27.17 -24.97 -25.43
S1 SGN A . -26.23 -18.04 -24.39
O1S SGN A . -26.44 -18.24 -25.80
O2S SGN A . -27.44 -17.88 -23.65
O3S SGN A . -25.30 -16.98 -24.15
S2 SGN A . -27.40 -26.01 -26.57
O4S SGN A . -27.23 -27.32 -26.00
O5S SGN A . -28.74 -25.77 -27.00
O6S SGN A . -26.44 -25.71 -27.59
C1 IDS A . -28.52 -24.65 -23.01
C2 IDS A . -29.85 -24.83 -22.25
C3 IDS A . -30.71 -25.91 -22.92
C4 IDS A . -30.96 -25.57 -24.40
C5 IDS A . -29.90 -24.58 -24.92
C6 IDS A . -29.82 -24.50 -26.43
O2 IDS A . -29.56 -25.24 -20.93
O3 IDS A . -31.94 -26.03 -22.25
O4 IDS A . -30.86 -26.77 -25.14
O5 IDS A . -28.64 -24.94 -24.37
O6A IDS A . -30.67 -23.91 -27.06
O6B IDS A . -28.91 -25.01 -27.05
S IDS A . -29.15 -24.35 -19.71
O1S IDS A . -28.25 -25.18 -18.97
O2S IDS A . -28.50 -23.18 -20.23
O3S IDS A . -30.36 -24.06 -19.00
C1 SGN A . -31.48 -27.91 -24.60
C2 SGN A . -30.45 -28.73 -23.81
C3 SGN A . -29.40 -29.33 -24.76
C4 SGN A . -30.11 -30.11 -25.87
C5 SGN A . -31.13 -29.19 -26.55
C6 SGN A . -31.97 -29.85 -27.67
N2 SGN A . -29.82 -27.90 -22.78
O3 SGN A . -28.57 -30.22 -24.05
O4 SGN A . -29.11 -30.50 -26.81
O5 SGN A . -32.05 -28.69 -25.60
O6 SGN A . -32.70 -30.91 -27.10
S1 SGN A . -30.46 -27.88 -21.28
O1S SGN A . -31.78 -28.42 -21.35
O2S SGN A . -29.58 -28.67 -20.47
O3S SGN A . -30.46 -26.50 -20.90
S2 SGN A . -34.10 -31.44 -27.55
O4S SGN A . -33.89 -32.62 -28.33
O5S SGN A . -34.78 -31.72 -26.31
O6S SGN A . -34.72 -30.38 -28.29
C1 IDS A . -28.80 -31.87 -26.86
C2 IDS A . -27.81 -32.07 -28.02
C3 IDS A . -26.95 -33.32 -27.78
C4 IDS A . -26.21 -33.23 -26.44
C5 IDS A . -26.92 -32.23 -25.51
C6 IDS A . -26.52 -32.36 -24.04
O2 IDS A . -28.54 -32.25 -29.22
O3 IDS A . -26.01 -33.46 -28.83
O5 IDS A . -28.32 -32.37 -25.66
O6A IDS A . -25.37 -32.58 -23.74
O6B IDS A . -27.32 -32.24 -23.15
S IDS A . -29.12 -31.16 -30.17
O1S IDS A . -29.58 -31.89 -31.32
O2S IDS A . -30.20 -30.51 -29.47
O3S IDS A . -28.04 -30.28 -30.47
C1 SGN A . 36.54 31.28 10.99
C2 SGN A . 35.19 30.55 10.89
C3 SGN A . 34.66 30.24 12.30
C4 SGN A . 35.72 29.48 13.09
C5 SGN A . 37.02 30.29 13.08
C6 SGN A . 38.21 29.63 13.80
N2 SGN A . 34.24 31.37 10.13
O1 SGN A . 36.36 32.55 11.55
O3 SGN A . 33.50 29.43 12.19
O4 SGN A . 35.24 29.35 14.42
O5 SGN A . 37.44 30.53 11.74
O6 SGN A . 37.91 28.26 13.98
S1 SGN A . 33.54 30.72 8.80
O1S SGN A . 34.56 30.16 7.97
O2S SGN A . 32.60 29.74 9.28
O3S SGN A . 32.89 31.82 8.16
S2 SGN A . 38.12 27.42 15.28
O4S SGN A . 37.70 28.23 16.39
O5S SGN A . 37.27 26.27 15.10
O6S SGN A . 39.50 27.07 15.32
C1 IDS A . 35.18 28.06 14.97
C2 IDS A . 34.98 28.21 16.48
C3 IDS A . 34.31 26.95 17.05
C4 IDS A . 32.96 26.70 16.35
C5 IDS A . 32.93 27.39 14.97
C6 IDS A . 31.84 26.88 14.04
O2 IDS A . 36.25 28.34 17.10
O3 IDS A . 34.07 27.12 18.43
O4 IDS A . 32.83 25.29 16.14
O5 IDS A . 34.21 27.27 14.36
O6A IDS A . 30.70 27.29 14.13
O6B IDS A . 32.08 26.06 13.17
S IDS A . 36.69 29.34 18.20
O1S IDS A . 37.70 28.64 18.93
O2S IDS A . 37.19 30.52 17.55
O3S IDS A . 35.51 29.58 18.99
C1 SGN A . 32.73 24.49 17.28
C2 SGN A . 33.62 23.24 17.15
C3 SGN A . 33.08 22.33 16.04
C4 SGN A . 31.59 22.02 16.31
C5 SGN A . 30.83 23.34 16.47
C6 SGN A . 29.34 23.20 16.80
N2 SGN A . 35.00 23.65 16.88
O3 SGN A . 33.80 21.12 16.04
O4 SGN A . 31.11 21.30 15.19
O5 SGN A . 31.41 24.12 17.52
O6 SGN A . 29.10 21.86 17.18
S1 SGN A . 36.14 23.36 18.01
O1S SGN A . 35.49 23.06 19.25
O2S SGN A . 36.93 22.27 17.51
O3S SGN A . 36.90 24.58 18.09
S2 SGN A . 28.11 21.35 18.29
O4S SGN A . 26.78 21.62 17.83
O5S SGN A . 28.38 19.94 18.37
O6S SGN A . 28.46 22.06 19.49
C1 IDS A . 30.10 20.36 15.42
C2 IDS A . 30.30 19.21 14.42
C3 IDS A . 29.70 17.92 14.98
C4 IDS A . 30.32 17.57 16.33
C5 IDS A . 30.92 18.82 16.99
C6 IDS A . 31.19 18.66 18.48
O2 IDS A . 29.62 19.54 13.22
O3 IDS A . 29.94 16.86 14.07
O4 IDS A . 29.28 17.07 17.18
O5 IDS A . 30.07 19.92 16.74
O6A IDS A . 32.21 18.13 18.88
O6B IDS A . 30.42 19.09 19.31
S IDS A . 30.22 20.15 11.92
O1S IDS A . 29.35 19.68 10.88
O2S IDS A . 30.19 21.58 12.05
O3S IDS A . 31.55 19.62 11.81
C1 SGN A . 28.62 15.91 16.75
C2 SGN A . 27.17 16.24 16.35
C3 SGN A . 26.37 16.67 17.60
C4 SGN A . 26.49 15.58 18.68
C5 SGN A . 27.98 15.32 18.95
C6 SGN A . 28.27 14.22 19.98
N2 SGN A . 27.16 17.29 15.33
O3 SGN A . 25.01 16.79 17.25
O4 SGN A . 25.86 16.10 19.84
O5 SGN A . 28.64 14.94 17.75
O6 SGN A . 28.46 13.00 19.28
S1 SGN A . 26.70 16.90 13.81
O1S SGN A . 27.22 15.61 13.49
O2S SGN A . 25.26 16.94 13.81
O3S SGN A . 27.27 17.93 12.99
S2 SGN A . 28.10 11.56 19.79
O4S SGN A . 26.67 11.41 19.64
O5S SGN A . 28.82 10.69 18.91
O6S SGN A . 28.54 11.48 21.14
C1 IDS A . 24.81 15.34 20.37
C2 IDS A . 24.13 16.19 21.46
C3 IDS A . 22.68 15.76 21.65
C4 IDS A . 21.90 15.86 20.32
C5 IDS A . 22.89 15.83 19.13
C6 IDS A . 22.22 15.52 17.79
O2 IDS A . 24.81 15.99 22.69
O3 IDS A . 22.05 16.59 22.60
O4 IDS A . 21.04 14.75 20.23
O5 IDS A . 23.91 14.91 19.40
O6A IDS A . 21.46 16.32 17.28
O6B IDS A . 22.44 14.49 17.20
S IDS A . 26.24 16.49 23.10
O1S IDS A . 26.81 15.38 23.81
O2S IDS A . 26.95 16.79 21.90
O3S IDS A . 26.02 17.63 23.94
C1 SGN A . 19.67 15.00 20.13
C2 SGN A . 18.86 13.72 20.41
C3 SGN A . 19.10 12.70 19.28
C4 SGN A . 18.79 13.35 17.93
C5 SGN A . 19.63 14.64 17.80
C6 SGN A . 19.38 15.45 16.52
N2 SGN A . 19.24 13.16 21.71
O3 SGN A . 18.23 11.61 19.46
O4 SGN A . 19.17 12.43 16.92
O5 SGN A . 19.34 15.52 18.89
O6 SGN A . 18.29 16.32 16.73
S1 SGN A . 18.56 13.78 23.06
O1S SGN A . 19.13 15.06 23.32
O2S SGN A . 17.15 13.83 22.79
O3S SGN A . 18.87 12.84 24.09
S2 SGN A . 18.07 17.74 16.11
O4S SGN A . 18.85 17.80 14.91
O5S SGN A . 16.66 17.80 15.85
O6S SGN A . 18.49 18.69 17.10
C1 IDS A . 18.13 11.84 16.18
C2 IDS A . 18.74 10.67 15.38
C3 IDS A . 17.68 9.62 15.07
C4 IDS A . 17.02 9.10 16.37
C5 IDS A . 17.22 10.12 17.51
C6 IDS A . 16.29 9.90 18.70
O2 IDS A . 19.23 11.18 14.16
O3 IDS A . 18.26 8.53 14.39
O4 IDS A . 15.64 8.95 16.13
O5 IDS A . 17.06 11.43 16.99
O6A IDS A . 15.47 9.02 18.69
O6B IDS A . 16.35 10.59 19.69
S IDS A . 20.46 12.12 13.93
O1S IDS A . 20.00 13.06 12.94
O2S IDS A . 20.77 12.75 15.17
O3S IDS A . 21.51 11.27 13.44
C1 SGN A . 15.11 7.67 16.29
C2 SGN A . 14.98 6.97 14.92
C3 SGN A . 13.93 7.67 14.07
C4 SGN A . 12.60 7.76 14.84
C5 SGN A . 12.87 8.44 16.20
C6 SGN A . 11.65 8.54 17.12
N2 SGN A . 16.30 6.95 14.27
O3 SGN A . 13.72 6.93 12.89
O4 SGN A . 11.73 8.55 14.07
O5 SGN A . 13.86 7.71 16.92
O6 SGN A . 11.57 7.38 17.90
S1 SGN A . 16.90 5.52 13.75
O1S SGN A . 17.32 4.78 14.89
O2S SGN A . 15.84 4.89 13.01
O3S SGN A . 18.01 5.89 12.92
S2 SGN A . 10.40 6.94 18.84
O4S SGN A . 9.27 6.67 18.01
O5S SGN A . 10.89 5.76 19.49
O6S SGN A . 10.19 8.02 19.75
C1 IDS A . 10.36 8.22 14.12
C2 IDS A . 9.57 9.45 13.66
C3 IDS A . 8.20 9.03 13.10
C4 IDS A . 8.38 8.04 11.94
C5 IDS A . 9.76 7.35 12.02
C6 IDS A . 9.87 6.09 11.19
O2 IDS A . 9.34 10.29 14.78
O3 IDS A . 7.51 10.17 12.63
O4 IDS A . 7.37 7.04 12.06
O5 IDS A . 10.05 7.08 13.37
O6A IDS A . 9.88 6.14 9.98
O6B IDS A . 9.97 4.99 11.70
S IDS A . 9.86 11.74 15.03
O1S IDS A . 10.00 11.83 16.45
O2S IDS A . 11.12 11.87 14.35
O3S IDS A . 8.85 12.61 14.51
C1 SGN A . 6.25 7.18 11.24
C2 SGN A . 4.97 6.85 12.03
C3 SGN A . 4.95 5.36 12.40
C4 SGN A . 5.13 4.52 11.12
C5 SGN A . 6.41 4.98 10.42
C6 SGN A . 6.70 4.26 9.08
N2 SGN A . 4.91 7.70 13.23
O3 SGN A . 3.70 5.04 12.98
O4 SGN A . 5.26 3.17 11.54
O5 SGN A . 6.34 6.37 10.11
O6 SGN A . 5.49 3.71 8.60
S1 SGN A . 3.45 8.29 13.70
O1S SGN A . 2.57 8.26 12.57
O2S SGN A . 3.01 7.45 14.77
O3S SGN A . 3.72 9.63 14.12
S2 SGN A . 5.19 3.24 7.14
O4S SGN A . 5.60 1.87 7.04
O5S SGN A . 3.77 3.40 7.01
O6S SGN A . 5.93 4.11 6.27
C1 IDS A . 5.31 2.20 10.53
C2 IDS A . 4.96 0.84 11.17
C3 IDS A . 4.38 -0.10 10.11
C4 IDS A . 3.15 0.50 9.43
C5 IDS A . 3.16 2.04 9.59
C6 IDS A . 2.23 2.77 8.62
O2 IDS A . 6.14 0.27 11.69
O3 IDS A . 4.01 -1.33 10.72
O4 IDS A . 3.21 0.19 8.05
O5 IDS A . 4.49 2.50 9.44
O6A IDS A . 1.04 2.80 8.83
O6B IDS A . 2.64 3.32 7.63
S IDS A . 6.36 -0.37 13.10
O1S IDS A . 7.78 -0.62 13.14
O2S IDS A . 5.93 0.57 14.08
O3S IDS A . 5.60 -1.59 13.09
C1 SGN A . 2.18 -0.60 7.53
C2 SGN A . 2.65 -1.34 6.27
C3 SGN A . 2.93 -0.34 5.14
C4 SGN A . 1.68 0.54 4.92
C5 SGN A . 1.30 1.19 6.25
C6 SGN A . 0.03 2.06 6.20
N2 SGN A . 3.85 -2.13 6.59
O3 SGN A . 3.20 -1.04 3.95
O4 SGN A . 2.04 1.54 3.98
O5 SGN A . 1.06 0.18 7.24
O6 SGN A . -0.93 1.41 5.40
S1 SGN A . 3.93 -3.68 6.07
O1S SGN A . 2.62 -4.26 6.20
O2S SGN A . 4.38 -3.63 4.72
O3S SGN A . 4.87 -4.30 6.96
S2 SGN A . -2.43 1.79 5.22
O4S SGN A . -2.48 3.19 4.94
O5S SGN A . -2.87 0.99 4.11
O6S SGN A . -3.08 1.44 6.44
C1 IDS A . 1.01 2.30 3.43
C2 IDS A . 1.48 2.83 2.07
C3 IDS A . 0.28 3.12 1.15
C4 IDS A . -0.56 1.85 0.97
C5 IDS A . -0.32 0.86 2.13
C6 IDS A . -1.39 -0.22 2.25
O2 IDS A . 2.18 4.05 2.29
O3 IDS A . 0.75 3.55 -0.10
O4 IDS A . -1.93 2.24 0.99
O5 IDS A . -0.19 1.59 3.33
O6A IDS A . -1.57 -1.01 1.36
O6B IDS A . -2.06 -0.32 3.25
S IDS A . 3.64 4.25 2.78
O1S IDS A . 3.51 5.09 3.94
O2S IDS A . 4.18 2.96 3.09
O3S IDS A . 4.32 4.91 1.70
C1 SGN A . -2.27 3.42 0.33
C2 SGN A . -2.31 4.60 1.32
C3 SGN A . -3.46 4.42 2.31
C4 SGN A . -4.77 4.22 1.53
C5 SGN A . -4.59 3.05 0.56
C6 SGN A . -5.80 2.76 -0.34
N2 SGN A . -1.02 4.70 2.01
O3 SGN A . -3.58 5.58 3.10
O4 SGN A . -5.77 3.91 2.48
O5 SGN A . -3.50 3.30 -0.32
O6 SGN A . -5.59 3.35 -1.60
S1 SGN A . 0.28 5.23 1.18
O1S SGN A . 0.91 4.10 0.56
O2S SGN A . -0.20 6.20 0.24
O3S SGN A . 1.14 5.82 2.18
S2 SGN A . -6.65 3.68 -2.69
O4S SGN A . -7.28 4.91 -2.30
O5S SGN A . -5.90 3.81 -3.90
O6S SGN A . -7.56 2.57 -2.73
C1 IDS A . -7.10 4.08 2.08
C2 IDS A . -8.00 3.38 3.13
C3 IDS A . -9.40 4.01 3.15
C4 IDS A . -9.31 5.51 3.43
C5 IDS A . -7.90 6.05 3.10
C6 IDS A . -7.83 7.56 2.96
O2 IDS A . -8.13 2.02 2.75
O3 IDS A . -10.18 3.39 4.14
O4 IDS A . -10.25 6.18 2.61
O5 IDS A . -7.45 5.42 1.90
O6A IDS A . -8.57 8.27 3.61
O6B IDS A . -7.04 8.10 2.22
S IDS A . -7.68 0.75 3.56
O1S IDS A . -8.56 -0.28 3.09
O2S IDS A . -6.30 0.49 3.23
O3S IDS A . -7.88 1.07 4.93
C1 SGN A . -11.57 6.22 3.07
C2 SGN A . -12.39 5.06 2.48
C3 SGN A . -12.55 5.25 0.97
C4 SGN A . -13.14 6.63 0.68
C5 SGN A . -12.25 7.70 1.36
C6 SGN A . -12.75 9.15 1.20
N2 SGN A . -11.74 3.79 2.80
O3 SGN A . -13.45 4.28 0.47
O4 SGN A . -13.13 6.81 -0.73
O5 SGN A . -12.17 7.45 2.75
O6 SGN A . -14.09 9.12 0.78
S1 SGN A . -12.64 2.58 3.44
O1S SGN A . -13.39 3.11 4.53
O2S SGN A . -13.46 2.10 2.37
O3S SGN A . -11.69 1.61 3.87
S2 SGN A . -15.01 10.34 0.48
O4S SGN A . -14.91 10.64 -0.91
O5S SGN A . -16.33 9.88 0.84
O6S SGN A . -14.56 11.41 1.32
C1 IDS A . -14.32 6.59 -1.41
C2 IDS A . -14.28 7.40 -2.72
C3 IDS A . -15.18 6.77 -3.77
C4 IDS A . -14.79 5.30 -4.03
C5 IDS A . -14.01 4.74 -2.83
C6 IDS A . -13.93 3.21 -2.79
O2 IDS A . -14.74 8.71 -2.46
O3 IDS A . -15.08 7.49 -4.98
O4 IDS A . -15.99 4.55 -4.17
O5 IDS A . -14.58 5.24 -1.63
O6A IDS A . -13.42 2.61 -3.71
O6B IDS A . -14.36 2.58 -1.86
S IDS A . -13.96 10.06 -2.59
O1S IDS A . -14.68 10.97 -1.76
O2S IDS A . -12.62 9.84 -2.13
O3S IDS A . -14.03 10.40 -3.98
C1 SGN A . -16.45 4.35 -5.48
C2 SGN A . -17.96 4.03 -5.47
C3 SGN A . -18.19 2.66 -4.80
C4 SGN A . -17.32 1.59 -5.50
C5 SGN A . -15.86 2.06 -5.48
C6 SGN A . -14.87 1.13 -6.19
N2 SGN A . -18.69 5.09 -4.77
O3 SGN A . -19.54 2.28 -4.95
O4 SGN A . -17.46 0.39 -4.76
O5 SGN A . -15.75 3.33 -6.11
O6 SGN A . -15.53 0.53 -7.29
S1 SGN A . -20.12 5.58 -5.37
O1S SGN A . -19.93 5.95 -6.75
O2S SGN A . -21.03 4.48 -5.20
O3S SGN A . -20.47 6.72 -4.58
S2 SGN A . -15.11 -0.77 -8.05
O4S SGN A . -15.05 -1.82 -7.08
O5S SGN A . -16.16 -0.97 -9.00
O6S SGN A . -13.86 -0.49 -8.67
C1 IDS A . -16.99 -0.78 -5.36
C2 IDS A . -16.77 -1.82 -4.25
C3 IDS A . -16.87 -3.25 -4.81
C4 IDS A . -18.24 -3.46 -5.48
C5 IDS A . -18.87 -2.11 -5.88
C6 IDS A . -20.00 -2.22 -6.89
O2 IDS A . -15.46 -1.64 -3.74
O3 IDS A . -16.72 -4.18 -3.77
O4 IDS A . -18.03 -4.21 -6.66
O5 IDS A . -17.85 -1.25 -6.36
O6A IDS A . -21.12 -2.53 -6.53
O6B IDS A . -19.83 -2.00 -8.06
S IDS A . -14.86 -0.38 -3.03
O1S IDS A . -13.59 -0.83 -2.53
O2S IDS A . -14.72 0.64 -4.02
O3S IDS A . -15.78 -0.04 -1.99
C1 SGN A . -18.78 -5.39 -6.80
C2 SGN A . -17.86 -6.61 -6.96
C3 SGN A . -17.11 -6.51 -8.30
C4 SGN A . -18.12 -6.34 -9.45
C5 SGN A . -19.01 -5.12 -9.14
C6 SGN A . -20.10 -4.85 -10.17
N2 SGN A . -16.94 -6.68 -5.83
O3 SGN A . -16.39 -7.72 -8.51
O4 SGN A . -17.36 -6.11 -10.63
O5 SGN A . -19.65 -5.29 -7.89
O6 SGN A . -21.22 -5.66 -9.88
S1 SGN A . -17.38 -7.52 -4.50
O1S SGN A . -18.77 -7.81 -4.60
O2S SGN A . -16.55 -8.70 -4.49
O3S SGN A . -17.09 -6.64 -3.40
S2 SGN A . -22.44 -5.97 -10.80
O4S SGN A . -21.93 -6.39 -12.06
O5S SGN A . -23.14 -7.02 -10.10
O6S SGN A . -23.20 -4.75 -10.87
C1 IDS A . -17.73 -6.84 -11.77
C2 IDS A . -16.77 -6.46 -12.91
C3 IDS A . -16.67 -7.59 -13.93
C4 IDS A . -16.20 -8.89 -13.26
C5 IDS A . -16.50 -8.84 -11.75
C6 IDS A . -16.45 -10.21 -11.07
O2 IDS A . -17.30 -5.31 -13.55
O3 IDS A . -15.74 -7.23 -14.94
O4 IDS A . -16.93 -9.96 -13.83
O5 IDS A . -17.75 -8.23 -11.53
O6A IDS A . -16.23 -11.21 -11.71
O6B IDS A . -16.62 -10.34 -9.88
S IDS A . -17.46 -3.87 -12.98
O1S IDS A . -18.23 -3.18 -13.99
O2S IDS A . -18.14 -3.96 -11.73
O3S IDS A . -16.13 -3.35 -12.87
C1 SGN A . -16.26 -10.77 -14.76
C2 SGN A . -17.24 -11.77 -15.39
C3 SGN A . -17.71 -12.78 -14.33
C4 SGN A . -16.49 -13.43 -13.65
C5 SGN A . -15.59 -12.32 -13.10
C6 SGN A . -14.29 -12.81 -12.44
N2 SGN A . -18.36 -11.06 -16.00
O3 SGN A . -18.46 -13.80 -14.97
O4 SGN A . -16.98 -14.24 -12.60
O5 SGN A . -15.20 -11.44 -14.15
O6 SGN A . -13.97 -14.09 -12.96
S1 SGN A . -18.34 -10.76 -17.60
O1S SGN A . -16.97 -10.77 -18.04
O2S SGN A . -19.13 -11.79 -18.20
O3S SGN A . -18.92 -9.46 -17.73
S2 SGN A . -12.96 -15.12 -12.38
O4S SGN A . -13.27 -15.30 -11.00
O5S SGN A . -13.18 -16.30 -13.16
O6S SGN A . -11.66 -14.56 -12.60
C1 IDS A . -17.26 -15.57 -12.89
C2 IDS A . -18.43 -16.02 -11.99
C3 IDS A . -19.18 -17.19 -12.64
C4 IDS A . -19.69 -16.81 -14.04
C5 IDS A . -18.86 -15.63 -14.60
C6 IDS A . -19.00 -15.44 -16.11
O2 IDS A . -17.90 -16.46 -10.76
O3 IDS A . -20.28 -17.55 -11.84
O4 IDS A . -19.50 -17.93 -14.90
O5 IDS A . -17.50 -15.80 -14.24
O6A IDS A . -20.08 -15.49 -16.64
O6B IDS A . -18.04 -15.21 -16.81
S IDS A . -18.28 -15.97 -9.32
O1S IDS A . -17.83 -17.03 -8.46
O2S IDS A . -17.59 -14.74 -9.08
O3S IDS A . -19.71 -15.84 -9.32
C1 SGN A . -20.48 -18.92 -14.85
C2 SGN A . -20.06 -20.06 -13.90
C3 SGN A . -18.83 -20.79 -14.47
C4 SGN A . -19.14 -21.27 -15.90
C5 SGN A . -19.59 -20.05 -16.74
C6 SGN A . -19.99 -20.38 -18.18
N2 SGN A . -19.77 -19.49 -12.58
O3 SGN A . -18.56 -21.92 -13.67
O4 SGN A . -17.94 -21.80 -16.43
O5 SGN A . -20.73 -19.44 -16.13
O6 SGN A . -21.36 -20.76 -18.19
S1 SGN A . -20.67 -19.98 -11.30
O1S SGN A . -21.75 -20.78 -11.81
O2S SGN A . -19.78 -20.71 -10.44
O3S SGN A . -21.14 -18.77 -10.70
S2 SGN A . -22.42 -20.43 -19.28
O4S SGN A . -21.94 -20.97 -20.53
O5S SGN A . -23.61 -21.10 -18.82
O6S SGN A . -22.56 -19.01 -19.29
C1 IDS A . -18.04 -22.50 -17.63
C2 IDS A . -16.60 -22.86 -18.08
C3 IDS A . -16.62 -24.10 -18.98
C4 IDS A . -17.27 -25.29 -18.24
C5 IDS A . -18.18 -24.79 -17.11
C6 IDS A . -19.16 -25.84 -16.60
O2 IDS A . -16.09 -21.77 -18.83
O3 IDS A . -15.30 -24.44 -19.34
O4 IDS A . -18.07 -25.99 -19.19
O5 IDS A . -18.86 -23.63 -17.54
O6A IDS A . -18.80 -26.69 -15.82
O6B IDS A . -20.32 -25.84 -16.95
S IDS A . -15.60 -20.39 -18.31
O1S IDS A . -16.40 -19.44 -19.03
O2S IDS A . -15.82 -20.34 -16.90
O3S IDS A . -14.21 -20.31 -18.66
C1 SGN A . -17.43 -26.98 -19.96
C2 SGN A . -17.15 -26.45 -21.37
C3 SGN A . -18.47 -26.22 -22.12
C4 SGN A . -19.30 -27.50 -22.09
C5 SGN A . -19.48 -27.95 -20.63
C6 SGN A . -20.26 -29.26 -20.44
N2 SGN A . -16.36 -25.21 -21.28
O3 SGN A . -18.18 -25.90 -23.47
O4 SGN A . -20.57 -27.20 -22.67
O5 SGN A . -18.22 -28.13 -20.02
O6 SGN A . -19.47 -30.32 -20.94
S1 SGN A . -14.82 -25.30 -20.74
O1S SGN A . -14.83 -25.97 -19.47
O2S SGN A . -14.08 -26.00 -21.75
O3S SGN A . -14.42 -23.92 -20.60
S2 SGN A . -19.59 -31.83 -20.58
O4S SGN A . -20.96 -32.09 -20.24
O5S SGN A . -19.19 -32.52 -21.78
O6S SGN A . -18.68 -32.06 -19.49
C1 IDS A . -21.05 -28.07 -23.65
C2 IDS A . -21.78 -27.22 -24.71
C3 IDS A . -21.78 -27.94 -26.06
C4 IDS A . -20.34 -28.25 -26.51
C5 IDS A . -19.39 -28.26 -25.30
C6 IDS A . -18.05 -28.95 -25.57
O2 IDS A . -23.12 -27.05 -24.30
O3 IDS A . -22.40 -27.12 -27.03
O4 IDS A . -20.35 -29.54 -27.09
O5 IDS A . -20.05 -28.87 -24.21
O6A IDS A . -17.33 -28.55 -26.46
O6B IDS A . -17.68 -29.89 -24.91
S IDS A . -23.90 -25.71 -24.09
O1S IDS A . -25.12 -26.11 -23.45
O2S IDS A . -23.10 -24.87 -23.24
O3S IDS A . -24.10 -25.17 -25.39
C1 SGN A . -20.84 -29.65 -28.41
C2 SGN A . -21.67 -30.93 -28.56
C3 SGN A . -20.77 -32.16 -28.43
C4 SGN A . -19.61 -32.06 -29.43
C5 SGN A . -18.88 -30.72 -29.19
C6 SGN A . -17.72 -30.45 -30.15
N2 SGN A . -22.75 -30.94 -27.57
O3 SGN A . -21.53 -33.31 -28.75
O4 SGN A . -18.73 -33.14 -29.16
O5 SGN A . -19.79 -29.64 -29.33
O6 SGN A . -18.19 -30.58 -31.47
S1 SGN A . -24.23 -30.39 -27.99
O1S SGN A . -24.19 -28.95 -27.98
O2S SGN A . -24.50 -30.94 -29.29
O3S SGN A . -25.11 -30.90 -26.98
S2 SGN A . -17.70 -29.78 -32.73
O4S SGN A . -16.27 -29.81 -32.74
O5S SGN A . -18.27 -30.51 -33.84
O6S SGN A . -18.25 -28.46 -32.62
C1 IDS A . -17.87 -33.53 -30.19
C2 IDS A . -16.81 -34.48 -29.58
C3 IDS A . -16.25 -35.40 -30.66
C4 IDS A . -17.38 -36.21 -31.33
C5 IDS A . -18.73 -35.50 -31.14
C6 IDS A . -19.82 -35.98 -32.08
O2 IDS A . -15.75 -33.69 -29.07
O3 IDS A . -15.32 -36.30 -30.07
O5 IDS A . -18.54 -34.11 -31.27
O6A IDS A . -20.19 -37.14 -32.06
O6B IDS A . -20.36 -35.24 -32.87
S IDS A . -14.90 -33.94 -27.79
O1S IDS A . -13.82 -33.00 -27.90
O2S IDS A . -15.73 -33.68 -26.65
O3S IDS A . -14.45 -35.30 -27.87
#